data_3LGX
#
_entry.id   3LGX
#
_cell.length_a   174.410
_cell.length_b   174.410
_cell.length_c   176.065
_cell.angle_alpha   90.000
_cell.angle_beta   90.000
_cell.angle_gamma   90.000
#
_symmetry.space_group_name_H-M   'P 41 21 2'
#
loop_
_entity.id
_entity.type
_entity.pdbx_description
1 polymer 'D-alanine--poly(phosphoribitol) ligase subunit 1'
2 non-polymer "ADENOSINE-5'-TRIPHOSPHATE"
3 water water
#
_entity_poly.entity_id   1
_entity_poly.type   'polypeptide(L)'
_entity_poly.pdbx_seq_one_letter_code
;MSLKDMIDSIEQFAQTQADFPVYDCLGERRTYGQLKRDSDSIAAFIDSLALLAKSPVLVFGAQTYDMLATFVALTKSGHA
YIPVDVHSAPERILAIIEIAKPSLIIAIEEFPLTIEGISLVSLSEIESAKLAEMPYERTHSVKGDDNYYIIFTSGTTGQP
KGVQISHDNLLSFTNWMIEDAAFDVPKQPQMLAQPPYSFDLSVMYWAPTLALGGTLFALPKELVADFKQLFTTIAQLPVG
IWTSTPSFADMAMLSDDFCQAKMPALTHFYFDGEELTVSTARKLFERFPSAKIINAYGPTEATVALSAIEITREMVDNYT
RLPIGYPKPDSPTYIIDEDGKELSSGEQGEIIVTGPAVSKGYLNNPEKTAEAFFTFKGQPAYHTGDIGSLTEDNILLYGG
RLDFQIKYAGYRIELEDVSQQLNQSPMVASAVAVPRYNKEHKVQNLLAYIVVKDGVKERFDRELELTKAIKASVKDHMMS
YMMPSKFLYRDSLPLTPNGKIDIKTLINEVNNREGHHHHHH
;
_entity_poly.pdbx_strand_id   A,B,C,D
#
loop_
_chem_comp.id
_chem_comp.type
_chem_comp.name
_chem_comp.formula
ATP non-polymer ADENOSINE-5'-TRIPHOSPHATE 'C10 H16 N5 O13 P3'
#
# COMPACT_ATOMS: atom_id res chain seq x y z
N SER A 2 -9.15 26.54 -15.43
CA SER A 2 -7.99 26.11 -16.29
C SER A 2 -6.68 25.95 -15.52
N LEU A 3 -6.22 24.70 -15.51
CA LEU A 3 -5.09 24.26 -14.74
C LEU A 3 -3.83 24.99 -15.18
N LYS A 4 -3.10 25.53 -14.20
CA LYS A 4 -1.92 26.34 -14.46
C LYS A 4 -0.71 25.59 -13.99
N ASP A 5 -0.91 24.69 -13.03
CA ASP A 5 0.17 23.94 -12.40
C ASP A 5 -0.41 22.79 -11.58
N MET A 6 0.11 21.58 -11.77
CA MET A 6 -0.43 20.41 -11.02
C MET A 6 -0.30 20.49 -9.50
N ILE A 7 0.84 21.01 -9.05
CA ILE A 7 1.08 21.12 -7.64
C ILE A 7 0.10 22.11 -7.04
N ASP A 8 0.05 23.34 -7.58
CA ASP A 8 -0.86 24.40 -7.07
C ASP A 8 -2.25 23.82 -6.74
N SER A 9 -2.75 22.99 -7.67
CA SER A 9 -4.06 22.38 -7.50
C SER A 9 -4.19 21.62 -6.21
N ILE A 10 -3.23 20.73 -5.95
CA ILE A 10 -3.33 19.89 -4.77
C ILE A 10 -3.05 20.67 -3.51
N GLU A 11 -2.20 21.69 -3.62
CA GLU A 11 -1.96 22.67 -2.56
C GLU A 11 -3.28 23.35 -2.15
N GLN A 12 -4.11 23.68 -3.14
CA GLN A 12 -5.40 24.31 -2.92
C GLN A 12 -6.38 23.37 -2.24
N PHE A 13 -6.49 22.14 -2.74
CA PHE A 13 -7.32 21.15 -2.06
C PHE A 13 -6.86 20.87 -0.60
N ALA A 14 -5.60 21.19 -0.29
CA ALA A 14 -5.15 21.07 1.09
C ALA A 14 -5.79 22.13 2.01
N GLN A 15 -5.97 23.37 1.52
CA GLN A 15 -6.69 24.45 2.25
C GLN A 15 -8.17 24.15 2.24
N THR A 16 -8.70 24.09 1.03
CA THR A 16 -10.11 23.98 0.77
C THR A 16 -10.78 22.72 1.33
N GLN A 17 -10.15 21.55 1.19
CA GLN A 17 -10.77 20.27 1.59
C GLN A 17 -9.82 19.31 2.32
N ALA A 18 -9.02 19.85 3.22
CA ALA A 18 -8.00 19.12 3.98
C ALA A 18 -8.37 17.74 4.43
N ASP A 19 -9.63 17.53 4.77
CA ASP A 19 -10.00 16.26 5.37
C ASP A 19 -10.55 15.23 4.41
N PHE A 20 -10.64 15.62 3.14
CA PHE A 20 -11.14 14.73 2.10
C PHE A 20 -10.05 13.73 1.70
N PRO A 21 -10.42 12.46 1.48
CA PRO A 21 -9.39 11.48 1.13
C PRO A 21 -8.88 11.63 -0.32
N VAL A 22 -7.56 11.63 -0.47
CA VAL A 22 -6.90 11.49 -1.75
C VAL A 22 -6.60 10.00 -2.07
N TYR A 23 -6.27 9.20 -1.05
CA TYR A 23 -5.87 7.82 -1.25
C TYR A 23 -6.69 6.82 -0.40
N ASP A 24 -6.95 5.64 -0.96
CA ASP A 24 -7.62 4.58 -0.24
C ASP A 24 -7.10 3.21 -0.69
N CYS A 25 -6.46 2.49 0.23
CA CYS A 25 -6.19 1.08 0.01
C CYS A 25 -7.03 0.33 1.01
N LEU A 26 -8.20 -0.10 0.57
CA LEU A 26 -9.08 -0.99 1.35
C LEU A 26 -9.51 -0.39 2.67
N GLY A 27 -10.04 0.83 2.63
CA GLY A 27 -10.52 1.49 3.83
C GLY A 27 -9.43 2.19 4.63
N GLU A 28 -8.16 1.80 4.43
CA GLU A 28 -7.03 2.56 4.97
C GLU A 28 -6.75 3.81 4.11
N ARG A 29 -6.68 4.98 4.74
CA ARG A 29 -6.89 6.25 4.01
C ARG A 29 -5.91 7.36 4.31
N ARG A 30 -5.69 8.21 3.30
CA ARG A 30 -4.88 9.42 3.45
C ARG A 30 -5.63 10.60 2.84
N THR A 31 -5.39 11.82 3.35
CA THR A 31 -6.20 12.97 3.00
C THR A 31 -5.34 13.99 2.26
N TYR A 32 -6.00 14.96 1.62
CA TYR A 32 -5.30 16.01 0.94
C TYR A 32 -4.45 16.84 1.88
N GLY A 33 -4.96 17.07 3.08
CA GLY A 33 -4.15 17.68 4.13
C GLY A 33 -2.91 16.86 4.44
N GLN A 34 -3.08 15.54 4.50
CA GLN A 34 -1.93 14.67 4.78
C GLN A 34 -0.95 14.63 3.61
N LEU A 35 -1.47 14.66 2.39
CA LEU A 35 -0.62 14.64 1.20
C LEU A 35 0.25 15.87 1.13
N LYS A 36 -0.30 17.04 1.45
CA LYS A 36 0.52 18.23 1.47
C LYS A 36 1.62 18.05 2.51
N ARG A 37 1.21 17.69 3.73
CA ARG A 37 2.12 17.61 4.87
C ARG A 37 3.26 16.63 4.60
N ASP A 38 2.90 15.43 4.15
CA ASP A 38 3.88 14.39 3.85
C ASP A 38 4.77 14.73 2.67
N SER A 39 4.17 15.18 1.57
CA SER A 39 4.97 15.55 0.42
C SER A 39 5.88 16.76 0.70
N ASP A 40 5.45 17.69 1.53
CA ASP A 40 6.31 18.84 1.92
C ASP A 40 7.53 18.31 2.65
N SER A 41 7.27 17.39 3.58
CA SER A 41 8.33 16.85 4.41
C SER A 41 9.30 16.04 3.56
N ILE A 42 8.77 15.23 2.64
CA ILE A 42 9.67 14.49 1.77
C ILE A 42 10.49 15.36 0.83
N ALA A 43 9.90 16.46 0.35
CA ALA A 43 10.62 17.40 -0.51
C ALA A 43 11.83 17.96 0.21
N ALA A 44 11.65 18.37 1.48
CA ALA A 44 12.72 18.94 2.32
C ALA A 44 13.83 17.93 2.47
N PHE A 45 13.43 16.68 2.73
CA PHE A 45 14.32 15.55 2.74
C PHE A 45 15.09 15.50 1.44
N ILE A 46 14.40 15.52 0.31
CA ILE A 46 15.09 15.48 -0.96
C ILE A 46 16.09 16.64 -1.06
N ASP A 47 15.67 17.87 -0.79
CA ASP A 47 16.64 18.97 -0.97
C ASP A 47 17.91 18.77 -0.12
N SER A 48 17.75 18.31 1.13
CA SER A 48 18.88 18.05 2.03
C SER A 48 19.96 17.15 1.44
N LEU A 49 19.59 16.21 0.56
CA LEU A 49 20.55 15.34 -0.14
C LEU A 49 21.54 16.05 -1.08
N ALA A 50 21.25 17.29 -1.47
CA ALA A 50 22.16 18.08 -2.29
C ALA A 50 22.51 17.43 -3.62
N LEU A 51 21.50 16.93 -4.32
CA LEU A 51 21.69 16.32 -5.64
C LEU A 51 21.84 17.38 -6.72
N LEU A 52 22.30 16.93 -7.90
CA LEU A 52 22.38 17.74 -9.10
C LEU A 52 21.00 18.30 -9.42
N ALA A 53 20.91 19.63 -9.55
CA ALA A 53 19.65 20.32 -9.86
C ALA A 53 19.07 19.74 -11.15
N LYS A 54 17.76 19.50 -11.12
CA LYS A 54 16.97 18.97 -12.25
C LYS A 54 17.37 17.56 -12.71
N SER A 55 18.17 16.87 -11.91
CA SER A 55 18.44 15.45 -12.17
C SER A 55 17.21 14.62 -11.83
N PRO A 56 16.97 13.56 -12.61
CA PRO A 56 15.85 12.66 -12.42
C PRO A 56 16.14 11.62 -11.36
N VAL A 57 15.09 11.16 -10.66
CA VAL A 57 15.18 10.22 -9.56
C VAL A 57 14.34 8.98 -9.85
N LEU A 58 14.91 7.80 -9.64
CA LEU A 58 14.24 6.56 -9.96
C LEU A 58 13.43 6.08 -8.77
N VAL A 59 12.13 5.84 -8.97
CA VAL A 59 11.26 5.50 -7.86
C VAL A 59 10.70 4.10 -8.09
N PHE A 60 11.18 3.15 -7.29
CA PHE A 60 10.87 1.74 -7.44
C PHE A 60 9.82 1.28 -6.43
N GLY A 61 8.73 0.71 -6.94
CA GLY A 61 7.64 0.35 -6.05
C GLY A 61 6.42 -0.12 -6.77
N ALA A 62 5.31 -0.20 -6.05
CA ALA A 62 4.06 -0.60 -6.63
C ALA A 62 3.11 0.58 -6.57
N GLN A 63 2.00 0.41 -5.87
CA GLN A 63 0.92 1.37 -5.93
C GLN A 63 0.54 1.98 -4.61
N THR A 64 1.46 1.98 -3.67
CA THR A 64 1.12 2.43 -2.33
C THR A 64 1.11 3.94 -2.31
N TYR A 65 0.40 4.48 -1.32
CA TYR A 65 0.41 5.88 -0.99
C TYR A 65 1.79 6.55 -1.09
N ASP A 66 2.82 5.80 -0.77
CA ASP A 66 4.13 6.41 -0.66
C ASP A 66 4.76 6.74 -2.01
N MET A 67 4.38 5.97 -3.01
CA MET A 67 4.72 6.28 -4.39
C MET A 67 4.22 7.68 -4.73
N LEU A 68 2.93 7.91 -4.54
CA LEU A 68 2.37 9.19 -4.88
C LEU A 68 3.01 10.33 -4.07
N ALA A 69 3.02 10.19 -2.75
CA ALA A 69 3.51 11.24 -1.90
C ALA A 69 4.92 11.59 -2.35
N THR A 70 5.70 10.57 -2.68
CA THR A 70 7.05 10.79 -3.17
C THR A 70 7.09 11.49 -4.54
N PHE A 71 6.24 11.07 -5.47
CA PHE A 71 6.17 11.75 -6.79
C PHE A 71 5.99 13.22 -6.59
N VAL A 72 5.03 13.55 -5.75
CA VAL A 72 4.67 14.94 -5.56
C VAL A 72 5.85 15.70 -4.95
N ALA A 73 6.56 15.08 -3.99
CA ALA A 73 7.77 15.69 -3.44
C ALA A 73 8.88 15.96 -4.45
N LEU A 74 9.07 15.06 -5.39
CA LEU A 74 10.11 15.23 -6.39
C LEU A 74 9.73 16.39 -7.33
N THR A 75 8.44 16.49 -7.63
CA THR A 75 7.94 17.57 -8.41
C THR A 75 8.18 18.87 -7.67
N LYS A 76 7.75 18.94 -6.40
CA LYS A 76 7.92 20.13 -5.56
C LYS A 76 9.37 20.57 -5.51
N SER A 77 10.28 19.61 -5.57
CA SER A 77 11.67 19.90 -5.34
C SER A 77 12.47 19.90 -6.61
N GLY A 78 11.78 20.01 -7.76
CA GLY A 78 12.44 20.09 -9.07
C GLY A 78 13.06 18.84 -9.69
N HIS A 79 12.51 17.67 -9.42
CA HIS A 79 13.11 16.49 -10.03
C HIS A 79 12.09 15.61 -10.72
N ALA A 80 12.31 15.33 -12.00
CA ALA A 80 11.54 14.30 -12.66
C ALA A 80 11.69 12.99 -11.91
N TYR A 81 10.60 12.23 -11.91
CA TYR A 81 10.63 10.89 -11.38
C TYR A 81 10.54 9.86 -12.49
N ILE A 82 11.04 8.66 -12.22
CA ILE A 82 11.07 7.58 -13.18
C ILE A 82 10.39 6.40 -12.52
N PRO A 83 9.09 6.23 -12.72
CA PRO A 83 8.48 5.12 -11.99
C PRO A 83 8.94 3.75 -12.54
N VAL A 84 9.44 2.89 -11.67
CA VAL A 84 9.85 1.56 -12.07
C VAL A 84 9.02 0.64 -11.24
N ASP A 85 8.38 -0.32 -11.88
CA ASP A 85 7.40 -1.12 -11.15
C ASP A 85 8.07 -2.36 -10.53
N VAL A 86 7.50 -2.80 -9.41
CA VAL A 86 8.09 -3.87 -8.59
C VAL A 86 8.26 -5.18 -9.37
N HIS A 87 7.35 -5.44 -10.30
CA HIS A 87 7.40 -6.63 -11.16
C HIS A 87 8.22 -6.48 -12.43
N SER A 88 9.25 -5.64 -12.42
CA SER A 88 10.12 -5.47 -13.59
C SER A 88 11.24 -6.51 -13.63
N ALA A 89 11.56 -6.98 -14.83
CA ALA A 89 12.78 -7.79 -15.00
C ALA A 89 14.00 -7.00 -14.48
N PRO A 90 14.91 -7.64 -13.73
CA PRO A 90 16.07 -6.89 -13.24
C PRO A 90 17.01 -6.34 -14.31
N GLU A 91 17.19 -7.10 -15.37
CA GLU A 91 17.95 -6.62 -16.54
C GLU A 91 17.31 -5.33 -17.09
N ARG A 92 15.98 -5.30 -17.10
CA ARG A 92 15.21 -4.11 -17.45
C ARG A 92 15.51 -2.92 -16.51
N ILE A 93 15.44 -3.16 -15.20
CA ILE A 93 15.80 -2.15 -14.22
C ILE A 93 17.22 -1.68 -14.45
N LEU A 94 18.10 -2.62 -14.80
CA LEU A 94 19.48 -2.26 -15.03
C LEU A 94 19.57 -1.34 -16.22
N ALA A 95 18.79 -1.66 -17.24
CA ALA A 95 18.81 -0.90 -18.50
C ALA A 95 18.40 0.54 -18.25
N ILE A 96 17.32 0.71 -17.51
CA ILE A 96 16.80 2.05 -17.19
C ILE A 96 17.86 2.90 -16.52
N ILE A 97 18.60 2.29 -15.59
CA ILE A 97 19.65 3.00 -14.88
C ILE A 97 20.78 3.37 -15.82
N GLU A 98 21.16 2.45 -16.73
CA GLU A 98 22.27 2.74 -17.66
C GLU A 98 21.84 3.90 -18.57
N ILE A 99 20.58 3.90 -18.99
CA ILE A 99 20.11 4.93 -19.91
C ILE A 99 19.94 6.27 -19.22
N ALA A 100 19.22 6.27 -18.10
CA ALA A 100 18.74 7.51 -17.46
C ALA A 100 19.70 8.25 -16.54
N LYS A 101 20.68 7.53 -15.97
CA LYS A 101 21.63 8.13 -15.04
C LYS A 101 20.91 8.87 -13.91
N PRO A 102 20.12 8.15 -13.12
CA PRO A 102 19.47 8.81 -11.99
C PRO A 102 20.47 9.28 -10.94
N SER A 103 20.21 10.38 -10.26
CA SER A 103 21.11 10.83 -9.22
C SER A 103 20.83 10.11 -7.91
N LEU A 104 19.71 9.40 -7.87
CA LEU A 104 19.19 8.76 -6.66
C LEU A 104 18.22 7.65 -7.03
N ILE A 105 18.08 6.66 -6.15
CA ILE A 105 17.05 5.64 -6.27
C ILE A 105 16.28 5.63 -4.96
N ILE A 106 14.95 5.66 -5.03
CA ILE A 106 14.11 5.56 -3.83
C ILE A 106 13.38 4.24 -3.87
N ALA A 107 13.69 3.37 -2.91
CA ALA A 107 13.14 2.00 -2.87
C ALA A 107 11.91 1.92 -1.99
N ILE A 108 10.78 2.31 -2.55
CA ILE A 108 9.56 2.34 -1.76
C ILE A 108 9.13 0.92 -1.41
N GLU A 109 9.20 0.00 -2.37
CA GLU A 109 9.24 -1.44 -2.06
C GLU A 109 10.70 -1.89 -2.12
N GLU A 110 11.01 -3.07 -1.58
CA GLU A 110 12.42 -3.45 -1.47
C GLU A 110 13.10 -3.68 -2.83
N PHE A 111 14.29 -3.12 -2.97
CA PHE A 111 15.00 -3.06 -4.24
C PHE A 111 15.93 -4.23 -4.39
N PRO A 112 15.73 -5.05 -5.44
CA PRO A 112 16.37 -6.34 -5.55
C PRO A 112 17.71 -6.34 -6.31
N LEU A 113 18.30 -5.17 -6.50
CA LEU A 113 19.65 -5.09 -7.10
C LEU A 113 20.63 -4.36 -6.21
N THR A 114 21.91 -4.59 -6.48
CA THR A 114 22.96 -3.87 -5.76
C THR A 114 23.80 -3.16 -6.78
N ILE A 115 23.76 -1.83 -6.74
CA ILE A 115 24.77 -1.05 -7.44
C ILE A 115 25.39 -0.05 -6.49
N GLU A 116 26.71 -0.09 -6.46
CA GLU A 116 27.48 1.02 -5.89
C GLU A 116 27.42 2.13 -6.93
N GLY A 117 27.61 3.38 -6.49
CA GLY A 117 27.64 4.49 -7.42
C GLY A 117 26.56 5.48 -7.10
N ILE A 118 25.34 4.96 -6.94
CA ILE A 118 24.21 5.84 -6.71
C ILE A 118 23.68 5.63 -5.30
N SER A 119 23.34 6.74 -4.66
CA SER A 119 22.67 6.74 -3.36
C SER A 119 21.35 5.96 -3.43
N LEU A 120 21.07 5.20 -2.37
CA LEU A 120 19.84 4.46 -2.25
C LEU A 120 19.12 4.85 -0.95
N VAL A 121 17.82 5.14 -1.07
CA VAL A 121 17.03 5.61 0.04
C VAL A 121 15.99 4.56 0.37
N SER A 122 15.90 4.17 1.64
CA SER A 122 15.03 3.08 2.04
C SER A 122 13.57 3.51 2.29
N LEU A 123 12.63 2.58 2.19
CA LEU A 123 11.27 2.84 2.67
C LEU A 123 11.20 3.43 4.06
N SER A 124 12.03 2.91 4.96
CA SER A 124 12.01 3.35 6.36
C SER A 124 12.49 4.79 6.48
N GLU A 125 13.41 5.18 5.60
CA GLU A 125 13.88 6.55 5.53
C GLU A 125 12.81 7.53 5.02
N ILE A 126 12.13 7.14 3.96
CA ILE A 126 11.02 7.90 3.44
C ILE A 126 9.93 8.05 4.53
N GLU A 127 9.66 6.97 5.28
CA GLU A 127 8.65 7.04 6.37
C GLU A 127 9.08 8.03 7.46
N SER A 128 10.35 7.95 7.83
CA SER A 128 10.90 8.79 8.89
C SER A 128 10.75 10.24 8.51
N ALA A 129 11.10 10.56 7.27
CA ALA A 129 10.88 11.88 6.71
C ALA A 129 9.42 12.36 6.81
N LYS A 130 8.43 11.52 6.50
CA LYS A 130 7.05 12.05 6.59
C LYS A 130 6.85 12.43 8.04
N LEU A 131 7.11 11.47 8.94
CA LEU A 131 6.91 11.63 10.38
C LEU A 131 7.73 12.77 11.03
N ALA A 132 8.76 13.27 10.36
CA ALA A 132 9.50 14.46 10.88
C ALA A 132 8.71 15.74 10.65
N GLU A 133 7.82 15.71 9.67
CA GLU A 133 6.93 16.83 9.36
C GLU A 133 7.59 18.17 9.10
N MET A 134 8.71 18.17 8.35
CA MET A 134 9.37 19.41 7.95
C MET A 134 8.47 20.18 6.98
N PRO A 135 8.46 21.52 7.09
CA PRO A 135 7.71 22.37 6.17
C PRO A 135 8.44 22.47 4.85
N TYR A 136 7.81 23.09 3.86
CA TYR A 136 8.44 23.26 2.57
C TYR A 136 7.99 24.50 1.81
N GLU A 137 8.94 25.23 1.25
CA GLU A 137 8.65 26.38 0.44
C GLU A 137 9.06 26.08 -0.99
N ARG A 138 8.13 26.11 -1.93
CA ARG A 138 8.51 25.86 -3.32
C ARG A 138 9.37 27.01 -3.83
N THR A 139 10.56 26.69 -4.36
CA THR A 139 11.44 27.71 -4.91
C THR A 139 12.00 27.31 -6.23
N HIS A 140 12.08 26.00 -6.46
CA HIS A 140 12.70 25.44 -7.66
C HIS A 140 11.95 24.17 -8.13
N SER A 141 10.62 24.22 -8.02
CA SER A 141 9.71 23.20 -8.54
C SER A 141 9.86 23.03 -10.04
N VAL A 142 9.56 21.83 -10.54
CA VAL A 142 9.54 21.58 -11.98
C VAL A 142 8.48 22.42 -12.71
N LYS A 143 8.98 23.16 -13.71
CA LYS A 143 8.15 24.10 -14.48
C LYS A 143 8.40 24.04 -15.99
N GLY A 144 7.40 24.55 -16.71
CA GLY A 144 7.47 24.72 -18.16
C GLY A 144 7.89 23.47 -18.87
N ASP A 145 9.02 23.53 -19.57
CA ASP A 145 9.46 22.35 -20.30
C ASP A 145 10.37 21.42 -19.45
N ASP A 146 10.50 21.71 -18.15
CA ASP A 146 11.22 20.81 -17.25
C ASP A 146 10.61 19.42 -17.30
N ASN A 147 11.43 18.40 -17.38
CA ASN A 147 10.94 17.05 -17.19
C ASN A 147 10.16 16.89 -15.85
N TYR A 148 8.96 16.33 -15.96
CA TYR A 148 8.11 16.06 -14.82
C TYR A 148 8.20 14.57 -14.43
N TYR A 149 8.18 13.71 -15.44
CA TYR A 149 8.36 12.29 -15.27
C TYR A 149 8.96 11.74 -16.54
N ILE A 150 9.57 10.58 -16.41
CA ILE A 150 10.14 9.87 -17.53
C ILE A 150 9.66 8.43 -17.43
N ILE A 151 8.89 8.02 -18.42
CA ILE A 151 8.36 6.68 -18.47
C ILE A 151 9.04 5.92 -19.59
N PHE A 152 9.29 4.64 -19.34
CA PHE A 152 10.00 3.81 -20.27
C PHE A 152 9.08 2.89 -21.04
N THR A 153 9.36 2.84 -22.32
CA THR A 153 8.51 2.15 -23.23
C THR A 153 9.37 0.99 -23.64
N SER A 154 8.77 -0.17 -23.92
CA SER A 154 9.58 -1.29 -24.42
C SER A 154 9.89 -1.09 -25.93
N THR A 157 8.57 -3.44 -29.54
CA THR A 157 9.82 -3.27 -30.33
C THR A 157 11.13 -3.86 -29.70
N GLY A 158 11.08 -4.24 -28.42
CA GLY A 158 12.21 -4.94 -27.79
C GLY A 158 13.00 -4.10 -26.79
N GLN A 159 14.05 -3.42 -27.28
CA GLN A 159 14.90 -2.52 -26.46
C GLN A 159 14.08 -1.36 -25.83
N PRO A 160 14.43 -0.94 -24.59
CA PRO A 160 13.69 0.13 -23.90
C PRO A 160 14.10 1.58 -24.22
N LYS A 161 13.11 2.48 -24.29
CA LYS A 161 13.35 3.95 -24.44
C LYS A 161 12.58 4.79 -23.42
N GLY A 162 13.19 5.89 -22.98
CA GLY A 162 12.63 6.74 -21.94
C GLY A 162 12.02 8.04 -22.43
N VAL A 163 10.69 8.06 -22.53
CA VAL A 163 9.98 9.23 -22.96
C VAL A 163 10.00 10.31 -21.85
N GLN A 164 10.41 11.52 -22.20
CA GLN A 164 10.36 12.61 -21.24
C GLN A 164 9.12 13.46 -21.45
N ILE A 165 8.40 13.65 -20.34
CA ILE A 165 7.19 14.39 -20.33
C ILE A 165 7.39 15.57 -19.41
N SER A 166 7.18 16.75 -19.97
CA SER A 166 7.31 18.00 -19.27
C SER A 166 6.05 18.34 -18.47
N HIS A 167 6.17 19.25 -17.52
CA HIS A 167 4.99 19.86 -16.87
C HIS A 167 4.04 20.43 -17.94
N ASP A 168 4.56 21.14 -18.92
CA ASP A 168 3.68 21.63 -20.00
C ASP A 168 2.98 20.50 -20.78
N ASN A 169 3.69 19.39 -21.06
CA ASN A 169 3.07 18.27 -21.76
C ASN A 169 1.88 17.73 -20.96
N LEU A 170 2.13 17.53 -19.66
CA LEU A 170 1.17 16.96 -18.76
C LEU A 170 -0.09 17.84 -18.67
N LEU A 171 0.10 19.15 -18.56
CA LEU A 171 -1.02 20.08 -18.49
C LEU A 171 -1.84 20.13 -19.79
N SER A 172 -1.19 19.99 -20.93
CA SER A 172 -1.97 19.91 -22.16
C SER A 172 -2.91 18.66 -22.18
N PHE A 173 -2.40 17.48 -21.82
CA PHE A 173 -3.25 16.32 -21.61
C PHE A 173 -4.32 16.51 -20.55
N THR A 174 -3.95 17.13 -19.41
CA THR A 174 -4.88 17.12 -18.27
C THR A 174 -6.01 18.15 -18.42
N ASN A 175 -5.71 19.35 -18.90
CA ASN A 175 -6.74 20.32 -19.18
C ASN A 175 -7.78 19.77 -20.20
N TRP A 176 -7.30 19.10 -21.24
CA TRP A 176 -8.20 18.44 -22.16
C TRP A 176 -9.07 17.41 -21.45
N MET A 177 -8.45 16.45 -20.78
CA MET A 177 -9.22 15.39 -20.14
C MET A 177 -10.38 16.02 -19.34
N ILE A 178 -10.07 16.95 -18.45
CA ILE A 178 -11.07 17.44 -17.53
C ILE A 178 -12.13 18.38 -18.17
N GLU A 179 -11.88 18.82 -19.41
CA GLU A 179 -12.87 19.62 -20.13
C GLU A 179 -13.63 18.82 -21.17
N ASP A 180 -13.26 17.56 -21.36
CA ASP A 180 -13.73 16.81 -22.50
C ASP A 180 -15.07 16.14 -22.23
N ALA A 181 -15.95 16.21 -23.22
CA ALA A 181 -17.34 15.80 -23.05
C ALA A 181 -17.47 14.28 -23.12
N ALA A 182 -16.52 13.62 -23.78
CA ALA A 182 -16.51 12.17 -23.77
C ALA A 182 -16.14 11.64 -22.38
N PHE A 183 -15.00 12.05 -21.86
CA PHE A 183 -14.57 11.66 -20.53
C PHE A 183 -15.55 11.99 -19.44
N ASP A 184 -16.11 13.19 -19.49
CA ASP A 184 -17.23 13.59 -18.63
C ASP A 184 -16.91 13.31 -17.16
N VAL A 185 -15.72 13.71 -16.73
CA VAL A 185 -15.22 13.43 -15.39
C VAL A 185 -16.01 14.20 -14.33
N PRO A 186 -16.57 13.49 -13.34
CA PRO A 186 -17.26 14.12 -12.22
C PRO A 186 -16.32 14.79 -11.25
N LYS A 187 -16.85 15.76 -10.49
CA LYS A 187 -16.10 16.41 -9.43
C LYS A 187 -15.73 15.37 -8.40
N GLN A 188 -14.57 15.55 -7.79
CA GLN A 188 -14.04 14.68 -6.73
C GLN A 188 -14.18 13.23 -7.12
N PRO A 189 -13.67 12.89 -8.30
CA PRO A 189 -13.94 11.59 -8.86
C PRO A 189 -13.29 10.48 -8.07
N GLN A 190 -13.88 9.29 -8.15
CA GLN A 190 -13.49 8.22 -7.26
C GLN A 190 -12.95 7.16 -8.18
N MET A 191 -11.63 7.15 -8.31
CA MET A 191 -11.00 6.44 -9.41
C MET A 191 -10.30 5.17 -8.91
N LEU A 192 -10.60 4.07 -9.59
CA LEU A 192 -9.83 2.86 -9.45
C LEU A 192 -8.42 3.11 -10.01
N ALA A 193 -7.40 2.69 -9.25
CA ALA A 193 -5.98 2.90 -9.64
C ALA A 193 -5.18 1.58 -9.86
N GLN A 194 -5.63 0.80 -10.82
CA GLN A 194 -5.09 -0.49 -11.20
C GLN A 194 -3.79 -0.43 -12.00
N PRO A 195 -3.75 0.35 -13.12
CA PRO A 195 -2.54 0.38 -13.91
C PRO A 195 -1.36 0.84 -13.10
N PRO A 196 -0.21 0.17 -13.25
CA PRO A 196 1.03 0.52 -12.55
C PRO A 196 1.55 1.89 -12.96
N TYR A 197 2.26 2.55 -12.06
CA TYR A 197 2.79 3.87 -12.32
C TYR A 197 3.82 3.89 -13.43
N SER A 198 4.28 2.72 -13.86
CA SER A 198 5.39 2.66 -14.80
C SER A 198 4.84 2.62 -16.22
N PHE A 199 3.53 2.66 -16.32
CA PHE A 199 2.78 2.63 -17.56
C PHE A 199 2.07 3.99 -17.59
N ASP A 200 2.21 4.72 -18.68
CA ASP A 200 1.64 6.07 -18.71
C ASP A 200 0.08 6.13 -18.69
N LEU A 201 -0.56 4.98 -18.80
CA LEU A 201 -1.96 4.89 -18.49
C LEU A 201 -2.29 5.22 -17.00
N SER A 202 -1.32 5.08 -16.10
CA SER A 202 -1.54 5.47 -14.69
C SER A 202 -1.91 6.95 -14.61
N VAL A 203 -1.43 7.73 -15.58
CA VAL A 203 -1.67 9.17 -15.58
C VAL A 203 -3.13 9.54 -15.80
N MET A 204 -3.84 8.72 -16.58
CA MET A 204 -5.27 8.89 -16.86
C MET A 204 -6.07 8.80 -15.58
N TYR A 205 -5.49 8.20 -14.52
CA TYR A 205 -6.18 8.26 -13.23
C TYR A 205 -5.56 9.27 -12.28
N TRP A 206 -4.26 9.32 -12.11
CA TRP A 206 -3.81 10.25 -11.08
C TRP A 206 -3.96 11.73 -11.43
N ALA A 207 -3.75 12.09 -12.70
CA ALA A 207 -3.80 13.53 -13.05
C ALA A 207 -5.20 14.16 -12.91
N PRO A 208 -6.22 13.62 -13.59
CA PRO A 208 -7.58 14.16 -13.32
C PRO A 208 -7.98 14.10 -11.84
N THR A 209 -7.71 13.00 -11.17
CA THR A 209 -8.05 12.88 -9.74
C THR A 209 -7.51 14.02 -8.90
N LEU A 210 -6.19 14.23 -8.95
CA LEU A 210 -5.57 15.32 -8.21
C LEU A 210 -6.05 16.68 -8.69
N ALA A 211 -6.26 16.84 -10.00
CA ALA A 211 -6.71 18.15 -10.54
C ALA A 211 -8.14 18.51 -10.09
N LEU A 212 -8.93 17.48 -9.81
CA LEU A 212 -10.31 17.67 -9.39
C LEU A 212 -10.65 17.27 -7.94
N GLY A 213 -9.65 16.85 -7.15
CA GLY A 213 -9.87 16.65 -5.72
C GLY A 213 -10.46 15.30 -5.43
N GLY A 214 -10.28 14.35 -6.33
CA GLY A 214 -10.84 13.02 -6.13
C GLY A 214 -10.09 12.10 -5.15
N THR A 215 -10.35 10.80 -5.30
CA THR A 215 -9.77 9.77 -4.46
C THR A 215 -9.31 8.57 -5.31
N LEU A 216 -8.08 8.15 -5.09
CA LEU A 216 -7.54 6.97 -5.74
C LEU A 216 -7.79 5.73 -4.90
N PHE A 217 -8.19 4.65 -5.55
CA PHE A 217 -8.40 3.36 -4.89
C PHE A 217 -7.38 2.39 -5.45
N ALA A 218 -6.35 2.16 -4.66
CA ALA A 218 -5.25 1.28 -5.04
C ALA A 218 -5.49 -0.13 -4.52
N LEU A 219 -4.75 -1.07 -5.10
CA LEU A 219 -4.74 -2.47 -4.66
C LEU A 219 -3.35 -2.92 -4.18
N PRO A 220 -3.31 -3.82 -3.18
CA PRO A 220 -2.06 -4.44 -2.69
C PRO A 220 -1.34 -5.23 -3.78
N LYS A 221 -0.01 -5.19 -3.77
CA LYS A 221 0.78 -5.90 -4.80
C LYS A 221 0.57 -7.42 -4.77
N GLU A 222 0.45 -7.96 -3.55
CA GLU A 222 0.28 -9.40 -3.37
C GLU A 222 -1.08 -9.91 -3.85
N LEU A 223 -1.96 -9.00 -4.27
CA LEU A 223 -3.29 -9.34 -4.73
C LEU A 223 -3.39 -9.37 -6.26
N VAL A 224 -2.30 -9.03 -6.94
CA VAL A 224 -2.33 -8.71 -8.37
C VAL A 224 -2.10 -9.95 -9.27
N ALA A 225 -1.78 -11.07 -8.63
CA ALA A 225 -1.54 -12.35 -9.31
C ALA A 225 -2.64 -13.39 -9.01
N ASP A 226 -3.42 -13.14 -7.94
CA ASP A 226 -4.56 -13.99 -7.54
C ASP A 226 -5.86 -13.47 -8.18
N PHE A 227 -6.15 -13.96 -9.39
CA PHE A 227 -7.21 -13.41 -10.23
C PHE A 227 -8.63 -13.60 -9.72
N LYS A 228 -8.85 -14.64 -8.92
CA LYS A 228 -10.16 -14.90 -8.29
C LYS A 228 -10.48 -13.80 -7.27
N GLN A 229 -9.56 -13.63 -6.32
CA GLN A 229 -9.72 -12.68 -5.24
C GLN A 229 -9.74 -11.25 -5.73
N LEU A 230 -8.95 -10.96 -6.77
CA LEU A 230 -8.77 -9.60 -7.27
C LEU A 230 -10.08 -8.94 -7.68
N PHE A 231 -10.81 -9.57 -8.57
CA PHE A 231 -12.06 -8.99 -9.05
C PHE A 231 -13.16 -8.96 -8.00
N THR A 232 -13.10 -9.87 -7.03
CA THR A 232 -14.06 -9.87 -5.92
C THR A 232 -13.72 -8.71 -4.99
N THR A 233 -12.43 -8.54 -4.71
CA THR A 233 -11.96 -7.45 -3.85
C THR A 233 -12.29 -6.11 -4.48
N ILE A 234 -11.98 -5.98 -5.78
CA ILE A 234 -12.31 -4.76 -6.52
C ILE A 234 -13.78 -4.39 -6.34
N ALA A 235 -14.66 -5.38 -6.43
CA ALA A 235 -16.11 -5.14 -6.41
C ALA A 235 -16.64 -4.57 -5.09
N GLN A 236 -15.91 -4.79 -4.00
CA GLN A 236 -16.26 -4.23 -2.68
C GLN A 236 -15.95 -2.73 -2.58
N LEU A 237 -15.24 -2.19 -3.58
CA LEU A 237 -14.75 -0.78 -3.56
C LEU A 237 -15.77 0.27 -4.08
N PRO A 238 -15.95 1.38 -3.34
CA PRO A 238 -16.85 2.41 -3.86
C PRO A 238 -16.20 3.23 -4.97
N VAL A 239 -15.93 2.57 -6.11
CA VAL A 239 -15.30 3.24 -7.26
C VAL A 239 -16.32 3.69 -8.33
N GLY A 240 -16.18 4.91 -8.79
CA GLY A 240 -17.07 5.42 -9.82
C GLY A 240 -16.52 5.23 -11.22
N ILE A 241 -15.19 5.29 -11.33
CA ILE A 241 -14.51 5.20 -12.62
C ILE A 241 -13.51 4.06 -12.66
N TRP A 242 -13.58 3.28 -13.73
CA TRP A 242 -12.66 2.18 -14.01
C TRP A 242 -11.77 2.62 -15.15
N THR A 243 -10.46 2.62 -14.91
CA THR A 243 -9.48 2.99 -15.95
C THR A 243 -8.52 1.83 -16.16
N SER A 244 -8.46 1.33 -17.41
CA SER A 244 -7.60 0.19 -17.71
C SER A 244 -7.42 -0.04 -19.20
N THR A 245 -6.64 -1.06 -19.54
CA THR A 245 -6.56 -1.53 -20.91
C THR A 245 -7.80 -2.37 -21.22
N PRO A 246 -8.27 -2.38 -22.48
CA PRO A 246 -9.38 -3.28 -22.83
C PRO A 246 -9.21 -4.73 -22.31
N SER A 247 -8.01 -5.27 -22.42
CA SER A 247 -7.73 -6.62 -21.96
C SER A 247 -8.11 -6.86 -20.50
N PHE A 248 -7.72 -5.92 -19.64
CA PHE A 248 -7.88 -6.17 -18.22
C PHE A 248 -9.36 -6.33 -17.93
N ALA A 249 -10.18 -5.60 -18.69
CA ALA A 249 -11.60 -5.69 -18.54
C ALA A 249 -12.17 -6.97 -19.15
N ASP A 250 -11.48 -7.55 -20.12
CA ASP A 250 -11.89 -8.86 -20.61
C ASP A 250 -11.68 -9.87 -19.49
N MET A 251 -10.51 -9.82 -18.84
CA MET A 251 -10.24 -10.64 -17.65
C MET A 251 -11.30 -10.45 -16.59
N ALA A 252 -11.65 -9.21 -16.29
CA ALA A 252 -12.72 -8.91 -15.34
C ALA A 252 -14.03 -9.60 -15.72
N MET A 253 -14.28 -9.70 -17.02
CA MET A 253 -15.57 -10.20 -17.50
C MET A 253 -15.82 -11.68 -17.13
N LEU A 254 -14.78 -12.37 -16.64
CA LEU A 254 -14.98 -13.74 -16.12
C LEU A 254 -15.66 -13.78 -14.75
N SER A 255 -15.26 -12.88 -13.83
CA SER A 255 -15.90 -12.80 -12.51
C SER A 255 -17.40 -12.57 -12.61
N ASP A 256 -18.14 -13.19 -11.69
CA ASP A 256 -19.60 -13.06 -11.59
C ASP A 256 -19.95 -11.65 -11.11
N ASP A 257 -19.04 -11.10 -10.30
CA ASP A 257 -19.22 -9.84 -9.56
C ASP A 257 -18.88 -8.55 -10.35
N PHE A 258 -18.39 -8.71 -11.57
CA PHE A 258 -18.13 -7.56 -12.38
C PHE A 258 -19.42 -7.11 -13.07
N CYS A 259 -20.38 -6.65 -12.30
CA CYS A 259 -21.66 -6.20 -12.87
C CYS A 259 -22.20 -5.02 -12.09
N GLN A 260 -23.18 -4.33 -12.67
CA GLN A 260 -23.77 -3.17 -12.01
C GLN A 260 -24.34 -3.55 -10.64
N ALA A 261 -24.76 -4.79 -10.51
CA ALA A 261 -25.39 -5.26 -9.29
C ALA A 261 -24.44 -5.14 -8.11
N LYS A 262 -23.23 -5.66 -8.25
CA LYS A 262 -22.27 -5.68 -7.16
C LYS A 262 -21.47 -4.38 -7.08
N MET A 263 -21.47 -3.59 -8.16
CA MET A 263 -20.65 -2.36 -8.22
C MET A 263 -21.55 -1.22 -8.65
N PRO A 264 -22.42 -0.76 -7.74
CA PRO A 264 -23.45 0.19 -8.15
C PRO A 264 -22.97 1.63 -8.31
N ALA A 265 -21.74 1.92 -7.85
CA ALA A 265 -21.19 3.26 -7.99
C ALA A 265 -20.47 3.50 -9.31
N LEU A 266 -20.17 2.43 -10.03
CA LEU A 266 -19.30 2.47 -11.22
C LEU A 266 -20.02 2.93 -12.49
N THR A 267 -19.78 4.16 -12.91
CA THR A 267 -20.53 4.69 -14.04
C THR A 267 -19.72 4.93 -15.32
N HIS A 268 -18.39 4.91 -15.21
CA HIS A 268 -17.53 5.32 -16.30
C HIS A 268 -16.39 4.34 -16.51
N PHE A 269 -16.15 3.98 -17.78
CA PHE A 269 -15.00 3.13 -18.15
C PHE A 269 -14.12 3.93 -19.10
N TYR A 270 -12.84 4.04 -18.75
CA TYR A 270 -11.89 4.76 -19.57
C TYR A 270 -10.90 3.76 -20.11
N PHE A 271 -10.92 3.52 -21.42
CA PHE A 271 -9.96 2.58 -22.01
C PHE A 271 -8.97 3.24 -22.92
N ASP A 272 -7.70 2.86 -22.78
CA ASP A 272 -6.63 3.34 -23.66
C ASP A 272 -5.57 2.24 -23.71
N GLY A 273 -4.75 2.24 -24.76
CA GLY A 273 -3.55 1.40 -24.79
C GLY A 273 -3.50 0.32 -25.86
N GLU A 274 -4.65 -0.26 -26.20
CA GLU A 274 -4.75 -1.23 -27.28
C GLU A 274 -6.13 -1.13 -27.89
N GLU A 275 -6.35 -1.84 -28.97
CA GLU A 275 -7.65 -1.83 -29.56
C GLU A 275 -8.75 -2.23 -28.57
N LEU A 276 -9.75 -1.39 -28.41
CA LEU A 276 -10.99 -1.78 -27.77
C LEU A 276 -11.92 -2.38 -28.82
N THR A 277 -12.36 -3.58 -28.50
CA THR A 277 -12.98 -4.54 -29.42
C THR A 277 -14.46 -4.25 -29.41
N VAL A 278 -15.16 -4.55 -30.50
CA VAL A 278 -16.61 -4.35 -30.51
C VAL A 278 -17.27 -5.22 -29.43
N SER A 279 -16.90 -6.51 -29.35
CA SER A 279 -17.42 -7.46 -28.34
C SER A 279 -17.23 -7.04 -26.91
N THR A 280 -16.02 -6.59 -26.59
CA THR A 280 -15.74 -6.12 -25.23
C THR A 280 -16.76 -5.03 -24.85
N ALA A 281 -17.01 -4.09 -25.76
CA ALA A 281 -17.99 -3.05 -25.49
C ALA A 281 -19.37 -3.67 -25.31
N ARG A 282 -19.68 -4.67 -26.13
CA ARG A 282 -20.95 -5.38 -26.06
C ARG A 282 -21.11 -6.01 -24.69
N LYS A 283 -20.20 -6.90 -24.28
CA LYS A 283 -20.32 -7.56 -22.98
C LYS A 283 -20.40 -6.50 -21.88
N LEU A 284 -19.59 -5.45 -22.01
CA LEU A 284 -19.60 -4.35 -21.03
C LEU A 284 -20.98 -3.73 -20.76
N PHE A 285 -21.69 -3.37 -21.83
CA PHE A 285 -23.03 -2.80 -21.74
C PHE A 285 -24.09 -3.75 -21.18
N GLU A 286 -23.86 -5.07 -21.28
CA GLU A 286 -24.74 -6.06 -20.69
C GLU A 286 -24.53 -6.04 -19.20
N ARG A 287 -23.28 -6.19 -18.79
CA ARG A 287 -22.89 -6.11 -17.39
C ARG A 287 -23.23 -4.77 -16.72
N PHE A 288 -23.23 -3.68 -17.50
CA PHE A 288 -23.44 -2.33 -16.97
C PHE A 288 -24.22 -1.52 -18.01
N PRO A 289 -25.57 -1.58 -17.98
CA PRO A 289 -26.38 -0.99 -19.01
C PRO A 289 -26.30 0.50 -19.05
N SER A 290 -25.97 1.10 -17.90
CA SER A 290 -26.09 2.56 -17.72
C SER A 290 -24.76 3.31 -17.89
N ALA A 291 -23.65 2.60 -17.67
CA ALA A 291 -22.28 3.14 -17.79
C ALA A 291 -21.90 3.79 -19.13
N LYS A 292 -21.15 4.89 -19.07
CA LYS A 292 -20.45 5.47 -20.23
C LYS A 292 -19.14 4.70 -20.53
N ILE A 293 -18.87 4.44 -21.81
CA ILE A 293 -17.64 3.80 -22.25
C ILE A 293 -16.84 4.69 -23.19
N ILE A 294 -15.55 4.85 -22.91
CA ILE A 294 -14.65 5.78 -23.60
C ILE A 294 -13.45 5.06 -24.18
N ASN A 295 -13.27 5.14 -25.49
CA ASN A 295 -12.04 4.64 -26.11
C ASN A 295 -11.16 5.84 -26.29
N ALA A 296 -9.90 5.72 -25.88
CA ALA A 296 -8.97 6.83 -25.94
C ALA A 296 -7.70 6.31 -26.50
N TYR A 297 -6.96 7.18 -27.18
CA TYR A 297 -5.84 6.73 -27.99
C TYR A 297 -4.67 7.65 -27.92
N GLY A 298 -3.50 7.04 -28.02
CA GLY A 298 -2.24 7.74 -28.15
C GLY A 298 -1.10 6.94 -27.60
N PRO A 299 0.10 7.24 -28.12
CA PRO A 299 1.38 6.79 -27.63
C PRO A 299 1.80 7.63 -26.43
N THR A 300 2.74 7.08 -25.67
CA THR A 300 3.32 7.71 -24.51
C THR A 300 4.02 8.97 -24.95
N GLU A 301 4.53 8.93 -26.19
CA GLU A 301 5.28 10.05 -26.73
C GLU A 301 4.43 11.33 -26.94
N ALA A 302 3.11 11.22 -26.88
CA ALA A 302 2.28 12.42 -26.88
C ALA A 302 1.43 12.59 -25.61
N THR A 303 1.92 12.10 -24.47
CA THR A 303 1.24 12.27 -23.19
C THR A 303 -0.08 11.53 -23.05
N VAL A 304 0.01 10.21 -23.08
CA VAL A 304 -1.10 9.34 -22.63
C VAL A 304 -2.19 9.11 -23.68
N ALA A 305 -2.90 10.16 -24.06
CA ALA A 305 -3.92 10.02 -25.12
C ALA A 305 -4.05 11.34 -25.87
N LEU A 306 -4.35 11.26 -27.16
CA LEU A 306 -4.49 12.44 -28.01
C LEU A 306 -5.89 12.52 -28.65
N SER A 307 -6.63 11.42 -28.58
CA SER A 307 -7.99 11.39 -29.06
C SER A 307 -8.84 10.60 -28.10
N ALA A 308 -10.12 10.96 -27.98
CA ALA A 308 -11.06 10.09 -27.28
C ALA A 308 -12.44 10.22 -27.89
N ILE A 309 -13.31 9.28 -27.56
CA ILE A 309 -14.68 9.32 -28.03
C ILE A 309 -15.52 8.38 -27.19
N GLU A 310 -16.76 8.76 -26.95
CA GLU A 310 -17.65 7.86 -26.25
C GLU A 310 -18.23 6.82 -27.20
N ILE A 311 -18.26 5.57 -26.74
CA ILE A 311 -18.75 4.44 -27.51
C ILE A 311 -20.26 4.27 -27.21
N THR A 312 -21.05 4.11 -28.26
CA THR A 312 -22.51 4.04 -28.10
C THR A 312 -23.02 2.65 -28.50
N ARG A 313 -24.26 2.33 -28.10
CA ARG A 313 -24.89 1.12 -28.62
C ARG A 313 -25.08 1.14 -30.14
N GLU A 314 -25.42 2.29 -30.73
CA GLU A 314 -25.51 2.35 -32.20
C GLU A 314 -24.22 1.80 -32.78
N MET A 315 -23.13 2.25 -32.17
CA MET A 315 -21.77 1.91 -32.56
C MET A 315 -21.49 0.41 -32.39
N VAL A 316 -21.92 -0.17 -31.27
CA VAL A 316 -21.77 -1.62 -31.05
C VAL A 316 -22.68 -2.46 -31.98
N ASP A 317 -23.86 -1.92 -32.30
CA ASP A 317 -24.80 -2.59 -33.20
C ASP A 317 -24.38 -2.58 -34.68
N ASN A 318 -23.60 -1.60 -35.12
CA ASN A 318 -23.31 -1.46 -36.55
C ASN A 318 -21.86 -1.63 -36.98
N TYR A 319 -20.95 -0.91 -36.33
CA TYR A 319 -19.53 -0.92 -36.67
C TYR A 319 -18.90 -2.30 -36.58
N THR A 320 -17.85 -2.51 -37.36
CA THR A 320 -17.05 -3.70 -37.22
C THR A 320 -15.72 -3.38 -36.53
N ARG A 321 -15.35 -2.10 -36.53
CA ARG A 321 -14.25 -1.60 -35.69
C ARG A 321 -14.66 -0.31 -35.03
N LEU A 322 -14.25 -0.14 -33.78
CA LEU A 322 -14.60 1.04 -33.01
C LEU A 322 -13.61 2.14 -33.33
N PRO A 323 -14.09 3.38 -33.50
CA PRO A 323 -13.26 4.54 -33.81
C PRO A 323 -12.46 4.94 -32.56
N ILE A 324 -11.38 5.70 -32.78
CA ILE A 324 -10.50 6.12 -31.68
C ILE A 324 -10.61 7.58 -31.30
N GLY A 325 -11.44 8.33 -32.01
CA GLY A 325 -12.07 9.51 -31.41
C GLY A 325 -11.72 10.87 -31.97
N TYR A 326 -12.22 11.91 -31.29
CA TYR A 326 -11.88 13.30 -31.61
C TYR A 326 -10.52 13.67 -31.08
N PRO A 327 -9.62 14.10 -31.99
CA PRO A 327 -8.33 14.66 -31.64
C PRO A 327 -8.52 15.87 -30.76
N LYS A 328 -7.50 16.26 -30.02
CA LYS A 328 -7.72 17.36 -29.11
C LYS A 328 -7.38 18.70 -29.76
N PRO A 329 -8.18 19.72 -29.42
CA PRO A 329 -8.04 21.08 -29.94
C PRO A 329 -6.61 21.57 -30.04
N ASP A 330 -5.75 21.30 -29.04
CA ASP A 330 -4.41 21.91 -29.04
C ASP A 330 -3.36 21.03 -29.68
N SER A 331 -3.80 19.89 -30.22
CA SER A 331 -2.91 18.90 -30.76
C SER A 331 -3.35 18.52 -32.16
N PRO A 332 -3.10 19.42 -33.11
CA PRO A 332 -3.43 19.08 -34.49
C PRO A 332 -2.86 17.71 -34.89
N THR A 333 -3.72 16.89 -35.49
CA THR A 333 -3.36 15.52 -35.86
C THR A 333 -3.52 15.28 -37.35
N TYR A 334 -2.58 14.58 -37.95
CA TYR A 334 -2.61 14.43 -39.40
C TYR A 334 -2.32 13.03 -39.87
N ILE A 335 -2.89 12.71 -41.04
CA ILE A 335 -2.63 11.46 -41.76
C ILE A 335 -1.68 11.73 -42.94
N ILE A 336 -0.61 10.93 -43.06
CA ILE A 336 0.38 11.14 -44.12
C ILE A 336 0.79 9.88 -44.90
N ASP A 337 1.18 10.08 -46.16
CA ASP A 337 1.66 8.98 -46.99
C ASP A 337 3.13 8.79 -46.75
N GLU A 338 3.68 7.76 -47.38
CA GLU A 338 5.09 7.38 -47.21
C GLU A 338 6.14 8.39 -47.69
N ASP A 339 5.71 9.44 -48.40
CA ASP A 339 6.62 10.54 -48.79
C ASP A 339 6.31 11.78 -47.94
N GLY A 340 5.60 11.58 -46.84
CA GLY A 340 5.36 12.64 -45.85
C GLY A 340 4.38 13.73 -46.26
N LYS A 341 3.51 13.45 -47.23
CA LYS A 341 2.53 14.43 -47.68
C LYS A 341 1.20 14.20 -46.97
N GLU A 342 0.57 15.29 -46.60
CA GLU A 342 -0.71 15.27 -45.92
C GLU A 342 -1.84 14.87 -46.86
N LEU A 343 -2.60 13.85 -46.47
CA LEU A 343 -3.75 13.35 -47.23
C LEU A 343 -5.01 14.00 -46.74
N SER A 344 -6.05 13.99 -47.57
CA SER A 344 -7.38 14.47 -47.19
C SER A 344 -8.23 13.32 -46.60
N SER A 345 -9.31 13.70 -45.92
CA SER A 345 -10.15 12.76 -45.18
C SER A 345 -10.41 11.47 -45.95
N GLY A 346 -10.50 10.38 -45.18
CA GLY A 346 -10.86 9.08 -45.74
C GLY A 346 -9.69 8.29 -46.25
N GLU A 347 -8.65 8.96 -46.72
CA GLU A 347 -7.48 8.23 -47.20
C GLU A 347 -6.66 7.65 -46.02
N GLN A 348 -5.92 6.58 -46.28
CA GLN A 348 -5.07 5.93 -45.27
C GLN A 348 -3.61 6.32 -45.28
N GLY A 349 -3.06 6.53 -44.08
CA GLY A 349 -1.63 6.67 -43.88
C GLY A 349 -1.26 6.72 -42.41
N GLU A 350 -0.01 7.08 -42.14
CA GLU A 350 0.49 7.15 -40.78
C GLU A 350 -0.23 8.21 -39.97
N ILE A 351 -0.46 7.94 -38.70
CA ILE A 351 -1.03 8.99 -37.86
C ILE A 351 0.13 9.81 -37.29
N ILE A 352 0.20 11.10 -37.56
CA ILE A 352 1.16 11.89 -36.83
C ILE A 352 0.44 12.96 -36.05
N VAL A 353 1.03 13.28 -34.90
CA VAL A 353 0.50 14.26 -33.93
C VAL A 353 1.56 15.33 -33.69
N THR A 354 1.09 16.53 -33.38
CA THR A 354 1.91 17.74 -33.27
C THR A 354 1.44 18.48 -32.05
N GLY A 355 2.28 19.38 -31.52
CA GLY A 355 1.85 20.34 -30.51
C GLY A 355 2.44 20.20 -29.10
N PRO A 356 1.88 20.97 -28.15
CA PRO A 356 2.42 21.16 -26.79
C PRO A 356 2.41 19.90 -25.90
N ALA A 357 1.94 18.78 -26.43
CA ALA A 357 1.95 17.55 -25.64
C ALA A 357 2.88 16.51 -26.24
N VAL A 358 3.62 16.91 -27.25
CA VAL A 358 4.56 16.05 -27.90
C VAL A 358 5.85 16.11 -27.09
N SER A 359 6.29 14.96 -26.62
CA SER A 359 7.52 14.89 -25.85
C SER A 359 8.72 15.48 -26.60
N LYS A 360 9.60 16.15 -25.89
CA LYS A 360 10.93 16.54 -26.39
C LYS A 360 11.82 15.36 -26.85
N GLY A 361 11.38 14.13 -26.69
CA GLY A 361 12.19 13.01 -27.15
C GLY A 361 12.62 12.00 -26.10
N TYR A 362 13.25 10.92 -26.57
CA TYR A 362 13.80 9.89 -25.69
C TYR A 362 15.05 10.38 -24.98
N LEU A 363 15.19 10.04 -23.71
CA LEU A 363 16.32 10.52 -22.90
C LEU A 363 17.61 9.81 -23.31
N ASN A 364 18.60 10.58 -23.73
CA ASN A 364 19.92 10.02 -24.12
C ASN A 364 19.89 8.96 -25.22
N ASN A 365 18.91 9.04 -26.12
CA ASN A 365 18.86 8.16 -27.30
C ASN A 365 18.60 9.02 -28.56
N PRO A 366 19.63 9.76 -29.02
CA PRO A 366 19.38 10.76 -30.05
C PRO A 366 19.01 10.10 -31.36
N GLU A 367 19.44 8.87 -31.58
CA GLU A 367 19.10 8.13 -32.80
C GLU A 367 17.60 7.84 -32.92
N LYS A 368 17.00 7.31 -31.87
CA LYS A 368 15.61 6.89 -31.94
C LYS A 368 14.75 8.13 -31.93
N THR A 369 15.22 9.15 -31.23
CA THR A 369 14.61 10.45 -31.27
C THR A 369 14.54 11.00 -32.66
N ALA A 370 15.60 10.82 -33.44
CA ALA A 370 15.69 11.48 -34.76
C ALA A 370 14.84 10.75 -35.78
N GLU A 371 14.68 9.44 -35.59
CA GLU A 371 13.74 8.61 -36.34
C GLU A 371 12.27 9.04 -36.15
N ALA A 372 11.88 9.31 -34.90
CA ALA A 372 10.44 9.38 -34.54
C ALA A 372 9.89 10.80 -34.38
N PHE A 373 10.75 11.73 -33.96
CA PHE A 373 10.38 13.12 -33.78
C PHE A 373 10.97 13.99 -34.87
N PHE A 374 10.16 14.94 -35.33
CA PHE A 374 10.50 15.85 -36.42
C PHE A 374 9.61 17.07 -36.34
N THR A 375 9.72 17.97 -37.31
CA THR A 375 8.93 19.22 -37.29
C THR A 375 7.96 19.20 -38.44
N PHE A 376 6.73 19.60 -38.18
CA PHE A 376 5.76 19.57 -39.25
C PHE A 376 4.88 20.79 -39.17
N LYS A 377 4.81 21.54 -40.26
CA LYS A 377 3.95 22.71 -40.29
C LYS A 377 4.43 23.63 -39.13
N GLY A 378 5.73 23.61 -38.86
CA GLY A 378 6.40 24.55 -37.92
C GLY A 378 6.34 24.15 -36.45
N GLN A 379 5.88 22.93 -36.22
CA GLN A 379 5.40 22.56 -34.91
C GLN A 379 6.07 21.20 -34.57
N PRO A 380 6.44 20.95 -33.29
CA PRO A 380 6.99 19.62 -32.88
C PRO A 380 6.05 18.49 -33.22
N ALA A 381 6.54 17.45 -33.85
CA ALA A 381 5.67 16.38 -34.30
C ALA A 381 6.21 14.97 -33.96
N TYR A 382 5.30 13.99 -33.98
CA TYR A 382 5.72 12.63 -33.68
C TYR A 382 5.12 11.59 -34.64
N HIS A 383 5.97 10.69 -35.16
CA HIS A 383 5.48 9.57 -35.98
C HIS A 383 4.89 8.49 -35.08
N THR A 384 3.57 8.27 -35.09
CA THR A 384 2.99 7.27 -34.19
C THR A 384 3.32 5.80 -34.54
N GLY A 385 3.72 5.54 -35.79
CA GLY A 385 3.88 4.17 -36.27
C GLY A 385 2.57 3.48 -36.58
N ASP A 386 1.45 4.16 -36.31
CA ASP A 386 0.12 3.60 -36.55
C ASP A 386 -0.44 4.05 -37.92
N ILE A 387 -1.18 3.17 -38.59
CA ILE A 387 -2.01 3.53 -39.73
C ILE A 387 -3.40 3.83 -39.24
N GLY A 388 -3.97 4.94 -39.73
CA GLY A 388 -5.34 5.34 -39.46
C GLY A 388 -5.91 6.25 -40.54
N SER A 389 -7.04 6.87 -40.26
CA SER A 389 -7.64 7.81 -41.18
C SER A 389 -8.47 8.79 -40.38
N LEU A 390 -8.73 9.95 -40.97
CA LEU A 390 -9.57 10.92 -40.33
C LEU A 390 -10.79 11.15 -41.21
N THR A 391 -11.98 11.20 -40.59
CA THR A 391 -13.24 11.31 -41.31
C THR A 391 -13.53 12.77 -41.55
N GLU A 392 -14.47 13.06 -42.46
CA GLU A 392 -14.89 14.47 -42.69
C GLU A 392 -15.40 15.14 -41.41
N ASP A 393 -16.11 14.40 -40.54
CA ASP A 393 -16.58 15.00 -39.26
C ASP A 393 -15.57 14.88 -38.10
N ASN A 394 -14.33 14.58 -38.49
CA ASN A 394 -13.16 14.73 -37.65
C ASN A 394 -12.91 13.60 -36.65
N ILE A 395 -13.48 12.43 -36.92
CA ILE A 395 -13.26 11.29 -36.03
C ILE A 395 -12.12 10.47 -36.59
N LEU A 396 -11.21 10.08 -35.70
CA LEU A 396 -10.00 9.33 -36.07
C LEU A 396 -10.29 7.83 -36.02
N LEU A 397 -9.79 7.12 -37.04
CA LEU A 397 -10.05 5.70 -37.19
C LEU A 397 -8.75 4.95 -37.18
N TYR A 398 -8.77 3.77 -36.60
CA TYR A 398 -7.56 3.05 -36.33
C TYR A 398 -7.43 1.83 -37.24
N GLY A 399 -6.29 1.75 -37.92
CA GLY A 399 -6.00 0.61 -38.77
C GLY A 399 -5.03 -0.40 -38.21
N GLY A 400 -4.01 0.06 -37.52
CA GLY A 400 -3.05 -0.86 -36.90
C GLY A 400 -1.66 -0.29 -36.97
N ARG A 401 -0.67 -1.13 -36.69
CA ARG A 401 0.71 -0.70 -36.75
C ARG A 401 1.32 -0.92 -38.13
N LEU A 402 2.18 0.01 -38.57
CA LEU A 402 3.03 -0.17 -39.76
C LEU A 402 3.75 -1.51 -39.73
N ASP A 403 4.42 -1.83 -38.62
CA ASP A 403 5.13 -3.09 -38.47
C ASP A 403 4.21 -4.31 -38.69
N PHE A 404 2.88 -4.14 -38.63
CA PHE A 404 1.94 -5.24 -38.92
C PHE A 404 1.09 -5.11 -40.20
N GLN A 405 1.44 -4.17 -41.08
CA GLN A 405 0.90 -4.20 -42.45
C GLN A 405 1.78 -5.18 -43.26
N ILE A 406 1.21 -6.32 -43.66
CA ILE A 406 1.97 -7.35 -44.36
C ILE A 406 1.55 -7.53 -45.82
N LYS A 407 2.43 -8.20 -46.58
CA LYS A 407 2.22 -8.60 -47.98
C LYS A 407 1.97 -10.11 -48.07
N TYR A 408 0.79 -10.48 -48.57
CA TYR A 408 0.36 -11.87 -48.69
C TYR A 408 -0.53 -12.12 -49.92
N ALA A 409 -0.12 -13.09 -50.74
CA ALA A 409 -0.55 -13.17 -52.14
C ALA A 409 -0.47 -11.75 -52.75
N GLY A 410 0.69 -11.11 -52.58
CA GLY A 410 0.95 -9.75 -53.03
C GLY A 410 -0.17 -8.80 -52.68
N TYR A 411 -0.28 -8.48 -51.38
CA TYR A 411 -1.39 -7.66 -50.90
C TYR A 411 -1.01 -6.65 -49.82
N ARG A 412 -2.01 -5.82 -49.47
CA ARG A 412 -1.91 -4.76 -48.47
C ARG A 412 -2.76 -5.15 -47.26
N ILE A 413 -2.37 -6.19 -46.56
CA ILE A 413 -3.16 -6.73 -45.44
C ILE A 413 -2.74 -6.18 -44.09
N GLU A 414 -3.70 -5.59 -43.38
CA GLU A 414 -3.52 -5.22 -41.99
C GLU A 414 -3.96 -6.38 -41.12
N LEU A 415 -3.01 -6.98 -40.41
CA LEU A 415 -3.28 -8.08 -39.49
C LEU A 415 -4.41 -7.81 -38.51
N GLU A 416 -4.34 -6.69 -37.82
CA GLU A 416 -5.43 -6.24 -36.95
C GLU A 416 -6.80 -6.20 -37.63
N ASP A 417 -6.84 -6.18 -38.97
CA ASP A 417 -8.12 -6.30 -39.69
C ASP A 417 -8.66 -7.71 -39.63
N VAL A 418 -7.79 -8.66 -39.96
CA VAL A 418 -8.16 -10.06 -39.92
C VAL A 418 -8.63 -10.38 -38.51
N SER A 419 -7.91 -9.88 -37.51
CA SER A 419 -8.30 -10.07 -36.11
C SER A 419 -9.72 -9.58 -35.80
N GLN A 420 -10.03 -8.34 -36.14
CA GLN A 420 -11.30 -7.75 -35.76
C GLN A 420 -12.44 -8.30 -36.62
N GLN A 421 -12.11 -8.72 -37.82
CA GLN A 421 -13.04 -9.44 -38.64
C GLN A 421 -13.47 -10.74 -37.93
N LEU A 422 -12.50 -11.51 -37.49
CA LEU A 422 -12.75 -12.76 -36.81
C LEU A 422 -13.50 -12.56 -35.49
N ASN A 423 -13.19 -11.46 -34.78
CA ASN A 423 -13.85 -11.08 -33.53
C ASN A 423 -15.34 -10.80 -33.70
N GLN A 424 -15.76 -10.54 -34.93
CA GLN A 424 -17.16 -10.41 -35.23
C GLN A 424 -17.95 -11.71 -34.97
N SER A 425 -17.29 -12.86 -35.01
CA SER A 425 -17.99 -14.14 -34.89
C SER A 425 -18.49 -14.39 -33.47
N PRO A 426 -19.76 -14.84 -33.34
CA PRO A 426 -20.40 -15.02 -32.06
C PRO A 426 -19.70 -16.02 -31.16
N MET A 427 -18.87 -16.89 -31.72
CA MET A 427 -18.28 -17.96 -30.92
C MET A 427 -16.87 -17.58 -30.45
N VAL A 428 -16.39 -16.44 -30.93
CA VAL A 428 -15.06 -15.99 -30.63
C VAL A 428 -15.10 -14.91 -29.56
N ALA A 429 -14.28 -15.09 -28.53
CA ALA A 429 -14.04 -14.04 -27.54
C ALA A 429 -13.00 -13.04 -28.06
N SER A 430 -11.80 -13.56 -28.29
CA SER A 430 -10.65 -12.77 -28.68
C SER A 430 -9.86 -13.52 -29.77
N ALA A 431 -9.55 -12.84 -30.88
CA ALA A 431 -8.82 -13.42 -32.00
C ALA A 431 -7.56 -12.62 -32.37
N VAL A 432 -6.44 -13.30 -32.59
CA VAL A 432 -5.21 -12.64 -33.04
C VAL A 432 -4.65 -13.30 -34.31
N ALA A 433 -4.83 -12.62 -35.44
CA ALA A 433 -4.18 -13.04 -36.68
C ALA A 433 -2.67 -12.75 -36.67
N VAL A 434 -1.92 -13.63 -37.30
CA VAL A 434 -0.48 -13.73 -37.11
C VAL A 434 0.17 -14.30 -38.38
N PRO A 435 1.36 -13.78 -38.75
CA PRO A 435 2.04 -14.25 -39.96
C PRO A 435 3.00 -15.43 -39.73
N ARG A 436 2.95 -16.45 -40.59
CA ARG A 436 3.96 -17.52 -40.61
C ARG A 436 4.95 -17.27 -41.74
N TYR A 437 6.22 -17.19 -41.38
CA TYR A 437 7.29 -16.92 -42.36
C TYR A 437 8.03 -18.19 -42.78
N ASN A 438 8.85 -18.06 -43.83
CA ASN A 438 9.81 -19.08 -44.26
C ASN A 438 11.26 -18.56 -44.10
N LYS A 439 12.19 -19.25 -44.77
CA LYS A 439 13.62 -18.88 -44.74
C LYS A 439 13.91 -17.45 -45.23
N GLU A 440 13.06 -16.93 -46.12
CA GLU A 440 13.31 -15.70 -46.89
C GLU A 440 12.86 -14.35 -46.27
N HIS A 441 12.41 -14.38 -45.01
CA HIS A 441 11.57 -13.30 -44.39
C HIS A 441 10.36 -12.93 -45.27
N LYS A 442 9.72 -13.96 -45.83
CA LYS A 442 8.53 -13.81 -46.68
C LYS A 442 7.34 -14.59 -46.07
N VAL A 443 6.11 -14.17 -46.40
CA VAL A 443 4.89 -14.67 -45.72
C VAL A 443 4.25 -15.91 -46.36
N GLN A 444 4.55 -17.09 -45.81
CA GLN A 444 3.97 -18.33 -46.34
C GLN A 444 2.45 -18.41 -46.15
N ASN A 445 1.97 -18.13 -44.94
CA ASN A 445 0.53 -18.20 -44.65
C ASN A 445 0.08 -17.54 -43.35
N LEU A 446 -1.21 -17.23 -43.33
CA LEU A 446 -1.88 -16.64 -42.19
C LEU A 446 -2.41 -17.70 -41.26
N LEU A 447 -2.25 -17.42 -39.97
CA LEU A 447 -2.87 -18.18 -38.90
C LEU A 447 -3.62 -17.21 -37.96
N ALA A 448 -4.46 -17.76 -37.10
CA ALA A 448 -5.12 -16.97 -36.08
C ALA A 448 -5.08 -17.70 -34.76
N TYR A 449 -4.69 -17.02 -33.70
CA TYR A 449 -4.94 -17.55 -32.37
C TYR A 449 -6.40 -17.28 -32.06
N ILE A 450 -7.08 -18.24 -31.46
CA ILE A 450 -8.48 -18.03 -31.10
C ILE A 450 -8.77 -18.37 -29.64
N VAL A 451 -9.41 -17.45 -28.93
CA VAL A 451 -10.08 -17.79 -27.70
C VAL A 451 -11.58 -17.66 -27.99
N VAL A 452 -12.32 -18.73 -27.71
CA VAL A 452 -13.74 -18.77 -27.98
C VAL A 452 -14.53 -18.38 -26.72
N LYS A 453 -15.82 -18.09 -26.89
CA LYS A 453 -16.69 -17.69 -25.77
C LYS A 453 -17.04 -18.86 -24.85
N ASP A 454 -17.78 -18.56 -23.77
CA ASP A 454 -18.27 -19.57 -22.85
C ASP A 454 -19.32 -20.48 -23.48
N GLY A 455 -19.21 -21.78 -23.16
CA GLY A 455 -20.15 -22.79 -23.65
C GLY A 455 -20.09 -23.01 -25.16
N VAL A 456 -18.88 -22.95 -25.69
CA VAL A 456 -18.67 -23.15 -27.12
C VAL A 456 -17.84 -24.42 -27.28
N LYS A 457 -16.77 -24.51 -26.49
CA LYS A 457 -15.89 -25.68 -26.44
C LYS A 457 -16.69 -27.00 -26.28
N GLU A 458 -17.89 -26.88 -25.70
CA GLU A 458 -18.66 -28.06 -25.30
C GLU A 458 -19.89 -28.31 -26.19
N ARG A 459 -20.12 -27.43 -27.17
CA ARG A 459 -21.10 -27.69 -28.23
C ARG A 459 -20.42 -28.33 -29.47
N PHE A 460 -19.14 -28.68 -29.32
CA PHE A 460 -18.33 -29.17 -30.45
C PHE A 460 -17.44 -30.34 -30.08
N ASP A 461 -17.67 -31.48 -30.75
CA ASP A 461 -16.93 -32.71 -30.51
C ASP A 461 -15.52 -32.65 -31.06
N ARG A 462 -15.32 -31.94 -32.16
CA ARG A 462 -13.96 -31.79 -32.67
C ARG A 462 -13.55 -30.42 -33.22
N GLU A 463 -12.31 -30.06 -32.92
CA GLU A 463 -11.67 -28.82 -33.36
C GLU A 463 -12.03 -28.42 -34.80
N LEU A 464 -12.16 -29.41 -35.67
CA LEU A 464 -12.45 -29.15 -37.06
C LEU A 464 -13.84 -28.58 -37.26
N GLU A 465 -14.83 -29.11 -36.56
CA GLU A 465 -16.21 -28.62 -36.62
C GLU A 465 -16.22 -27.16 -36.17
N LEU A 466 -15.50 -26.91 -35.09
CA LEU A 466 -15.38 -25.59 -34.51
C LEU A 466 -14.79 -24.58 -35.52
N THR A 467 -13.61 -24.88 -36.04
CA THR A 467 -12.97 -24.02 -37.02
C THR A 467 -13.87 -23.68 -38.22
N LYS A 468 -14.44 -24.70 -38.86
CA LYS A 468 -15.36 -24.48 -39.98
C LYS A 468 -16.61 -23.74 -39.57
N ALA A 469 -17.13 -24.02 -38.38
CA ALA A 469 -18.28 -23.30 -37.86
C ALA A 469 -17.96 -21.80 -37.76
N ILE A 470 -16.74 -21.52 -37.25
CA ILE A 470 -16.26 -20.15 -37.08
C ILE A 470 -16.09 -19.48 -38.43
N LYS A 471 -15.42 -20.16 -39.34
CA LYS A 471 -15.20 -19.56 -40.65
C LYS A 471 -16.53 -19.35 -41.36
N ALA A 472 -17.51 -20.18 -41.06
CA ALA A 472 -18.80 -20.06 -41.69
C ALA A 472 -19.53 -18.82 -41.18
N SER A 473 -19.18 -18.37 -39.97
CA SER A 473 -19.90 -17.28 -39.32
C SER A 473 -19.45 -15.90 -39.80
N VAL A 474 -18.33 -15.83 -40.52
CA VAL A 474 -17.91 -14.57 -41.13
C VAL A 474 -17.32 -14.68 -42.53
N LYS A 475 -17.77 -15.65 -43.32
CA LYS A 475 -17.30 -15.76 -44.71
C LYS A 475 -17.98 -14.72 -45.61
N ASP A 476 -19.20 -14.34 -45.23
CA ASP A 476 -19.99 -13.39 -46.01
C ASP A 476 -19.38 -12.00 -45.91
N HIS A 477 -18.62 -11.77 -44.84
CA HIS A 477 -17.90 -10.50 -44.65
C HIS A 477 -16.45 -10.59 -45.16
N MET A 478 -15.69 -11.57 -44.66
CA MET A 478 -14.25 -11.71 -44.95
C MET A 478 -13.91 -12.02 -46.39
N MET A 479 -13.00 -11.21 -46.94
CA MET A 479 -12.38 -11.50 -48.22
C MET A 479 -11.60 -12.82 -48.11
N SER A 480 -11.55 -13.56 -49.21
CA SER A 480 -10.99 -14.91 -49.26
C SER A 480 -9.50 -15.00 -48.95
N TYR A 481 -8.70 -14.06 -49.47
CA TYR A 481 -7.24 -14.02 -49.23
C TYR A 481 -6.90 -13.69 -47.78
N MET A 482 -7.88 -13.19 -47.04
CA MET A 482 -7.68 -12.76 -45.67
C MET A 482 -8.00 -13.84 -44.62
N MET A 483 -8.94 -14.74 -44.93
CA MET A 483 -9.26 -15.86 -44.03
C MET A 483 -8.01 -16.68 -43.76
N PRO A 484 -7.57 -16.75 -42.49
CA PRO A 484 -6.36 -17.53 -42.22
C PRO A 484 -6.66 -19.01 -42.40
N SER A 485 -5.66 -19.82 -42.73
CA SER A 485 -5.94 -21.22 -43.01
C SER A 485 -6.11 -22.05 -41.71
N LYS A 486 -5.21 -21.83 -40.75
CA LYS A 486 -5.11 -22.62 -39.54
C LYS A 486 -5.50 -21.79 -38.29
N PHE A 487 -6.25 -22.41 -37.36
CA PHE A 487 -6.56 -21.77 -36.07
C PHE A 487 -5.83 -22.41 -34.91
N LEU A 488 -5.29 -21.58 -34.02
CA LEU A 488 -4.68 -22.06 -32.78
C LEU A 488 -5.54 -21.69 -31.60
N TYR A 489 -6.19 -22.68 -31.01
CA TYR A 489 -7.05 -22.43 -29.87
C TYR A 489 -6.24 -22.32 -28.61
N ARG A 490 -6.67 -21.40 -27.74
CA ARG A 490 -6.06 -21.17 -26.41
C ARG A 490 -7.18 -20.79 -25.44
N ASP A 491 -6.92 -20.96 -24.15
CA ASP A 491 -7.95 -20.69 -23.13
C ASP A 491 -7.90 -19.22 -22.72
N SER A 492 -6.73 -18.60 -22.96
CA SER A 492 -6.50 -17.17 -22.79
C SER A 492 -5.21 -16.76 -23.56
N LEU A 493 -4.94 -15.45 -23.67
CA LEU A 493 -3.80 -14.98 -24.44
C LEU A 493 -2.75 -14.39 -23.56
N PRO A 494 -1.47 -14.53 -23.91
CA PRO A 494 -0.53 -13.85 -23.02
C PRO A 494 -0.62 -12.31 -23.12
N LEU A 495 -0.37 -11.66 -21.98
CA LEU A 495 -0.41 -10.22 -21.82
C LEU A 495 0.97 -9.67 -21.49
N THR A 496 1.22 -8.43 -21.88
CA THR A 496 2.44 -7.71 -21.45
C THR A 496 2.38 -7.33 -19.97
N PRO A 497 3.52 -6.85 -19.40
CA PRO A 497 3.46 -6.33 -18.02
C PRO A 497 2.42 -5.22 -17.85
N ASN A 498 2.23 -4.42 -18.90
CA ASN A 498 1.28 -3.32 -18.83
C ASN A 498 -0.15 -3.73 -19.06
N GLY A 499 -0.39 -5.00 -19.37
CA GLY A 499 -1.75 -5.53 -19.56
C GLY A 499 -2.36 -5.51 -20.96
N LYS A 500 -1.53 -5.47 -22.00
CA LYS A 500 -2.02 -5.55 -23.37
C LYS A 500 -1.81 -6.96 -23.94
N ILE A 501 -2.60 -7.33 -24.96
CA ILE A 501 -2.40 -8.60 -25.69
C ILE A 501 -1.00 -8.59 -26.30
N ASP A 502 -0.19 -9.60 -25.99
CA ASP A 502 1.22 -9.57 -26.34
C ASP A 502 1.42 -10.02 -27.78
N ILE A 503 1.10 -9.17 -28.75
CA ILE A 503 1.09 -9.59 -30.16
C ILE A 503 2.45 -10.17 -30.59
N LYS A 504 3.53 -9.47 -30.26
CA LYS A 504 4.89 -9.90 -30.62
C LYS A 504 5.24 -11.36 -30.26
N THR A 505 4.98 -11.73 -29.00
CA THR A 505 5.26 -13.07 -28.47
C THR A 505 4.40 -14.10 -29.19
N LEU A 506 3.18 -13.73 -29.53
CA LEU A 506 2.28 -14.59 -30.29
C LEU A 506 2.79 -14.84 -31.71
N ILE A 507 3.33 -13.80 -32.36
CA ILE A 507 3.93 -13.91 -33.69
C ILE A 507 5.15 -14.83 -33.64
N ASN A 508 6.06 -14.56 -32.70
CA ASN A 508 7.27 -15.38 -32.48
C ASN A 508 7.02 -16.88 -32.25
N GLU A 509 5.94 -17.23 -31.54
CA GLU A 509 5.67 -18.63 -31.19
C GLU A 509 5.13 -19.44 -32.35
N VAL A 510 5.27 -18.91 -33.55
CA VAL A 510 4.82 -19.54 -34.77
C VAL A 510 5.96 -19.37 -35.79
N ASN A 511 7.01 -18.67 -35.37
CA ASN A 511 8.18 -18.47 -36.22
C ASN A 511 9.50 -18.72 -35.47
N SER B 2 27.80 -55.18 1.87
CA SER B 2 27.56 -53.85 1.27
C SER B 2 26.08 -53.44 1.41
N LEU B 3 25.71 -52.29 0.88
CA LEU B 3 24.32 -51.84 0.90
C LEU B 3 23.47 -52.72 0.06
N LYS B 4 22.31 -53.05 0.58
CA LYS B 4 21.46 -54.01 -0.08
C LYS B 4 20.15 -53.30 -0.44
N ASP B 5 19.82 -52.28 0.36
CA ASP B 5 18.63 -51.48 0.20
C ASP B 5 18.82 -50.15 0.98
N MET B 6 18.67 -49.04 0.25
CA MET B 6 18.70 -47.71 0.90
C MET B 6 17.73 -47.55 2.08
N ILE B 7 16.50 -48.06 1.96
CA ILE B 7 15.50 -47.87 3.00
C ILE B 7 15.83 -48.74 4.24
N ASP B 8 16.18 -50.01 4.02
CA ASP B 8 16.71 -50.86 5.11
C ASP B 8 17.74 -50.11 5.96
N SER B 9 18.74 -49.48 5.31
CA SER B 9 19.77 -48.72 6.02
C SER B 9 19.23 -47.80 7.08
N ILE B 10 18.24 -47.00 6.71
CA ILE B 10 17.77 -45.96 7.64
C ILE B 10 16.80 -46.54 8.63
N GLU B 11 16.08 -47.56 8.20
CA GLU B 11 15.32 -48.43 9.08
C GLU B 11 16.26 -48.96 10.21
N GLN B 12 17.39 -49.56 9.82
CA GLN B 12 18.43 -49.97 10.79
C GLN B 12 18.90 -48.83 11.71
N PHE B 13 19.22 -47.66 11.16
CA PHE B 13 19.71 -46.57 12.01
C PHE B 13 18.65 -46.07 12.99
N ALA B 14 17.37 -46.21 12.63
CA ALA B 14 16.32 -45.87 13.57
C ALA B 14 16.39 -46.75 14.83
N GLN B 15 16.59 -48.06 14.70
CA GLN B 15 16.79 -48.94 15.89
C GLN B 15 18.10 -48.60 16.60
N THR B 16 19.18 -48.57 15.82
CA THR B 16 20.59 -48.36 16.25
C THR B 16 20.98 -46.99 16.83
N GLN B 17 20.45 -45.89 16.31
CA GLN B 17 20.84 -44.57 16.76
C GLN B 17 19.69 -43.60 16.62
N ALA B 18 18.60 -43.96 17.31
CA ALA B 18 17.31 -43.28 17.21
C ALA B 18 17.36 -41.79 17.48
N ASP B 19 18.35 -41.36 18.26
CA ASP B 19 18.42 -39.98 18.75
C ASP B 19 19.49 -39.13 18.08
N PHE B 20 20.27 -39.75 17.21
CA PHE B 20 21.33 -39.06 16.49
C PHE B 20 20.70 -38.23 15.35
N PRO B 21 21.18 -36.99 15.15
CA PRO B 21 20.51 -36.13 14.17
C PRO B 21 20.70 -36.59 12.71
N VAL B 22 19.61 -36.59 11.93
CA VAL B 22 19.72 -36.86 10.49
C VAL B 22 19.75 -35.56 9.70
N TYR B 23 19.26 -34.48 10.29
CA TYR B 23 19.03 -33.29 9.52
C TYR B 23 19.17 -32.10 10.44
N ASP B 24 19.83 -31.05 9.96
CA ASP B 24 20.00 -29.85 10.75
C ASP B 24 19.77 -28.62 9.89
N CYS B 25 18.85 -27.76 10.31
CA CYS B 25 18.70 -26.47 9.67
C CYS B 25 18.91 -25.34 10.70
N LEU B 26 20.16 -24.90 10.82
CA LEU B 26 20.59 -23.90 11.83
C LEU B 26 20.10 -24.16 13.25
N GLY B 27 20.33 -25.38 13.75
CA GLY B 27 20.01 -25.76 15.14
C GLY B 27 18.75 -26.62 15.29
N GLU B 28 17.72 -26.26 14.53
CA GLU B 28 16.50 -27.05 14.43
C GLU B 28 16.82 -28.43 13.81
N ARG B 29 16.88 -29.46 14.66
CA ARG B 29 17.31 -30.81 14.29
C ARG B 29 16.17 -31.87 14.26
N ARG B 30 16.34 -32.90 13.43
CA ARG B 30 15.47 -34.09 13.46
C ARG B 30 16.32 -35.34 13.56
N THR B 31 15.77 -36.41 14.11
CA THR B 31 16.53 -37.63 14.39
C THR B 31 16.22 -38.79 13.42
N TYR B 32 17.12 -39.78 13.37
CA TYR B 32 16.80 -41.00 12.66
C TYR B 32 15.47 -41.54 13.09
N GLY B 33 15.27 -41.75 14.38
CA GLY B 33 14.01 -42.30 14.86
C GLY B 33 12.81 -41.49 14.41
N GLN B 34 12.93 -40.17 14.42
CA GLN B 34 11.88 -39.29 13.88
C GLN B 34 11.70 -39.43 12.37
N LEU B 35 12.81 -39.63 11.63
CA LEU B 35 12.73 -39.90 10.21
C LEU B 35 11.87 -41.11 9.98
N LYS B 36 12.16 -42.21 10.68
CA LYS B 36 11.38 -43.44 10.49
C LYS B 36 9.88 -43.25 10.70
N ARG B 37 9.53 -42.66 11.83
CA ARG B 37 8.16 -42.46 12.23
C ARG B 37 7.44 -41.52 11.22
N ASP B 38 8.07 -40.38 10.92
CA ASP B 38 7.55 -39.43 9.95
C ASP B 38 7.37 -40.07 8.58
N SER B 39 8.41 -40.71 8.07
CA SER B 39 8.34 -41.34 6.77
C SER B 39 7.37 -42.53 6.72
N ASP B 40 7.30 -43.33 7.78
CA ASP B 40 6.29 -44.39 7.90
C ASP B 40 4.86 -43.80 7.80
N SER B 41 4.63 -42.71 8.50
CA SER B 41 3.34 -42.09 8.51
C SER B 41 3.00 -41.47 7.16
N ILE B 42 3.99 -40.85 6.52
CA ILE B 42 3.69 -40.23 5.23
C ILE B 42 3.46 -41.31 4.19
N ALA B 43 4.18 -42.41 4.31
CA ALA B 43 3.92 -43.57 3.47
C ALA B 43 2.46 -44.01 3.52
N ALA B 44 1.91 -44.18 4.72
CA ALA B 44 0.56 -44.73 4.87
C ALA B 44 -0.46 -43.77 4.27
N PHE B 45 -0.25 -42.49 4.52
CA PHE B 45 -1.00 -41.41 3.92
C PHE B 45 -1.00 -41.51 2.39
N ILE B 46 0.15 -41.85 1.78
CA ILE B 46 0.22 -42.01 0.33
C ILE B 46 -0.56 -43.22 -0.17
N ASP B 47 -0.46 -44.34 0.54
CA ASP B 47 -1.22 -45.53 0.16
C ASP B 47 -2.75 -45.29 0.21
N SER B 48 -3.22 -44.44 1.14
CA SER B 48 -4.65 -44.18 1.28
C SER B 48 -5.23 -43.36 0.12
N LEU B 49 -4.37 -42.78 -0.70
CA LEU B 49 -4.81 -42.06 -1.87
C LEU B 49 -5.08 -42.94 -3.12
N ALA B 50 -4.76 -44.22 -3.10
CA ALA B 50 -5.00 -45.11 -4.25
C ALA B 50 -4.49 -44.54 -5.59
N LEU B 51 -3.19 -44.25 -5.61
CA LEU B 51 -2.53 -43.67 -6.77
C LEU B 51 -2.27 -44.83 -7.70
N LEU B 52 -2.09 -44.55 -8.99
CA LEU B 52 -1.74 -45.61 -9.93
C LEU B 52 -0.48 -46.31 -9.40
N ALA B 53 -0.51 -47.64 -9.28
CA ALA B 53 0.62 -48.36 -8.63
C ALA B 53 1.94 -48.13 -9.38
N LYS B 54 3.00 -47.85 -8.63
CA LYS B 54 4.32 -47.50 -9.23
C LYS B 54 4.28 -46.25 -10.10
N SER B 55 3.37 -45.33 -9.83
CA SER B 55 3.34 -44.07 -10.59
C SER B 55 4.21 -43.06 -9.87
N PRO B 56 4.89 -42.19 -10.65
CA PRO B 56 5.75 -41.15 -10.09
C PRO B 56 4.96 -39.98 -9.52
N VAL B 57 5.55 -39.27 -8.57
CA VAL B 57 4.87 -38.25 -7.82
C VAL B 57 5.83 -37.12 -7.79
N LEU B 58 5.34 -35.94 -8.15
CA LEU B 58 6.15 -34.77 -8.25
C LEU B 58 6.20 -34.12 -6.88
N VAL B 59 7.39 -33.81 -6.41
CA VAL B 59 7.58 -33.19 -5.09
C VAL B 59 8.19 -31.83 -5.34
N PHE B 60 7.47 -30.78 -4.98
CA PHE B 60 7.89 -29.42 -5.24
C PHE B 60 8.34 -28.71 -3.95
N GLY B 61 9.57 -28.22 -3.92
CA GLY B 61 10.08 -27.60 -2.72
C GLY B 61 11.52 -27.13 -2.79
N ALA B 62 12.06 -26.81 -1.63
CA ALA B 62 13.42 -26.38 -1.47
C ALA B 62 14.18 -27.54 -0.81
N GLN B 63 14.75 -27.33 0.36
CA GLN B 63 15.58 -28.34 0.98
C GLN B 63 15.25 -28.57 2.44
N THR B 64 14.00 -28.36 2.81
CA THR B 64 13.59 -28.58 4.19
C THR B 64 13.54 -30.06 4.50
N TYR B 65 13.49 -30.37 5.80
CA TYR B 65 13.35 -31.73 6.29
C TYR B 65 12.20 -32.51 5.60
N ASP B 66 11.02 -31.90 5.40
CA ASP B 66 9.91 -32.63 4.71
C ASP B 66 10.17 -33.06 3.27
N MET B 67 11.12 -32.42 2.57
CA MET B 67 11.46 -32.96 1.23
C MET B 67 12.02 -34.36 1.48
N LEU B 68 12.95 -34.44 2.42
CA LEU B 68 13.57 -35.69 2.75
C LEU B 68 12.56 -36.73 3.20
N ALA B 69 11.77 -36.41 4.23
CA ALA B 69 10.83 -37.40 4.76
C ALA B 69 9.85 -37.83 3.70
N THR B 70 9.46 -36.93 2.80
CA THR B 70 8.55 -37.25 1.72
C THR B 70 9.16 -38.20 0.70
N PHE B 71 10.40 -37.94 0.28
CA PHE B 71 11.05 -38.85 -0.69
C PHE B 71 11.10 -40.21 -0.07
N VAL B 72 11.59 -40.30 1.15
CA VAL B 72 11.66 -41.58 1.83
C VAL B 72 10.27 -42.24 1.88
N ALA B 73 9.27 -41.50 2.33
CA ALA B 73 7.88 -42.03 2.29
C ALA B 73 7.51 -42.61 0.93
N LEU B 74 7.85 -41.91 -0.16
CA LEU B 74 7.46 -42.36 -1.49
C LEU B 74 8.17 -43.65 -1.87
N THR B 75 9.44 -43.73 -1.49
CA THR B 75 10.22 -44.94 -1.71
C THR B 75 9.62 -46.11 -0.96
N LYS B 76 9.23 -45.90 0.29
CA LYS B 76 8.57 -46.94 1.07
C LYS B 76 7.33 -47.51 0.37
N SER B 77 6.53 -46.63 -0.24
CA SER B 77 5.22 -46.95 -0.80
C SER B 77 5.27 -47.20 -2.32
N GLY B 78 6.46 -47.38 -2.85
CA GLY B 78 6.59 -47.86 -4.23
C GLY B 78 6.48 -46.82 -5.30
N HIS B 79 6.61 -45.54 -4.93
CA HIS B 79 6.52 -44.47 -5.93
C HIS B 79 7.85 -43.72 -6.09
N ALA B 80 8.26 -43.52 -7.33
CA ALA B 80 9.46 -42.71 -7.58
C ALA B 80 9.10 -41.27 -7.38
N TYR B 81 10.04 -40.43 -6.91
CA TYR B 81 9.76 -39.01 -6.73
C TYR B 81 10.44 -38.26 -7.85
N ILE B 82 9.77 -37.22 -8.36
CA ILE B 82 10.35 -36.24 -9.27
C ILE B 82 10.61 -34.95 -8.50
N PRO B 83 11.87 -34.67 -8.13
CA PRO B 83 12.14 -33.48 -7.33
C PRO B 83 12.19 -32.25 -8.21
N VAL B 84 11.48 -31.19 -7.79
CA VAL B 84 11.46 -29.94 -8.54
C VAL B 84 11.68 -28.77 -7.61
N ASP B 85 12.65 -27.94 -7.93
CA ASP B 85 13.01 -26.87 -7.05
C ASP B 85 12.05 -25.67 -7.09
N VAL B 86 12.04 -24.94 -5.99
CA VAL B 86 11.19 -23.76 -5.81
C VAL B 86 11.54 -22.58 -6.74
N HIS B 87 12.83 -22.32 -6.96
CA HIS B 87 13.30 -21.27 -7.87
C HIS B 87 13.18 -21.63 -9.33
N SER B 88 12.34 -22.57 -9.64
CA SER B 88 12.32 -23.10 -10.98
C SER B 88 11.29 -22.38 -11.85
N ALA B 89 11.70 -22.04 -13.07
CA ALA B 89 10.83 -21.38 -14.06
C ALA B 89 9.53 -22.16 -14.35
N PRO B 90 8.36 -21.49 -14.17
CA PRO B 90 7.00 -22.00 -14.39
C PRO B 90 6.84 -22.80 -15.66
N GLU B 91 7.50 -22.38 -16.72
CA GLU B 91 7.44 -23.12 -17.98
C GLU B 91 8.06 -24.52 -17.83
N ARG B 92 9.24 -24.61 -17.21
CA ARG B 92 9.85 -25.95 -17.07
C ARG B 92 9.02 -26.87 -16.17
N ILE B 93 8.42 -26.29 -15.13
CA ILE B 93 7.44 -27.04 -14.32
C ILE B 93 6.34 -27.67 -15.17
N LEU B 94 5.83 -26.91 -16.12
CA LEU B 94 4.73 -27.38 -16.92
C LEU B 94 5.20 -28.52 -17.81
N ALA B 95 6.37 -28.31 -18.41
CA ALA B 95 6.97 -29.27 -19.28
C ALA B 95 7.22 -30.56 -18.50
N ILE B 96 7.78 -30.42 -17.31
CA ILE B 96 7.99 -31.56 -16.41
C ILE B 96 6.71 -32.34 -16.17
N ILE B 97 5.60 -31.63 -15.99
CA ILE B 97 4.31 -32.31 -15.81
C ILE B 97 3.85 -33.02 -17.08
N GLU B 98 4.03 -32.37 -18.25
CA GLU B 98 3.62 -32.96 -19.53
C GLU B 98 4.38 -34.22 -19.84
N ILE B 99 5.70 -34.16 -19.66
CA ILE B 99 6.57 -35.29 -19.95
C ILE B 99 6.38 -36.47 -19.00
N ALA B 100 6.23 -36.19 -17.69
CA ALA B 100 6.30 -37.27 -16.69
C ALA B 100 4.94 -37.82 -16.26
N LYS B 101 3.89 -37.08 -16.58
CA LYS B 101 2.51 -37.45 -16.23
C LYS B 101 2.42 -37.92 -14.77
N PRO B 102 2.75 -37.02 -13.83
CA PRO B 102 2.72 -37.44 -12.43
C PRO B 102 1.31 -37.68 -11.95
N SER B 103 1.15 -38.65 -11.07
CA SER B 103 -0.14 -39.02 -10.52
C SER B 103 -0.50 -38.12 -9.38
N LEU B 104 0.46 -37.32 -8.93
CA LEU B 104 0.29 -36.50 -7.76
C LEU B 104 1.33 -35.41 -7.72
N ILE B 105 1.02 -34.36 -6.96
CA ILE B 105 1.92 -33.25 -6.69
C ILE B 105 1.84 -32.92 -5.21
N ILE B 106 3.01 -32.94 -4.57
CA ILE B 106 3.16 -32.64 -3.17
C ILE B 106 3.85 -31.29 -3.12
N ALA B 107 3.16 -30.28 -2.64
CA ALA B 107 3.74 -28.95 -2.62
C ALA B 107 4.31 -28.70 -1.26
N ILE B 108 5.58 -29.00 -1.08
CA ILE B 108 6.18 -28.78 0.22
C ILE B 108 6.39 -27.29 0.41
N GLU B 109 6.80 -26.61 -0.66
CA GLU B 109 6.64 -25.16 -0.70
C GLU B 109 5.37 -24.87 -1.50
N GLU B 110 4.89 -23.64 -1.40
CA GLU B 110 3.65 -23.26 -2.06
C GLU B 110 3.78 -23.32 -3.57
N PHE B 111 2.87 -24.05 -4.21
CA PHE B 111 2.96 -24.36 -5.64
C PHE B 111 2.37 -23.25 -6.50
N PRO B 112 3.18 -22.64 -7.39
CA PRO B 112 2.84 -21.39 -8.09
C PRO B 112 2.03 -21.52 -9.39
N LEU B 113 1.23 -22.58 -9.53
CA LEU B 113 0.38 -22.76 -10.69
C LEU B 113 -0.88 -23.51 -10.28
N THR B 114 -1.94 -23.39 -11.05
CA THR B 114 -3.14 -24.23 -10.85
C THR B 114 -3.41 -25.04 -12.12
N ILE B 115 -3.30 -26.36 -11.99
CA ILE B 115 -3.56 -27.27 -13.11
C ILE B 115 -4.71 -28.21 -12.79
N GLU B 116 -5.51 -28.48 -13.83
CA GLU B 116 -6.72 -29.28 -13.74
C GLU B 116 -6.37 -30.75 -14.01
N GLY B 117 -6.66 -31.62 -13.04
CA GLY B 117 -6.62 -33.08 -13.29
C GLY B 117 -5.71 -33.88 -12.39
N ILE B 118 -4.77 -33.19 -11.73
CA ILE B 118 -3.80 -33.85 -10.85
C ILE B 118 -4.04 -33.38 -9.42
N SER B 119 -4.25 -34.35 -8.53
CA SER B 119 -4.45 -34.05 -7.12
C SER B 119 -3.26 -33.30 -6.54
N LEU B 120 -3.53 -32.48 -5.55
CA LEU B 120 -2.46 -31.73 -4.95
C LEU B 120 -2.55 -31.85 -3.46
N VAL B 121 -1.41 -32.15 -2.85
CA VAL B 121 -1.27 -32.19 -1.41
C VAL B 121 -0.44 -31.00 -0.94
N SER B 122 -0.88 -30.34 0.11
CA SER B 122 -0.21 -29.17 0.59
C SER B 122 0.68 -29.53 1.76
N LEU B 123 1.54 -28.58 2.12
CA LEU B 123 2.38 -28.67 3.29
C LEU B 123 1.57 -29.08 4.51
N SER B 124 0.48 -28.35 4.75
CA SER B 124 -0.35 -28.53 5.93
C SER B 124 -0.86 -29.98 6.05
N GLU B 125 -1.16 -30.58 4.91
CA GLU B 125 -1.60 -31.97 4.86
C GLU B 125 -0.45 -32.96 5.17
N ILE B 126 0.75 -32.70 4.63
CA ILE B 126 1.95 -33.50 4.94
C ILE B 126 2.30 -33.41 6.43
N GLU B 127 2.30 -32.19 6.97
CA GLU B 127 2.59 -32.01 8.40
C GLU B 127 1.60 -32.82 9.22
N SER B 128 0.32 -32.58 8.96
CA SER B 128 -0.74 -33.29 9.64
C SER B 128 -0.55 -34.77 9.63
N ALA B 129 -0.26 -35.32 8.45
CA ALA B 129 0.03 -36.74 8.28
C ALA B 129 1.21 -37.23 9.11
N LYS B 130 2.31 -36.45 9.19
CA LYS B 130 3.41 -36.89 10.07
C LYS B 130 2.88 -36.98 11.48
N LEU B 131 2.17 -35.93 11.89
CA LEU B 131 1.61 -35.83 13.22
C LEU B 131 0.52 -36.84 13.58
N ALA B 132 0.00 -37.60 12.62
CA ALA B 132 -0.91 -38.66 13.02
C ALA B 132 -0.18 -39.95 13.43
N GLU B 133 1.08 -40.11 13.01
CA GLU B 133 1.92 -41.25 13.45
C GLU B 133 1.40 -42.64 13.13
N MET B 134 0.91 -42.81 11.91
CA MET B 134 0.46 -44.08 11.39
C MET B 134 1.64 -45.08 11.28
N PRO B 135 1.41 -46.38 11.54
CA PRO B 135 2.51 -47.32 11.37
C PRO B 135 2.63 -47.61 9.91
N TYR B 136 3.64 -48.39 9.52
CA TYR B 136 3.78 -48.80 8.12
C TYR B 136 4.62 -50.03 7.95
N GLU B 137 4.18 -50.92 7.09
CA GLU B 137 4.87 -52.15 6.86
C GLU B 137 5.03 -52.25 5.37
N ARG B 138 6.27 -52.13 4.94
CA ARG B 138 6.59 -52.09 3.52
C ARG B 138 6.20 -53.40 2.87
N THR B 139 5.48 -53.32 1.75
CA THR B 139 5.01 -54.51 1.05
C THR B 139 5.22 -54.29 -0.42
N HIS B 140 5.32 -53.05 -0.84
CA HIS B 140 5.49 -52.76 -2.26
C HIS B 140 6.45 -51.57 -2.48
N SER B 141 7.51 -51.55 -1.66
CA SER B 141 8.58 -50.55 -1.72
C SER B 141 9.21 -50.55 -3.12
N VAL B 142 9.78 -49.44 -3.56
CA VAL B 142 10.50 -49.50 -4.83
C VAL B 142 11.75 -50.40 -4.69
N LYS B 143 11.86 -51.38 -5.62
CA LYS B 143 12.92 -52.41 -5.66
C LYS B 143 13.57 -52.68 -7.02
N GLY B 144 14.78 -53.21 -6.98
CA GLY B 144 15.56 -53.57 -8.19
C GLY B 144 15.57 -52.49 -9.25
N ASP B 145 14.94 -52.78 -10.37
CA ASP B 145 14.92 -51.87 -11.50
C ASP B 145 13.78 -50.85 -11.45
N ASP B 146 12.96 -50.88 -10.37
CA ASP B 146 11.90 -49.84 -10.18
C ASP B 146 12.58 -48.46 -10.05
N ASN B 147 12.02 -47.46 -10.74
CA ASN B 147 12.43 -46.06 -10.58
C ASN B 147 12.45 -45.56 -9.15
N TYR B 148 13.55 -44.92 -8.74
CA TYR B 148 13.72 -44.32 -7.38
C TYR B 148 13.40 -42.83 -7.45
N TYR B 149 13.98 -42.18 -8.43
CA TYR B 149 13.65 -40.80 -8.69
C TYR B 149 13.82 -40.50 -10.17
N ILE B 150 13.22 -39.42 -10.65
CA ILE B 150 13.44 -39.01 -12.02
C ILE B 150 13.92 -37.60 -11.96
N ILE B 151 15.16 -37.36 -12.38
CA ILE B 151 15.69 -36.00 -12.38
C ILE B 151 15.80 -35.47 -13.79
N PHE B 152 15.47 -34.19 -13.94
CA PHE B 152 15.32 -33.55 -15.23
C PHE B 152 16.49 -32.71 -15.58
N THR B 153 16.90 -32.82 -16.85
CA THR B 153 18.17 -32.32 -17.36
C THR B 153 18.00 -31.33 -18.55
N SER B 154 19.10 -30.76 -19.05
CA SER B 154 19.19 -29.99 -20.32
C SER B 154 20.68 -29.71 -20.66
N GLY B 158 18.39 -26.10 -23.96
CA GLY B 158 17.87 -27.33 -24.58
C GLY B 158 16.51 -27.80 -24.05
N GLN B 159 15.97 -28.84 -24.67
CA GLN B 159 14.68 -29.40 -24.26
C GLN B 159 14.87 -30.24 -22.97
N PRO B 160 13.87 -30.29 -22.06
CA PRO B 160 14.11 -30.98 -20.78
C PRO B 160 13.79 -32.48 -20.84
N LYS B 161 14.71 -33.29 -20.30
CA LYS B 161 14.45 -34.74 -20.23
C LYS B 161 14.63 -35.38 -18.85
N GLY B 162 13.82 -36.40 -18.61
CA GLY B 162 13.69 -36.99 -17.31
C GLY B 162 14.37 -38.33 -17.25
N VAL B 163 15.58 -38.30 -16.65
CA VAL B 163 16.44 -39.43 -16.46
C VAL B 163 15.88 -40.28 -15.36
N GLN B 164 15.62 -41.55 -15.62
CA GLN B 164 15.06 -42.43 -14.60
C GLN B 164 16.15 -43.28 -13.96
N ILE B 165 16.24 -43.21 -12.63
CA ILE B 165 17.30 -43.87 -11.93
C ILE B 165 16.66 -44.86 -10.99
N SER B 166 17.02 -46.12 -11.10
CA SER B 166 16.42 -47.18 -10.25
C SER B 166 17.11 -47.35 -8.89
N HIS B 167 16.49 -48.11 -7.99
CA HIS B 167 17.15 -48.48 -6.73
C HIS B 167 18.51 -49.13 -6.97
N ASP B 168 18.54 -50.06 -7.93
CA ASP B 168 19.77 -50.72 -8.34
C ASP B 168 20.87 -49.73 -8.84
N ASN B 169 20.54 -48.80 -9.77
CA ASN B 169 21.45 -47.71 -10.13
C ASN B 169 21.99 -46.96 -8.89
N LEU B 170 21.08 -46.58 -8.01
CA LEU B 170 21.44 -45.82 -6.84
C LEU B 170 22.43 -46.58 -5.95
N LEU B 171 22.20 -47.89 -5.78
CA LEU B 171 23.09 -48.74 -4.98
C LEU B 171 24.48 -48.91 -5.60
N SER B 172 24.53 -49.04 -6.92
CA SER B 172 25.78 -49.11 -7.58
C SER B 172 26.62 -47.87 -7.24
N PHE B 173 26.03 -46.67 -7.41
CA PHE B 173 26.68 -45.41 -7.08
C PHE B 173 27.05 -45.36 -5.60
N THR B 174 26.08 -45.60 -4.72
CA THR B 174 26.27 -45.39 -3.30
C THR B 174 27.31 -46.37 -2.71
N ASN B 175 27.22 -47.64 -3.10
CA ASN B 175 28.23 -48.65 -2.76
C ASN B 175 29.66 -48.28 -3.21
N TRP B 176 29.81 -47.78 -4.42
CA TRP B 176 31.13 -47.33 -4.79
C TRP B 176 31.54 -46.12 -3.94
N MET B 177 30.73 -45.08 -3.92
CA MET B 177 31.12 -43.89 -3.18
C MET B 177 31.55 -44.20 -1.74
N ILE B 178 30.82 -45.03 -1.00
CA ILE B 178 31.17 -45.19 0.41
C ILE B 178 32.36 -46.15 0.68
N GLU B 179 32.77 -46.90 -0.35
CA GLU B 179 33.95 -47.78 -0.27
C GLU B 179 35.18 -47.20 -0.99
N ASP B 180 35.01 -46.13 -1.76
CA ASP B 180 36.09 -45.53 -2.53
C ASP B 180 37.08 -44.78 -1.63
N ALA B 181 38.36 -44.98 -1.90
CA ALA B 181 39.46 -44.38 -1.16
C ALA B 181 39.66 -42.90 -1.47
N ALA B 182 39.28 -42.44 -2.66
CA ALA B 182 39.38 -41.00 -2.89
C ALA B 182 38.32 -40.21 -2.06
N PHE B 183 37.05 -40.63 -2.05
CA PHE B 183 36.06 -39.91 -1.24
C PHE B 183 36.36 -40.00 0.25
N ASP B 184 36.84 -41.18 0.67
CA ASP B 184 37.24 -41.39 2.04
C ASP B 184 36.12 -40.85 2.96
N VAL B 185 34.89 -41.31 2.73
CA VAL B 185 33.79 -40.85 3.57
C VAL B 185 33.86 -41.41 4.99
N PRO B 186 33.90 -40.52 5.97
CA PRO B 186 33.87 -40.86 7.36
C PRO B 186 32.51 -41.41 7.86
N LYS B 187 32.60 -42.25 8.90
CA LYS B 187 31.45 -42.65 9.71
C LYS B 187 30.62 -41.44 10.06
N GLN B 188 29.31 -41.63 10.12
CA GLN B 188 28.39 -40.58 10.49
C GLN B 188 28.70 -39.19 9.91
N PRO B 189 28.90 -39.11 8.58
CA PRO B 189 29.46 -37.90 8.00
C PRO B 189 28.59 -36.70 8.25
N GLN B 190 29.22 -35.54 8.34
CA GLN B 190 28.50 -34.31 8.62
C GLN B 190 28.50 -33.45 7.35
N MET B 191 27.52 -33.68 6.48
CA MET B 191 27.58 -33.14 5.14
C MET B 191 26.78 -31.86 4.99
N LEU B 192 27.40 -30.80 4.48
CA LEU B 192 26.61 -29.69 3.96
C LEU B 192 25.63 -30.17 2.87
N ALA B 193 24.42 -29.60 2.87
CA ALA B 193 23.36 -29.99 1.93
C ALA B 193 22.97 -28.83 0.99
N GLN B 194 23.93 -28.32 0.22
CA GLN B 194 23.73 -27.11 -0.52
C GLN B 194 23.04 -27.31 -1.87
N PRO B 195 23.55 -28.22 -2.72
CA PRO B 195 22.90 -28.44 -4.03
C PRO B 195 21.42 -28.82 -3.90
N PRO B 196 20.57 -28.27 -4.79
CA PRO B 196 19.13 -28.49 -4.73
C PRO B 196 18.77 -29.93 -5.11
N TYR B 197 17.64 -30.42 -4.59
CA TYR B 197 17.27 -31.79 -4.77
C TYR B 197 16.96 -32.08 -6.22
N SER B 198 16.71 -31.03 -6.99
CA SER B 198 16.32 -31.22 -8.38
C SER B 198 17.54 -31.43 -9.27
N PHE B 199 18.71 -31.35 -8.68
CA PHE B 199 19.96 -31.51 -9.40
C PHE B 199 20.57 -32.79 -8.80
N ASP B 200 21.06 -33.71 -9.63
CA ASP B 200 21.46 -35.02 -9.07
C ASP B 200 22.74 -34.96 -8.21
N LEU B 201 23.43 -33.83 -8.23
CA LEU B 201 24.54 -33.64 -7.30
C LEU B 201 24.07 -33.77 -5.85
N SER B 202 22.79 -33.50 -5.61
CA SER B 202 22.25 -33.60 -4.26
C SER B 202 22.40 -35.01 -3.68
N VAL B 203 22.32 -36.02 -4.53
CA VAL B 203 22.53 -37.39 -4.13
C VAL B 203 23.93 -37.65 -3.55
N MET B 204 24.97 -36.93 -4.03
CA MET B 204 26.34 -37.09 -3.52
C MET B 204 26.40 -36.77 -2.05
N TYR B 205 25.38 -36.08 -1.53
CA TYR B 205 25.26 -35.92 -0.06
C TYR B 205 24.13 -36.71 0.54
N TRP B 206 22.97 -36.78 -0.09
CA TRP B 206 21.97 -37.50 0.72
C TRP B 206 22.21 -39.02 0.79
N ALA B 207 22.75 -39.60 -0.26
CA ALA B 207 22.91 -41.02 -0.33
C ALA B 207 24.00 -41.55 0.66
N PRO B 208 25.27 -41.08 0.51
CA PRO B 208 26.30 -41.47 1.48
C PRO B 208 25.87 -41.19 2.93
N THR B 209 25.22 -40.07 3.14
CA THR B 209 24.82 -39.72 4.47
C THR B 209 23.80 -40.71 5.05
N LEU B 210 22.67 -40.89 4.39
CA LEU B 210 21.72 -41.84 4.94
C LEU B 210 22.34 -43.22 5.11
N ALA B 211 23.30 -43.57 4.27
CA ALA B 211 23.85 -44.89 4.27
C ALA B 211 24.78 -45.14 5.47
N LEU B 212 25.24 -44.06 6.11
CA LEU B 212 26.25 -44.13 7.13
C LEU B 212 25.80 -43.48 8.44
N GLY B 213 24.54 -43.12 8.52
CA GLY B 213 24.02 -42.58 9.75
C GLY B 213 24.53 -41.18 10.03
N GLY B 214 24.82 -40.40 8.99
CA GLY B 214 25.33 -39.06 9.22
C GLY B 214 24.22 -38.03 9.32
N THR B 215 24.61 -36.75 9.17
CA THR B 215 23.70 -35.63 9.32
C THR B 215 23.85 -34.66 8.15
N LEU B 216 22.72 -34.12 7.68
CA LEU B 216 22.77 -33.14 6.61
C LEU B 216 22.58 -31.78 7.18
N PHE B 217 23.26 -30.80 6.60
CA PHE B 217 23.08 -29.45 7.13
C PHE B 217 22.48 -28.59 6.05
N ALA B 218 21.18 -28.37 6.14
CA ALA B 218 20.51 -27.57 5.12
C ALA B 218 20.60 -26.08 5.42
N LEU B 219 20.24 -25.28 4.42
CA LEU B 219 20.15 -23.83 4.52
C LEU B 219 18.73 -23.37 4.16
N PRO B 220 18.24 -22.27 4.76
CA PRO B 220 16.91 -21.74 4.44
C PRO B 220 16.75 -21.20 3.01
N LYS B 221 15.64 -21.56 2.36
CA LYS B 221 15.17 -20.95 1.12
C LYS B 221 15.78 -19.58 0.84
N GLU B 222 15.61 -18.65 1.79
CA GLU B 222 15.74 -17.22 1.50
C GLU B 222 17.18 -16.68 1.58
N LEU B 223 18.12 -17.52 1.98
CA LEU B 223 19.55 -17.20 1.92
C LEU B 223 20.18 -17.39 0.52
N VAL B 224 19.40 -17.91 -0.44
CA VAL B 224 19.89 -18.34 -1.76
C VAL B 224 20.59 -17.24 -2.59
N ALA B 225 20.12 -15.99 -2.50
CA ALA B 225 20.81 -14.85 -3.15
C ALA B 225 21.09 -13.67 -2.17
N ASP B 226 21.76 -13.99 -1.07
CA ASP B 226 22.50 -13.01 -0.28
C ASP B 226 23.85 -13.65 0.06
N PHE B 227 24.76 -13.59 -0.91
CA PHE B 227 26.06 -14.24 -0.85
C PHE B 227 26.89 -13.80 0.35
N LYS B 228 26.93 -12.49 0.57
CA LYS B 228 27.64 -11.95 1.72
C LYS B 228 27.23 -12.71 3.01
N GLN B 229 25.92 -12.85 3.24
CA GLN B 229 25.38 -13.57 4.43
C GLN B 229 25.44 -15.11 4.31
N LEU B 230 25.02 -15.63 3.16
CA LEU B 230 25.10 -17.06 2.85
C LEU B 230 26.38 -17.71 3.39
N PHE B 231 27.54 -17.21 2.97
CA PHE B 231 28.80 -17.84 3.35
C PHE B 231 29.15 -17.65 4.81
N THR B 232 28.77 -16.51 5.37
CA THR B 232 28.96 -16.30 6.79
C THR B 232 28.13 -17.33 7.56
N THR B 233 26.83 -17.38 7.27
CA THR B 233 25.97 -18.38 7.87
C THR B 233 26.59 -19.80 7.80
N ILE B 234 27.18 -20.17 6.66
CA ILE B 234 27.71 -21.53 6.47
C ILE B 234 28.91 -21.79 7.35
N ALA B 235 29.72 -20.74 7.55
CA ALA B 235 30.90 -20.83 8.42
C ALA B 235 30.56 -21.16 9.87
N GLN B 236 29.34 -20.88 10.28
CA GLN B 236 28.87 -21.25 11.62
C GLN B 236 28.52 -22.75 11.77
N LEU B 237 28.32 -23.45 10.66
CA LEU B 237 27.88 -24.85 10.71
C LEU B 237 29.05 -25.80 10.91
N PRO B 238 28.86 -26.85 11.73
CA PRO B 238 29.93 -27.80 12.02
C PRO B 238 30.05 -28.94 10.99
N VAL B 239 30.26 -28.57 9.72
CA VAL B 239 30.30 -29.56 8.64
C VAL B 239 31.70 -30.09 8.42
N GLY B 240 31.81 -31.38 8.08
CA GLY B 240 33.09 -32.01 7.76
C GLY B 240 33.29 -32.06 6.26
N ILE B 241 32.18 -32.10 5.52
CA ILE B 241 32.21 -32.23 4.07
C ILE B 241 31.37 -31.20 3.35
N TRP B 242 31.96 -30.67 2.29
CA TRP B 242 31.34 -29.72 1.40
C TRP B 242 31.18 -30.36 0.00
N THR B 243 29.97 -30.41 -0.53
CA THR B 243 29.74 -30.96 -1.86
C THR B 243 29.13 -29.92 -2.78
N SER B 244 29.86 -29.49 -3.80
CA SER B 244 29.30 -28.45 -4.63
C SER B 244 29.86 -28.52 -6.03
N THR B 245 29.35 -27.68 -6.90
CA THR B 245 29.98 -27.49 -8.18
C THR B 245 31.20 -26.65 -7.82
N PRO B 246 32.29 -26.76 -8.60
CA PRO B 246 33.44 -25.86 -8.47
C PRO B 246 33.04 -24.36 -8.50
N SER B 247 32.09 -23.95 -9.34
CA SER B 247 31.73 -22.53 -9.38
C SER B 247 31.19 -22.06 -8.04
N PHE B 248 30.60 -22.97 -7.27
CA PHE B 248 30.16 -22.60 -5.94
C PHE B 248 31.36 -22.35 -5.01
N ALA B 249 32.34 -23.28 -5.00
CA ALA B 249 33.59 -22.99 -4.27
C ALA B 249 34.19 -21.66 -4.73
N ASP B 250 34.16 -21.38 -6.02
CA ASP B 250 34.71 -20.10 -6.51
C ASP B 250 34.01 -18.91 -5.85
N MET B 251 32.67 -18.94 -5.81
CA MET B 251 31.88 -17.89 -5.16
C MET B 251 32.27 -17.77 -3.69
N ALA B 252 32.60 -18.88 -3.05
CA ALA B 252 32.91 -18.89 -1.63
C ALA B 252 34.28 -18.29 -1.38
N MET B 253 35.10 -18.23 -2.41
CA MET B 253 36.46 -17.78 -2.19
C MET B 253 36.51 -16.26 -1.93
N LEU B 254 35.39 -15.58 -2.17
CA LEU B 254 35.26 -14.16 -1.86
C LEU B 254 35.06 -13.88 -0.37
N SER B 255 34.47 -14.80 0.38
CA SER B 255 34.24 -14.53 1.79
C SER B 255 35.48 -14.80 2.65
N ASP B 256 35.78 -13.88 3.55
CA ASP B 256 36.86 -14.05 4.52
C ASP B 256 36.60 -15.28 5.38
N ASP B 257 35.31 -15.56 5.60
CA ASP B 257 34.86 -16.65 6.47
C ASP B 257 35.06 -18.07 5.91
N PHE B 258 35.45 -18.16 4.64
CA PHE B 258 35.67 -19.43 3.98
C PHE B 258 37.17 -19.75 4.06
N CYS B 259 37.59 -20.29 5.20
CA CYS B 259 38.96 -20.76 5.44
C CYS B 259 39.06 -21.69 6.65
N GLN B 260 40.18 -22.40 6.73
CA GLN B 260 40.48 -23.36 7.80
C GLN B 260 40.26 -22.81 9.24
N ALA B 261 40.48 -21.50 9.43
CA ALA B 261 40.37 -20.88 10.77
C ALA B 261 38.94 -20.66 11.25
N LYS B 262 38.08 -20.22 10.36
CA LYS B 262 36.64 -20.06 10.62
C LYS B 262 35.80 -21.34 10.44
N MET B 263 36.40 -22.43 9.93
CA MET B 263 35.65 -23.63 9.54
C MET B 263 36.47 -24.85 9.90
N PRO B 264 36.71 -25.09 11.21
CA PRO B 264 37.78 -26.00 11.59
C PRO B 264 37.43 -27.48 11.42
N ALA B 265 36.15 -27.78 11.21
CA ALA B 265 35.69 -29.19 11.10
C ALA B 265 35.77 -29.73 9.66
N LEU B 266 36.02 -28.84 8.70
CA LEU B 266 35.89 -29.11 7.26
C LEU B 266 37.13 -29.76 6.72
N THR B 267 36.98 -30.95 6.21
CA THR B 267 38.12 -31.79 5.92
C THR B 267 38.14 -32.30 4.50
N HIS B 268 36.98 -32.26 3.84
CA HIS B 268 36.82 -32.81 2.52
C HIS B 268 36.01 -31.88 1.67
N PHE B 269 36.45 -31.70 0.43
CA PHE B 269 35.64 -31.07 -0.60
C PHE B 269 35.32 -32.07 -1.66
N TYR B 270 34.03 -32.32 -1.95
CA TYR B 270 33.66 -33.16 -3.10
C TYR B 270 33.07 -32.32 -4.25
N PHE B 271 33.74 -32.32 -5.39
CA PHE B 271 33.27 -31.60 -6.56
C PHE B 271 32.88 -32.49 -7.68
N ASP B 272 31.72 -32.16 -8.26
CA ASP B 272 31.17 -32.84 -9.43
C ASP B 272 30.41 -31.78 -10.24
N GLY B 273 30.16 -32.08 -11.51
CA GLY B 273 29.26 -31.27 -12.29
C GLY B 273 29.90 -30.52 -13.41
N GLU B 274 31.10 -29.99 -13.22
CA GLU B 274 31.72 -29.19 -14.30
C GLU B 274 33.24 -29.21 -14.13
N GLU B 275 34.02 -28.69 -15.07
CA GLU B 275 35.48 -28.75 -14.92
C GLU B 275 35.98 -28.16 -13.58
N LEU B 276 36.80 -28.92 -12.87
CA LEU B 276 37.51 -28.39 -11.70
C LEU B 276 38.87 -27.87 -12.18
N THR B 277 38.98 -26.56 -12.08
CA THR B 277 40.05 -25.76 -12.58
C THR B 277 41.27 -25.87 -11.65
N VAL B 278 42.46 -25.78 -12.22
CA VAL B 278 43.71 -25.73 -11.46
C VAL B 278 43.79 -24.59 -10.45
N SER B 279 43.39 -23.37 -10.87
CA SER B 279 43.37 -22.24 -9.97
C SER B 279 42.43 -22.47 -8.85
N THR B 280 41.26 -23.05 -9.13
CA THR B 280 40.29 -23.26 -8.07
C THR B 280 40.95 -24.15 -7.03
N ALA B 281 41.50 -25.26 -7.47
CA ALA B 281 42.11 -26.20 -6.54
C ALA B 281 43.28 -25.53 -5.78
N ARG B 282 44.10 -24.74 -6.48
CA ARG B 282 45.17 -24.00 -5.82
C ARG B 282 44.63 -23.03 -4.77
N LYS B 283 43.60 -22.27 -5.13
CA LYS B 283 43.10 -21.26 -4.20
C LYS B 283 42.48 -21.92 -2.98
N LEU B 284 41.96 -23.13 -3.16
CA LEU B 284 41.40 -23.96 -2.08
C LEU B 284 42.45 -24.47 -1.10
N PHE B 285 43.57 -24.97 -1.61
CA PHE B 285 44.64 -25.39 -0.73
C PHE B 285 45.17 -24.20 0.10
N GLU B 286 45.17 -23.00 -0.48
CA GLU B 286 45.52 -21.78 0.26
C GLU B 286 44.56 -21.52 1.43
N ARG B 287 43.26 -21.67 1.18
CA ARG B 287 42.27 -21.49 2.24
C ARG B 287 42.23 -22.63 3.23
N PHE B 288 42.39 -23.88 2.75
CA PHE B 288 42.30 -25.09 3.59
C PHE B 288 43.48 -26.03 3.29
N PRO B 289 44.65 -25.79 3.91
CA PRO B 289 45.86 -26.59 3.58
C PRO B 289 45.77 -28.05 4.02
N SER B 290 44.81 -28.39 4.88
CA SER B 290 44.74 -29.74 5.39
C SER B 290 43.66 -30.57 4.67
N ALA B 291 42.86 -29.90 3.85
CA ALA B 291 41.68 -30.51 3.23
C ALA B 291 42.02 -31.55 2.16
N LYS B 292 41.10 -32.47 1.94
CA LYS B 292 41.24 -33.37 0.80
C LYS B 292 40.27 -32.85 -0.26
N ILE B 293 40.80 -32.60 -1.45
CA ILE B 293 40.01 -32.18 -2.62
C ILE B 293 39.71 -33.35 -3.57
N ILE B 294 38.42 -33.66 -3.75
CA ILE B 294 38.01 -34.69 -4.68
C ILE B 294 37.33 -34.13 -5.92
N ASN B 295 37.81 -34.55 -7.09
CA ASN B 295 37.13 -34.26 -8.34
C ASN B 295 36.40 -35.53 -8.82
N ALA B 296 35.11 -35.40 -9.04
CA ALA B 296 34.35 -36.52 -9.53
C ALA B 296 33.53 -36.11 -10.79
N TYR B 297 33.28 -37.07 -11.65
CA TYR B 297 32.65 -36.76 -12.90
C TYR B 297 31.54 -37.74 -13.27
N GLY B 298 30.51 -37.17 -13.83
CA GLY B 298 29.45 -38.00 -14.34
C GLY B 298 28.29 -37.25 -14.96
N PRO B 299 27.66 -37.89 -15.93
CA PRO B 299 26.39 -37.48 -16.46
C PRO B 299 25.33 -38.01 -15.52
N THR B 300 24.20 -37.31 -15.48
CA THR B 300 23.06 -37.70 -14.65
C THR B 300 22.56 -39.08 -15.06
N GLU B 301 22.66 -39.37 -16.34
CA GLU B 301 22.29 -40.65 -16.92
C GLU B 301 23.09 -41.87 -16.44
N ALA B 302 24.17 -41.62 -15.68
CA ALA B 302 24.98 -42.71 -15.13
C ALA B 302 25.04 -42.66 -13.60
N THR B 303 24.00 -42.13 -12.99
CA THR B 303 23.87 -42.01 -11.54
C THR B 303 24.99 -41.20 -10.87
N VAL B 304 24.97 -39.89 -11.11
CA VAL B 304 25.73 -38.91 -10.34
C VAL B 304 27.17 -38.82 -10.77
N ALA B 305 27.96 -39.86 -10.50
CA ALA B 305 29.38 -39.85 -10.88
C ALA B 305 29.76 -41.25 -11.26
N LEU B 306 30.64 -41.39 -12.26
CA LEU B 306 31.20 -42.68 -12.63
C LEU B 306 32.74 -42.75 -12.42
N SER B 307 33.37 -41.63 -12.14
CA SER B 307 34.77 -41.68 -11.78
C SER B 307 35.08 -40.71 -10.68
N ALA B 308 36.23 -40.94 -10.01
CA ALA B 308 36.70 -39.93 -9.09
C ALA B 308 38.20 -40.01 -8.79
N ILE B 309 38.77 -38.89 -8.33
CA ILE B 309 40.18 -38.83 -7.98
C ILE B 309 40.48 -37.73 -6.97
N GLU B 310 41.40 -38.02 -6.07
CA GLU B 310 41.85 -37.03 -5.11
C GLU B 310 42.81 -36.06 -5.82
N ILE B 311 42.58 -34.76 -5.72
CA ILE B 311 43.50 -33.78 -6.28
C ILE B 311 44.67 -33.51 -5.31
N THR B 312 45.90 -33.61 -5.79
CA THR B 312 47.09 -33.43 -4.95
C THR B 312 47.89 -32.18 -5.35
N ARG B 313 48.78 -31.75 -4.45
CA ARG B 313 49.63 -30.56 -4.69
C ARG B 313 50.56 -30.76 -5.90
N GLU B 314 51.04 -31.98 -6.13
CA GLU B 314 51.81 -32.31 -7.37
C GLU B 314 50.98 -32.07 -8.64
N MET B 315 49.66 -32.33 -8.53
CA MET B 315 48.74 -32.23 -9.66
C MET B 315 48.51 -30.78 -9.94
N VAL B 316 48.35 -30.00 -8.89
CA VAL B 316 48.14 -28.58 -9.09
C VAL B 316 49.37 -27.91 -9.72
N ASP B 317 50.55 -28.17 -9.17
CA ASP B 317 51.76 -27.51 -9.62
C ASP B 317 52.24 -27.93 -11.00
N ASN B 318 51.85 -29.12 -11.46
CA ASN B 318 52.35 -29.64 -12.72
C ASN B 318 51.34 -29.74 -13.85
N TYR B 319 50.06 -29.97 -13.55
CA TYR B 319 49.11 -30.17 -14.66
C TYR B 319 48.56 -28.87 -15.19
N THR B 320 48.12 -28.90 -16.44
CA THR B 320 47.42 -27.74 -16.99
C THR B 320 45.91 -27.90 -16.82
N ARG B 321 45.45 -29.15 -16.77
CA ARG B 321 44.08 -29.52 -16.50
C ARG B 321 44.05 -30.70 -15.53
N LEU B 322 43.01 -30.76 -14.70
CA LEU B 322 42.90 -31.81 -13.67
C LEU B 322 42.18 -33.05 -14.21
N PRO B 323 42.61 -34.24 -13.81
CA PRO B 323 41.94 -35.41 -14.38
C PRO B 323 40.55 -35.66 -13.69
N ILE B 324 39.72 -36.54 -14.25
CA ILE B 324 38.36 -36.76 -13.70
C ILE B 324 38.19 -38.12 -13.00
N GLY B 325 39.25 -38.94 -13.06
CA GLY B 325 39.47 -39.96 -12.04
C GLY B 325 39.47 -41.42 -12.41
N TYR B 326 39.46 -42.29 -11.41
CA TYR B 326 39.42 -43.75 -11.64
C TYR B 326 37.99 -44.21 -11.88
N PRO B 327 37.74 -44.93 -13.00
CA PRO B 327 36.37 -45.38 -13.19
C PRO B 327 35.99 -46.41 -12.14
N LYS B 328 34.70 -46.62 -12.01
CA LYS B 328 34.20 -47.49 -11.00
C LYS B 328 34.50 -48.93 -11.42
N PRO B 329 34.87 -49.79 -10.44
CA PRO B 329 35.02 -51.23 -10.75
C PRO B 329 33.77 -51.86 -11.41
N ASP B 330 32.55 -51.50 -10.98
CA ASP B 330 31.37 -52.16 -11.54
C ASP B 330 30.82 -51.46 -12.77
N SER B 331 31.42 -50.34 -13.16
CA SER B 331 30.93 -49.55 -14.30
C SER B 331 31.99 -49.29 -15.37
N PRO B 332 32.33 -50.32 -16.15
CA PRO B 332 33.30 -50.26 -17.22
C PRO B 332 33.08 -49.07 -18.15
N THR B 333 34.17 -48.39 -18.48
CA THR B 333 34.20 -47.11 -19.19
C THR B 333 35.25 -47.20 -20.29
N TYR B 334 34.96 -46.59 -21.45
CA TYR B 334 35.73 -46.81 -22.63
C TYR B 334 35.81 -45.53 -23.46
N ILE B 335 36.85 -45.43 -24.30
CA ILE B 335 36.96 -44.37 -25.31
C ILE B 335 36.75 -45.01 -26.70
N ILE B 336 35.82 -44.45 -27.46
CA ILE B 336 35.48 -45.01 -28.77
C ILE B 336 35.58 -43.94 -29.85
N ASP B 337 35.96 -44.36 -31.07
CA ASP B 337 35.96 -43.48 -32.24
C ASP B 337 34.53 -43.28 -32.69
N GLU B 338 34.31 -42.47 -33.75
CA GLU B 338 32.98 -42.25 -34.29
C GLU B 338 32.36 -43.53 -34.88
N ASP B 339 33.18 -44.54 -35.20
CA ASP B 339 32.65 -45.79 -35.71
C ASP B 339 32.13 -46.71 -34.61
N GLY B 340 32.38 -46.32 -33.36
CA GLY B 340 32.06 -47.15 -32.22
C GLY B 340 33.14 -48.13 -31.85
N LYS B 341 34.31 -48.04 -32.49
CA LYS B 341 35.44 -48.92 -32.17
C LYS B 341 36.18 -48.43 -30.91
N GLU B 342 36.37 -49.34 -29.96
CA GLU B 342 37.13 -49.04 -28.72
C GLU B 342 38.55 -48.60 -29.08
N LEU B 343 39.07 -47.58 -28.39
CA LEU B 343 40.38 -47.02 -28.71
C LEU B 343 41.44 -47.40 -27.67
N SER B 344 42.68 -47.06 -27.95
CA SER B 344 43.80 -47.34 -27.05
C SER B 344 44.27 -46.16 -26.17
N SER B 345 44.86 -46.50 -25.02
CA SER B 345 45.58 -45.56 -24.13
C SER B 345 46.04 -44.26 -24.79
N GLY B 346 45.53 -43.15 -24.28
CA GLY B 346 45.98 -41.82 -24.73
C GLY B 346 45.27 -41.29 -25.96
N GLU B 347 44.44 -42.11 -26.57
CA GLU B 347 43.77 -41.65 -27.75
C GLU B 347 42.47 -40.98 -27.35
N GLN B 348 42.17 -39.81 -27.93
CA GLN B 348 40.94 -39.07 -27.66
C GLN B 348 39.78 -39.64 -28.44
N GLY B 349 38.59 -39.64 -27.81
CA GLY B 349 37.35 -40.11 -28.42
C GLY B 349 36.23 -39.94 -27.41
N GLU B 350 35.03 -40.41 -27.73
CA GLU B 350 33.93 -40.24 -26.79
C GLU B 350 34.08 -41.12 -25.55
N ILE B 351 33.74 -40.55 -24.42
CA ILE B 351 33.59 -41.33 -23.22
C ILE B 351 32.24 -42.04 -23.30
N ILE B 352 32.26 -43.35 -23.04
CA ILE B 352 31.03 -44.08 -22.86
C ILE B 352 31.08 -44.98 -21.63
N VAL B 353 29.92 -45.22 -21.05
CA VAL B 353 29.88 -45.85 -19.75
C VAL B 353 28.86 -46.96 -19.88
N THR B 354 29.13 -48.09 -19.24
CA THR B 354 28.26 -49.25 -19.29
C THR B 354 28.05 -49.66 -17.85
N GLY B 355 27.06 -50.51 -17.56
CA GLY B 355 26.97 -51.18 -16.28
C GLY B 355 25.67 -51.00 -15.52
N PRO B 356 25.65 -51.52 -14.31
CA PRO B 356 24.45 -51.45 -13.47
C PRO B 356 24.09 -50.02 -13.01
N ALA B 357 24.92 -49.03 -13.31
CA ALA B 357 24.51 -47.66 -12.92
C ALA B 357 23.95 -46.87 -14.09
N VAL B 358 23.80 -47.55 -15.23
CA VAL B 358 23.27 -46.86 -16.38
C VAL B 358 21.75 -46.77 -16.29
N SER B 359 21.20 -45.63 -16.66
CA SER B 359 19.74 -45.42 -16.61
C SER B 359 19.03 -46.26 -17.64
N LYS B 360 17.82 -46.72 -17.32
CA LYS B 360 16.93 -47.35 -18.29
C LYS B 360 16.54 -46.38 -19.43
N GLY B 361 16.64 -45.06 -19.19
CA GLY B 361 16.50 -44.08 -20.24
C GLY B 361 15.57 -42.95 -19.87
N TYR B 362 15.40 -41.99 -20.77
CA TYR B 362 14.49 -40.83 -20.62
C TYR B 362 13.00 -41.16 -20.55
N LEU B 363 12.31 -40.72 -19.52
CA LEU B 363 10.88 -41.00 -19.39
C LEU B 363 10.08 -40.39 -20.57
N ASN B 364 9.48 -41.26 -21.39
CA ASN B 364 8.69 -40.85 -22.58
C ASN B 364 9.47 -39.93 -23.52
N ASN B 365 10.65 -40.35 -23.95
CA ASN B 365 11.31 -39.68 -25.06
C ASN B 365 12.11 -40.73 -25.82
N PRO B 366 11.41 -41.65 -26.50
CA PRO B 366 12.17 -42.76 -27.10
C PRO B 366 13.28 -42.32 -28.03
N GLU B 367 13.11 -41.20 -28.76
CA GLU B 367 14.07 -40.72 -29.77
C GLU B 367 15.38 -40.18 -29.20
N LYS B 368 15.29 -39.47 -28.08
CA LYS B 368 16.48 -39.12 -27.35
C LYS B 368 17.04 -40.33 -26.59
N THR B 369 16.17 -41.22 -26.10
CA THR B 369 16.69 -42.47 -25.52
C THR B 369 17.55 -43.27 -26.51
N ALA B 370 17.05 -43.48 -27.72
CA ALA B 370 17.73 -44.31 -28.71
C ALA B 370 18.99 -43.65 -29.30
N GLU B 371 19.11 -42.33 -29.19
CA GLU B 371 20.34 -41.65 -29.56
C GLU B 371 21.49 -41.90 -28.56
N ALA B 372 21.15 -42.01 -27.28
CA ALA B 372 22.15 -41.97 -26.25
C ALA B 372 22.37 -43.29 -25.50
N PHE B 373 21.35 -44.14 -25.39
CA PHE B 373 21.57 -45.48 -24.83
C PHE B 373 21.73 -46.56 -25.89
N PHE B 374 22.60 -47.53 -25.63
CA PHE B 374 22.82 -48.63 -26.55
C PHE B 374 23.38 -49.83 -25.81
N THR B 375 23.77 -50.88 -26.54
CA THR B 375 24.40 -52.04 -25.91
C THR B 375 25.85 -52.16 -26.36
N PHE B 376 26.71 -52.57 -25.46
CA PHE B 376 28.11 -52.60 -25.74
C PHE B 376 28.63 -53.69 -24.87
N LYS B 377 29.21 -54.71 -25.51
CA LYS B 377 29.62 -55.93 -24.83
C LYS B 377 28.49 -56.49 -23.99
N GLY B 378 27.28 -56.45 -24.55
CA GLY B 378 26.10 -57.05 -23.92
C GLY B 378 25.77 -56.40 -22.60
N GLN B 379 26.11 -55.11 -22.49
CA GLN B 379 25.71 -54.31 -21.33
C GLN B 379 25.06 -52.95 -21.60
N PRO B 380 24.20 -52.46 -20.69
CA PRO B 380 23.57 -51.19 -21.06
C PRO B 380 24.64 -50.10 -21.16
N ALA B 381 24.51 -49.20 -22.12
CA ALA B 381 25.58 -48.24 -22.32
C ALA B 381 24.99 -46.86 -22.62
N TYR B 382 25.79 -45.83 -22.37
CA TYR B 382 25.39 -44.44 -22.59
C TYR B 382 26.49 -43.63 -23.23
N HIS B 383 26.15 -42.91 -24.29
CA HIS B 383 27.08 -41.93 -24.88
C HIS B 383 27.04 -40.69 -23.98
N THR B 384 28.19 -40.26 -23.46
CA THR B 384 28.22 -39.10 -22.56
C THR B 384 28.02 -37.76 -23.28
N GLY B 385 28.46 -37.66 -24.53
CA GLY B 385 28.60 -36.38 -25.23
C GLY B 385 29.96 -35.73 -25.00
N ASP B 386 30.83 -36.40 -24.21
CA ASP B 386 32.13 -35.84 -23.81
C ASP B 386 33.29 -36.49 -24.54
N ILE B 387 34.26 -35.68 -24.95
CA ILE B 387 35.57 -36.15 -25.44
C ILE B 387 36.50 -36.32 -24.23
N GLY B 388 37.18 -37.45 -24.17
CA GLY B 388 38.27 -37.58 -23.22
C GLY B 388 39.18 -38.72 -23.59
N SER B 389 40.00 -39.13 -22.62
CA SER B 389 40.80 -40.31 -22.81
C SER B 389 41.08 -40.98 -21.49
N LEU B 390 41.49 -42.24 -21.58
CA LEU B 390 41.92 -43.03 -20.46
C LEU B 390 43.45 -43.25 -20.54
N THR B 391 44.20 -42.87 -19.50
CA THR B 391 45.65 -43.07 -19.44
C THR B 391 45.98 -44.54 -19.15
N GLU B 392 47.27 -44.90 -19.32
CA GLU B 392 47.74 -46.23 -19.03
C GLU B 392 47.40 -46.70 -17.63
N ASP B 393 47.41 -45.81 -16.64
CA ASP B 393 47.02 -46.22 -15.28
C ASP B 393 45.49 -46.13 -14.99
N ASN B 394 44.68 -46.13 -16.05
CA ASN B 394 43.24 -46.19 -15.87
C ASN B 394 42.69 -44.90 -15.23
N ILE B 395 43.33 -43.76 -15.46
CA ILE B 395 42.78 -42.49 -15.04
C ILE B 395 42.09 -41.83 -16.26
N LEU B 396 40.85 -41.40 -16.05
CA LEU B 396 40.08 -40.66 -17.07
C LEU B 396 40.47 -39.16 -17.20
N LEU B 397 40.71 -38.73 -18.43
CA LEU B 397 41.08 -37.35 -18.72
C LEU B 397 39.95 -36.68 -19.48
N TYR B 398 39.67 -35.42 -19.18
CA TYR B 398 38.49 -34.75 -19.72
C TYR B 398 38.93 -33.75 -20.74
N GLY B 399 38.29 -33.78 -21.89
CA GLY B 399 38.65 -32.91 -23.00
C GLY B 399 37.63 -31.81 -23.16
N GLY B 400 36.36 -32.19 -23.27
CA GLY B 400 35.27 -31.23 -23.31
C GLY B 400 34.01 -31.81 -23.94
N ARG B 401 32.99 -30.99 -24.14
N ARG B 401 33.02 -30.96 -24.16
CA ARG B 401 31.72 -31.49 -24.66
CA ARG B 401 31.77 -31.38 -24.75
C ARG B 401 31.70 -31.42 -26.20
C ARG B 401 31.92 -31.50 -26.26
N LEU B 402 31.32 -32.55 -26.82
CA LEU B 402 31.19 -32.67 -28.28
C LEU B 402 30.51 -31.41 -28.90
N ASP B 403 29.40 -30.95 -28.29
CA ASP B 403 28.70 -29.73 -28.72
C ASP B 403 29.56 -28.45 -28.64
N PHE B 404 30.61 -28.45 -27.80
CA PHE B 404 31.49 -27.28 -27.71
C PHE B 404 32.75 -27.44 -28.51
N GLN B 405 32.75 -28.37 -29.46
CA GLN B 405 33.90 -28.56 -30.35
C GLN B 405 33.60 -27.85 -31.66
N ILE B 406 34.45 -26.92 -32.03
CA ILE B 406 34.20 -26.11 -33.22
C ILE B 406 35.23 -26.32 -34.30
N LYS B 407 34.89 -25.87 -35.51
CA LYS B 407 35.76 -25.96 -36.67
C LYS B 407 36.27 -24.56 -36.94
N TYR B 408 37.59 -24.38 -36.99
CA TYR B 408 38.16 -23.04 -37.20
C TYR B 408 39.61 -23.11 -37.66
N ALA B 409 39.97 -22.28 -38.65
CA ALA B 409 41.28 -22.34 -39.35
C ALA B 409 41.65 -23.76 -39.77
N GLY B 410 40.63 -24.51 -40.17
CA GLY B 410 40.76 -25.94 -40.50
C GLY B 410 41.28 -26.80 -39.35
N TYR B 411 40.88 -26.46 -38.12
CA TYR B 411 41.19 -27.27 -36.95
C TYR B 411 39.94 -27.60 -36.13
N ARG B 412 39.91 -28.81 -35.61
CA ARG B 412 38.99 -29.17 -34.54
C ARG B 412 39.56 -28.56 -33.26
N ILE B 413 38.76 -27.73 -32.60
CA ILE B 413 39.14 -27.07 -31.34
C ILE B 413 38.08 -27.35 -30.31
N GLU B 414 38.50 -27.77 -29.10
CA GLU B 414 37.60 -27.87 -27.94
C GLU B 414 37.67 -26.54 -27.19
N LEU B 415 36.53 -25.88 -26.99
CA LEU B 415 36.51 -24.56 -26.33
C LEU B 415 37.05 -24.60 -24.88
N GLU B 416 36.78 -25.69 -24.19
CA GLU B 416 37.26 -25.88 -22.83
C GLU B 416 38.79 -25.94 -22.77
N ASP B 417 39.38 -26.48 -23.82
CA ASP B 417 40.83 -26.52 -23.93
C ASP B 417 41.49 -25.14 -24.02
N VAL B 418 40.88 -24.24 -24.79
CA VAL B 418 41.34 -22.84 -24.84
C VAL B 418 41.08 -22.13 -23.49
N SER B 419 39.89 -22.32 -22.95
CA SER B 419 39.54 -21.77 -21.67
C SER B 419 40.58 -22.15 -20.60
N GLN B 420 40.93 -23.44 -20.56
CA GLN B 420 41.85 -23.90 -19.52
C GLN B 420 43.26 -23.44 -19.83
N GLN B 421 43.62 -23.33 -21.10
CA GLN B 421 44.88 -22.71 -21.45
C GLN B 421 45.02 -21.29 -20.83
N LEU B 422 44.05 -20.42 -21.07
CA LEU B 422 44.04 -19.11 -20.44
C LEU B 422 43.99 -19.11 -18.89
N ASN B 423 43.48 -20.18 -18.29
CA ASN B 423 43.28 -20.23 -16.83
C ASN B 423 44.61 -20.37 -16.11
N GLN B 424 45.60 -20.80 -16.87
CA GLN B 424 46.97 -20.90 -16.45
C GLN B 424 47.61 -19.55 -16.13
N SER B 425 46.96 -18.44 -16.52
CA SER B 425 47.60 -17.14 -16.41
C SER B 425 47.47 -16.66 -15.00
N PRO B 426 48.64 -16.29 -14.40
CA PRO B 426 48.70 -15.92 -12.99
C PRO B 426 47.72 -14.82 -12.69
N MET B 427 47.17 -14.18 -13.74
CA MET B 427 46.30 -13.01 -13.59
C MET B 427 44.82 -13.33 -13.78
N VAL B 428 44.53 -14.56 -14.21
CA VAL B 428 43.14 -14.97 -14.53
C VAL B 428 42.44 -15.84 -13.47
N ALA B 429 41.37 -15.34 -12.90
CA ALA B 429 40.49 -16.21 -12.09
C ALA B 429 39.75 -17.23 -12.95
N SER B 430 39.11 -16.76 -14.01
CA SER B 430 38.20 -17.60 -14.76
C SER B 430 38.11 -17.06 -16.19
N ALA B 431 38.09 -17.97 -17.16
CA ALA B 431 38.05 -17.57 -18.55
C ALA B 431 37.13 -18.49 -19.28
N VAL B 432 36.28 -17.95 -20.16
CA VAL B 432 35.48 -18.78 -21.04
C VAL B 432 35.65 -18.43 -22.53
N ALA B 433 36.35 -19.33 -23.23
CA ALA B 433 36.60 -19.17 -24.66
C ALA B 433 35.30 -19.41 -25.35
N VAL B 434 35.04 -18.66 -26.41
CA VAL B 434 33.70 -18.58 -26.99
C VAL B 434 33.72 -18.26 -28.51
N PRO B 435 32.83 -18.90 -29.29
CA PRO B 435 32.89 -18.74 -30.74
C PRO B 435 32.01 -17.60 -31.24
N ARG B 436 32.50 -16.85 -32.24
CA ARG B 436 31.67 -15.86 -32.94
C ARG B 436 31.31 -16.38 -34.32
N TYR B 437 30.04 -16.66 -34.51
CA TYR B 437 29.52 -17.15 -35.79
C TYR B 437 29.16 -16.02 -36.81
N ASN B 438 29.18 -16.39 -38.10
CA ASN B 438 28.78 -15.52 -39.22
C ASN B 438 27.36 -15.85 -39.64
N LYS B 439 26.82 -15.08 -40.59
CA LYS B 439 25.50 -15.35 -41.20
C LYS B 439 25.34 -16.83 -41.62
N GLU B 440 26.35 -17.36 -42.33
CA GLU B 440 26.39 -18.79 -42.72
C GLU B 440 26.45 -19.81 -41.53
N HIS B 441 26.59 -19.31 -40.30
CA HIS B 441 26.84 -20.16 -39.11
C HIS B 441 28.17 -20.94 -39.24
N LYS B 442 29.24 -20.19 -39.50
CA LYS B 442 30.60 -20.70 -39.44
C LYS B 442 31.45 -19.79 -38.54
N VAL B 443 32.51 -20.35 -37.97
CA VAL B 443 33.34 -19.61 -37.02
C VAL B 443 34.15 -18.51 -37.71
N GLN B 444 33.76 -17.26 -37.41
CA GLN B 444 34.47 -16.07 -37.87
C GLN B 444 35.75 -15.89 -37.08
N ASN B 445 35.63 -15.98 -35.74
CA ASN B 445 36.77 -15.91 -34.80
C ASN B 445 36.45 -16.28 -33.34
N LEU B 446 37.47 -16.21 -32.50
CA LEU B 446 37.38 -16.58 -31.09
C LEU B 446 37.56 -15.41 -30.15
N LEU B 447 36.66 -15.37 -29.17
CA LEU B 447 36.66 -14.43 -28.05
C LEU B 447 36.78 -15.16 -26.70
N ALA B 448 37.11 -14.43 -25.66
CA ALA B 448 37.03 -15.01 -24.34
C ALA B 448 36.53 -14.02 -23.33
N TYR B 449 35.56 -14.45 -22.52
CA TYR B 449 35.25 -13.71 -21.28
C TYR B 449 36.35 -13.97 -20.28
N ILE B 450 36.84 -12.92 -19.63
CA ILE B 450 37.82 -13.06 -18.56
C ILE B 450 37.31 -12.38 -17.29
N VAL B 451 37.47 -13.09 -16.16
CA VAL B 451 37.39 -12.50 -14.82
C VAL B 451 38.81 -12.59 -14.32
N VAL B 452 39.40 -11.47 -13.96
CA VAL B 452 40.81 -11.43 -13.52
C VAL B 452 40.86 -11.65 -12.01
N LYS B 453 42.04 -12.01 -11.48
CA LYS B 453 42.20 -12.26 -10.04
C LYS B 453 42.07 -10.97 -9.22
N ASP B 454 41.92 -11.13 -7.92
CA ASP B 454 41.85 -10.01 -6.98
C ASP B 454 43.16 -9.19 -6.95
N GLY B 455 43.03 -7.87 -7.12
CA GLY B 455 44.21 -7.00 -7.15
C GLY B 455 44.90 -6.89 -8.51
N VAL B 456 44.32 -7.52 -9.53
CA VAL B 456 44.91 -7.38 -10.85
C VAL B 456 44.57 -6.01 -11.47
N LYS B 457 43.29 -5.62 -11.44
CA LYS B 457 42.85 -4.31 -11.94
C LYS B 457 43.77 -3.14 -11.53
N GLU B 458 44.03 -3.04 -10.23
CA GLU B 458 44.84 -1.97 -9.67
C GLU B 458 46.26 -1.89 -10.30
N ARG B 459 46.78 -3.01 -10.81
CA ARG B 459 48.13 -3.05 -11.39
C ARG B 459 48.22 -2.50 -12.84
N PHE B 460 47.09 -2.06 -13.41
CA PHE B 460 47.04 -1.70 -14.83
C PHE B 460 46.16 -0.49 -15.06
N ASP B 461 46.72 0.59 -15.60
CA ASP B 461 45.87 1.74 -15.89
C ASP B 461 45.03 1.59 -17.19
N ARG B 462 45.42 0.62 -18.04
CA ARG B 462 44.81 0.40 -19.35
C ARG B 462 44.33 -1.04 -19.62
N GLU B 463 43.12 -1.19 -20.16
CA GLU B 463 42.65 -2.51 -20.59
C GLU B 463 43.59 -3.15 -21.61
N LEU B 464 44.11 -2.35 -22.55
CA LEU B 464 45.08 -2.86 -23.49
C LEU B 464 46.31 -3.45 -22.78
N GLU B 465 46.85 -2.73 -21.79
N GLU B 465 46.88 -2.80 -21.78
CA GLU B 465 47.96 -3.21 -20.93
CA GLU B 465 48.06 -3.41 -21.13
C GLU B 465 47.65 -4.63 -20.39
C GLU B 465 47.72 -4.65 -20.27
N LEU B 466 46.48 -4.76 -19.77
CA LEU B 466 46.04 -5.96 -19.12
C LEU B 466 46.01 -7.12 -20.15
N THR B 467 45.24 -6.95 -21.23
CA THR B 467 45.22 -7.92 -22.29
C THR B 467 46.63 -8.32 -22.77
N LYS B 468 47.54 -7.36 -22.94
CA LYS B 468 48.83 -7.70 -23.46
C LYS B 468 49.57 -8.61 -22.47
N ALA B 469 49.48 -8.29 -21.18
CA ALA B 469 50.10 -9.09 -20.13
C ALA B 469 49.52 -10.52 -20.02
N ILE B 470 48.19 -10.65 -20.08
CA ILE B 470 47.58 -11.99 -20.09
C ILE B 470 48.06 -12.80 -21.31
N LYS B 471 47.82 -12.28 -22.52
CA LYS B 471 48.39 -12.88 -23.75
C LYS B 471 49.88 -13.19 -23.65
N ALA B 472 50.69 -12.28 -23.15
CA ALA B 472 52.12 -12.59 -23.04
C ALA B 472 52.38 -13.79 -22.10
N SER B 473 51.53 -13.98 -21.08
CA SER B 473 51.82 -14.96 -20.01
C SER B 473 51.40 -16.39 -20.34
N VAL B 474 50.74 -16.60 -21.48
CA VAL B 474 50.35 -17.94 -21.89
C VAL B 474 50.67 -18.22 -23.37
N LYS B 475 51.07 -17.21 -24.13
CA LYS B 475 51.27 -17.41 -25.57
C LYS B 475 52.22 -18.57 -25.87
N ASP B 476 53.24 -18.75 -25.03
CA ASP B 476 54.18 -19.83 -25.21
C ASP B 476 53.56 -21.25 -25.28
N HIS B 477 52.41 -21.45 -24.62
CA HIS B 477 51.70 -22.75 -24.71
C HIS B 477 50.37 -22.74 -25.45
N MET B 478 50.17 -21.77 -26.33
CA MET B 478 48.91 -21.64 -27.09
C MET B 478 49.20 -21.39 -28.56
N MET B 479 48.80 -22.31 -29.42
CA MET B 479 48.86 -22.09 -30.85
C MET B 479 48.14 -20.78 -31.25
N SER B 480 48.70 -20.06 -32.22
CA SER B 480 48.15 -18.81 -32.75
C SER B 480 46.64 -18.85 -33.07
N TYR B 481 46.18 -19.95 -33.65
CA TYR B 481 44.78 -20.06 -34.02
C TYR B 481 43.87 -20.28 -32.81
N MET B 482 44.45 -20.77 -31.72
CA MET B 482 43.71 -20.94 -30.49
C MET B 482 43.52 -19.67 -29.66
N MET B 483 44.49 -18.75 -29.69
CA MET B 483 44.43 -17.45 -28.94
C MET B 483 43.33 -16.51 -29.43
N PRO B 484 42.29 -16.31 -28.62
CA PRO B 484 41.14 -15.51 -29.00
C PRO B 484 41.56 -14.07 -29.30
N SER B 485 40.90 -13.46 -30.26
CA SER B 485 41.31 -12.11 -30.66
C SER B 485 40.90 -11.09 -29.57
N LYS B 486 39.61 -11.03 -29.28
CA LYS B 486 39.07 -10.11 -28.28
C LYS B 486 38.84 -10.79 -26.89
N PHE B 487 39.02 -10.02 -25.82
CA PHE B 487 38.68 -10.46 -24.44
C PHE B 487 37.61 -9.58 -23.90
N LEU B 488 36.53 -10.17 -23.38
CA LEU B 488 35.49 -9.39 -22.68
C LEU B 488 35.64 -9.49 -21.16
N TYR B 489 36.00 -8.42 -20.48
CA TYR B 489 36.10 -8.44 -19.03
C TYR B 489 34.75 -8.41 -18.28
N ARG B 490 34.62 -9.31 -17.30
N ARG B 490 34.62 -9.31 -17.30
CA ARG B 490 33.45 -9.34 -16.41
CA ARG B 490 33.46 -9.29 -16.40
C ARG B 490 33.91 -9.48 -14.96
C ARG B 490 33.92 -9.45 -14.96
N ASP B 491 33.11 -8.98 -14.02
CA ASP B 491 33.45 -9.12 -12.59
C ASP B 491 33.12 -10.53 -12.11
N SER B 492 32.13 -11.14 -12.76
CA SER B 492 31.75 -12.50 -12.49
C SER B 492 30.97 -13.08 -13.70
N LEU B 493 30.83 -14.41 -13.73
CA LEU B 493 30.15 -15.11 -14.84
C LEU B 493 28.74 -15.63 -14.44
N PRO B 494 27.81 -15.66 -15.40
CA PRO B 494 26.48 -16.09 -14.99
C PRO B 494 26.44 -17.61 -14.80
N LEU B 495 25.45 -18.08 -14.03
CA LEU B 495 25.37 -19.47 -13.66
C LEU B 495 24.01 -20.06 -13.96
N THR B 496 24.01 -21.34 -14.33
CA THR B 496 22.78 -22.12 -14.46
C THR B 496 22.15 -22.25 -13.08
N PRO B 497 20.86 -22.58 -13.02
CA PRO B 497 20.26 -22.81 -11.69
C PRO B 497 20.89 -23.98 -10.90
N ASN B 498 21.58 -24.91 -11.59
CA ASN B 498 22.32 -26.00 -10.93
C ASN B 498 23.76 -25.63 -10.50
N GLY B 499 24.11 -24.34 -10.60
CA GLY B 499 25.41 -23.88 -10.11
C GLY B 499 26.57 -23.97 -11.09
N LYS B 500 26.31 -24.15 -12.38
CA LYS B 500 27.41 -24.27 -13.33
C LYS B 500 27.57 -22.98 -14.08
N ILE B 501 28.75 -22.70 -14.62
CA ILE B 501 28.90 -21.58 -15.54
C ILE B 501 28.01 -21.75 -16.78
N ASP B 502 27.21 -20.73 -17.08
CA ASP B 502 26.22 -20.81 -18.11
C ASP B 502 26.87 -20.57 -19.47
N ILE B 503 27.50 -21.59 -20.02
CA ILE B 503 28.30 -21.45 -21.24
C ILE B 503 27.39 -21.11 -22.44
N LYS B 504 26.25 -21.80 -22.52
CA LYS B 504 25.25 -21.56 -23.56
C LYS B 504 24.86 -20.06 -23.63
N THR B 505 24.52 -19.47 -22.50
CA THR B 505 24.20 -18.06 -22.48
C THR B 505 25.37 -17.21 -22.98
N LEU B 506 26.58 -17.47 -22.47
CA LEU B 506 27.74 -16.67 -22.86
C LEU B 506 27.97 -16.71 -24.36
N ILE B 507 27.73 -17.88 -24.95
CA ILE B 507 27.82 -18.09 -26.39
C ILE B 507 26.75 -17.26 -27.09
N ASN B 508 25.55 -17.22 -26.52
CA ASN B 508 24.46 -16.44 -27.09
C ASN B 508 24.67 -14.93 -27.01
N GLU B 509 25.45 -14.46 -26.04
CA GLU B 509 25.55 -13.02 -25.85
C GLU B 509 26.34 -12.38 -26.98
N VAL B 510 27.08 -13.21 -27.70
CA VAL B 510 27.98 -12.69 -28.74
C VAL B 510 27.65 -13.23 -30.13
N ASN B 511 26.36 -13.48 -30.35
CA ASN B 511 25.86 -14.16 -31.55
C ASN B 511 24.40 -13.81 -31.88
N SER C 2 46.47 22.10 19.77
CA SER C 2 45.45 22.29 20.81
C SER C 2 44.09 21.92 20.22
N LEU C 3 43.04 22.68 20.54
CA LEU C 3 41.66 22.30 20.20
C LEU C 3 41.01 23.43 19.44
N LYS C 4 40.55 23.14 18.23
CA LYS C 4 40.23 24.22 17.31
C LYS C 4 38.74 24.48 17.28
N ASP C 5 37.99 23.43 17.52
CA ASP C 5 36.56 23.46 17.32
C ASP C 5 35.95 22.24 17.99
N MET C 6 34.95 22.45 18.83
CA MET C 6 34.32 21.30 19.48
C MET C 6 33.75 20.29 18.49
N ILE C 7 33.16 20.79 17.41
CA ILE C 7 32.56 19.93 16.39
C ILE C 7 33.62 19.25 15.52
N ASP C 8 34.71 19.95 15.20
CA ASP C 8 35.80 19.26 14.49
C ASP C 8 36.24 18.01 15.25
N SER C 9 36.44 18.14 16.56
CA SER C 9 36.85 17.01 17.38
C SER C 9 35.97 15.79 17.17
N ILE C 10 34.66 15.99 17.25
CA ILE C 10 33.78 14.82 17.31
C ILE C 10 33.59 14.17 15.93
N GLU C 11 33.61 15.00 14.89
CA GLU C 11 33.71 14.50 13.51
C GLU C 11 34.88 13.53 13.38
N GLN C 12 36.07 13.95 13.82
CA GLN C 12 37.26 13.12 13.77
C GLN C 12 37.04 11.80 14.48
N PHE C 13 36.50 11.84 15.70
CA PHE C 13 36.25 10.61 16.44
C PHE C 13 35.27 9.68 15.74
N ALA C 14 34.30 10.23 15.00
CA ALA C 14 33.44 9.42 14.14
C ALA C 14 34.23 8.62 13.08
N GLN C 15 35.22 9.27 12.45
CA GLN C 15 36.12 8.57 11.52
C GLN C 15 37.04 7.61 12.29
N THR C 16 37.77 8.17 13.25
CA THR C 16 38.85 7.49 13.99
C THR C 16 38.40 6.34 14.92
N GLN C 17 37.21 6.42 15.48
CA GLN C 17 36.74 5.38 16.42
C GLN C 17 35.22 5.24 16.43
N ALA C 18 34.69 4.96 15.26
CA ALA C 18 33.26 4.96 15.00
C ALA C 18 32.40 4.09 15.92
N ASP C 19 32.95 2.99 16.43
CA ASP C 19 32.16 2.06 17.26
C ASP C 19 32.37 2.25 18.78
N PHE C 20 33.16 3.25 19.15
CA PHE C 20 33.39 3.51 20.55
C PHE C 20 32.17 4.24 21.14
N PRO C 21 31.69 3.80 22.32
CA PRO C 21 30.51 4.42 22.94
C PRO C 21 30.72 5.88 23.36
N VAL C 22 29.78 6.76 23.02
CA VAL C 22 29.89 8.16 23.45
C VAL C 22 28.96 8.40 24.64
N TYR C 23 28.01 7.49 24.82
CA TYR C 23 26.92 7.72 25.75
C TYR C 23 26.41 6.38 26.20
N ASP C 24 26.09 6.28 27.49
CA ASP C 24 25.61 5.04 28.08
C ASP C 24 24.49 5.40 29.04
N CYS C 25 23.38 4.68 28.99
CA CYS C 25 22.39 4.75 30.05
C CYS C 25 22.07 3.32 30.47
N LEU C 26 22.76 2.91 31.54
CA LEU C 26 22.69 1.55 32.14
C LEU C 26 22.71 0.44 31.09
N GLY C 27 23.80 0.36 30.31
CA GLY C 27 23.87 -0.63 29.23
C GLY C 27 23.52 -0.15 27.82
N GLU C 28 22.38 0.54 27.64
CA GLU C 28 21.97 1.05 26.31
C GLU C 28 22.90 2.19 25.76
N ARG C 29 23.79 1.82 24.84
CA ARG C 29 24.87 2.67 24.34
C ARG C 29 24.60 3.31 22.97
N ARG C 30 25.35 4.38 22.67
CA ARG C 30 25.38 5.00 21.37
C ARG C 30 26.82 5.34 21.13
N THR C 31 27.25 5.14 19.88
CA THR C 31 28.63 5.30 19.46
C THR C 31 28.85 6.67 18.86
N TYR C 32 30.12 7.03 18.67
CA TYR C 32 30.50 8.25 17.96
C TYR C 32 29.99 8.22 16.51
N GLY C 33 30.06 7.04 15.92
CA GLY C 33 29.47 6.79 14.61
C GLY C 33 28.03 7.25 14.57
N GLN C 34 27.22 6.74 15.50
CA GLN C 34 25.81 7.11 15.59
C GLN C 34 25.59 8.58 15.87
N LEU C 35 26.50 9.20 16.61
CA LEU C 35 26.34 10.60 16.97
C LEU C 35 26.53 11.47 15.72
N LYS C 36 27.45 11.10 14.83
CA LYS C 36 27.63 11.92 13.64
C LYS C 36 26.37 11.87 12.72
N ARG C 37 25.93 10.65 12.39
CA ARG C 37 24.78 10.44 11.56
C ARG C 37 23.58 11.17 12.16
N ASP C 38 23.31 10.89 13.45
CA ASP C 38 22.15 11.43 14.16
C ASP C 38 22.15 12.94 14.16
N SER C 39 23.28 13.53 14.51
CA SER C 39 23.37 14.98 14.58
C SER C 39 23.46 15.59 13.18
N ASP C 40 23.95 14.85 12.20
CA ASP C 40 23.93 15.35 10.83
C ASP C 40 22.46 15.47 10.38
N SER C 41 21.74 14.37 10.54
CA SER C 41 20.34 14.36 10.27
C SER C 41 19.54 15.44 11.02
N ILE C 42 19.70 15.54 12.34
CA ILE C 42 18.93 16.57 13.06
C ILE C 42 19.29 17.98 12.56
N ALA C 43 20.55 18.21 12.24
CA ALA C 43 20.99 19.49 11.64
C ALA C 43 20.19 19.85 10.37
N ALA C 44 20.13 18.91 9.41
CA ALA C 44 19.44 19.08 8.14
C ALA C 44 17.97 19.41 8.40
N PHE C 45 17.43 18.67 9.37
CA PHE C 45 16.12 18.92 9.90
C PHE C 45 15.97 20.30 10.43
N ILE C 46 16.98 20.86 11.10
CA ILE C 46 16.81 22.22 11.67
C ILE C 46 16.84 23.23 10.54
N ASP C 47 17.80 23.08 9.64
CA ASP C 47 17.96 23.99 8.50
C ASP C 47 16.68 24.07 7.67
N SER C 48 15.99 22.94 7.55
CA SER C 48 14.77 22.83 6.80
C SER C 48 13.68 23.73 7.33
N LEU C 49 13.79 24.10 8.61
CA LEU C 49 12.73 24.89 9.25
C LEU C 49 12.81 26.38 8.93
N ALA C 50 13.88 26.81 8.29
CA ALA C 50 14.05 28.23 7.94
C ALA C 50 13.85 29.18 9.14
N LEU C 51 14.53 28.87 10.24
CA LEU C 51 14.60 29.78 11.38
C LEU C 51 15.43 31.01 11.03
N LEU C 52 15.24 32.07 11.80
CA LEU C 52 16.09 33.25 11.74
C LEU C 52 17.53 32.83 11.94
N ALA C 53 18.39 33.16 10.99
CA ALA C 53 19.79 32.76 11.13
C ALA C 53 20.34 33.06 12.55
N LYS C 54 21.20 32.17 13.08
CA LYS C 54 21.88 32.40 14.39
C LYS C 54 20.95 32.67 15.61
N SER C 55 19.73 32.17 15.57
CA SER C 55 18.80 32.43 16.66
C SER C 55 18.85 31.28 17.66
N PRO C 56 18.65 31.57 18.94
CA PRO C 56 18.73 30.56 20.00
C PRO C 56 17.53 29.63 20.03
N VAL C 57 17.76 28.37 20.35
CA VAL C 57 16.69 27.39 20.40
C VAL C 57 16.61 26.76 21.79
N LEU C 58 15.39 26.52 22.27
CA LEU C 58 15.22 26.03 23.61
C LEU C 58 15.08 24.53 23.58
N VAL C 59 15.82 23.84 24.43
CA VAL C 59 15.88 22.39 24.42
C VAL C 59 15.51 21.89 25.80
N PHE C 60 14.31 21.33 25.89
CA PHE C 60 13.69 20.98 27.15
C PHE C 60 13.68 19.50 27.35
N GLY C 61 14.27 19.02 28.46
CA GLY C 61 14.37 17.60 28.70
C GLY C 61 15.20 17.23 29.91
N ALA C 62 15.58 15.96 29.98
CA ALA C 62 16.40 15.41 31.05
C ALA C 62 17.84 15.32 30.58
N GLN C 63 18.36 14.09 30.52
CA GLN C 63 19.73 13.86 30.10
C GLN C 63 19.84 12.67 29.17
N THR C 64 18.78 12.37 28.44
CA THR C 64 18.85 11.34 27.43
C THR C 64 19.84 11.70 26.32
N TYR C 65 20.15 10.70 25.53
CA TYR C 65 21.07 10.84 24.43
C TYR C 65 20.51 11.87 23.45
N ASP C 66 19.19 11.93 23.31
CA ASP C 66 18.63 12.91 22.37
C ASP C 66 18.89 14.35 22.74
N MET C 67 19.21 14.60 24.01
CA MET C 67 19.55 15.96 24.40
C MET C 67 20.84 16.29 23.67
N LEU C 68 21.81 15.41 23.77
CA LEU C 68 23.15 15.73 23.33
C LEU C 68 23.20 15.87 21.83
N ALA C 69 22.58 14.92 21.14
CA ALA C 69 22.63 14.86 19.69
C ALA C 69 21.97 16.14 19.12
N THR C 70 20.95 16.63 19.83
CA THR C 70 20.31 17.87 19.45
C THR C 70 21.20 19.09 19.69
N PHE C 71 21.90 19.15 20.83
CA PHE C 71 22.85 20.25 21.06
C PHE C 71 23.83 20.29 19.91
N VAL C 72 24.39 19.12 19.64
CA VAL C 72 25.39 19.01 18.59
C VAL C 72 24.81 19.50 17.23
N ALA C 73 23.61 19.03 16.90
CA ALA C 73 22.90 19.46 15.70
C ALA C 73 22.75 20.98 15.63
N LEU C 74 22.34 21.58 16.73
CA LEU C 74 22.14 22.99 16.75
C LEU C 74 23.45 23.72 16.50
N THR C 75 24.53 23.20 17.08
CA THR C 75 25.84 23.79 16.92
C THR C 75 26.26 23.66 15.46
N LYS C 76 26.01 22.51 14.86
CA LYS C 76 26.35 22.28 13.46
C LYS C 76 25.65 23.26 12.52
N SER C 77 24.42 23.67 12.85
CA SER C 77 23.64 24.57 12.03
C SER C 77 23.58 26.00 12.54
N GLY C 78 24.47 26.37 13.46
CA GLY C 78 24.62 27.77 13.83
C GLY C 78 23.68 28.37 14.84
N HIS C 79 22.96 27.51 15.55
CA HIS C 79 22.02 27.99 16.56
C HIS C 79 22.56 27.67 17.94
N ALA C 80 22.54 28.66 18.83
CA ALA C 80 22.81 28.38 20.20
C ALA C 80 21.65 27.64 20.88
N TYR C 81 22.00 26.77 21.83
CA TYR C 81 20.98 26.01 22.53
C TYR C 81 20.80 26.51 23.95
N ILE C 82 19.55 26.63 24.38
CA ILE C 82 19.22 27.04 25.73
C ILE C 82 18.66 25.81 26.48
N PRO C 83 19.49 25.13 27.27
CA PRO C 83 19.00 23.90 27.92
C PRO C 83 18.11 24.21 29.11
N VAL C 84 16.97 23.54 29.18
CA VAL C 84 16.00 23.72 30.25
C VAL C 84 15.63 22.36 30.77
N ASP C 85 15.72 22.19 32.09
CA ASP C 85 15.63 20.86 32.66
C ASP C 85 14.16 20.52 32.88
N VAL C 86 13.85 19.24 32.77
CA VAL C 86 12.48 18.75 32.97
C VAL C 86 11.90 19.03 34.37
N HIS C 87 12.77 19.35 35.35
CA HIS C 87 12.33 19.65 36.73
C HIS C 87 12.11 21.10 37.03
N SER C 88 12.10 21.94 36.02
CA SER C 88 11.94 23.37 36.29
C SER C 88 10.49 23.79 36.43
N ALA C 89 10.25 24.71 37.35
CA ALA C 89 8.95 25.37 37.48
C ALA C 89 8.53 26.04 36.16
N PRO C 90 7.24 25.96 35.82
CA PRO C 90 6.72 26.61 34.61
C PRO C 90 6.95 28.11 34.68
N GLU C 91 6.76 28.65 35.88
CA GLU C 91 7.17 29.98 36.28
C GLU C 91 8.47 30.33 35.58
N ARG C 92 9.56 29.59 35.86
CA ARG C 92 10.84 29.91 35.22
C ARG C 92 10.96 29.47 33.76
N ILE C 93 10.43 28.31 33.41
CA ILE C 93 10.34 27.95 32.00
C ILE C 93 9.75 29.10 31.18
N LEU C 94 8.79 29.79 31.76
CA LEU C 94 8.04 30.85 31.09
C LEU C 94 8.83 32.13 30.95
N ALA C 95 9.62 32.46 31.96
CA ALA C 95 10.36 33.71 31.93
C ALA C 95 11.61 33.55 31.05
N ILE C 96 12.12 32.33 30.99
CA ILE C 96 13.23 32.03 30.11
C ILE C 96 12.76 32.28 28.68
N ILE C 97 11.54 31.86 28.39
CA ILE C 97 10.96 32.14 27.09
C ILE C 97 10.80 33.65 26.83
N GLU C 98 10.21 34.39 27.79
CA GLU C 98 9.97 35.85 27.59
C GLU C 98 11.26 36.65 27.44
N ILE C 99 12.35 36.13 28.01
CA ILE C 99 13.64 36.85 28.09
C ILE C 99 14.51 36.52 26.92
N ALA C 100 14.58 35.23 26.57
CA ALA C 100 15.45 34.75 25.52
C ALA C 100 14.75 34.81 24.15
N LYS C 101 13.43 34.82 24.17
CA LYS C 101 12.63 34.82 22.95
C LYS C 101 13.19 33.85 21.90
N PRO C 102 13.26 32.55 22.25
CA PRO C 102 13.77 31.56 21.30
C PRO C 102 12.92 31.53 20.05
N SER C 103 13.46 30.96 18.98
CA SER C 103 12.73 30.85 17.73
C SER C 103 12.09 29.45 17.53
N LEU C 104 12.45 28.50 18.40
CA LEU C 104 11.93 27.13 18.37
C LEU C 104 12.05 26.51 19.77
N ILE C 105 11.12 25.61 20.12
CA ILE C 105 11.23 24.83 21.33
C ILE C 105 11.24 23.38 20.94
N ILE C 106 12.34 22.70 21.26
CA ILE C 106 12.48 21.26 21.03
C ILE C 106 12.25 20.54 22.35
N ALA C 107 11.12 19.86 22.41
CA ALA C 107 10.71 19.13 23.60
C ALA C 107 11.14 17.66 23.57
N ILE C 108 12.37 17.37 23.98
CA ILE C 108 12.78 15.96 24.15
C ILE C 108 11.93 15.24 25.17
N GLU C 109 11.59 15.94 26.26
CA GLU C 109 10.56 15.46 27.18
C GLU C 109 9.29 16.29 26.99
N GLU C 110 8.17 15.68 27.33
CA GLU C 110 6.84 16.30 27.38
C GLU C 110 6.88 17.73 27.90
N PHE C 111 6.65 18.69 27.01
CA PHE C 111 6.51 20.09 27.40
C PHE C 111 5.30 20.36 28.31
N PRO C 112 5.49 21.05 29.45
CA PRO C 112 4.32 21.12 30.36
C PRO C 112 3.50 22.41 30.20
N LEU C 113 3.87 23.25 29.24
CA LEU C 113 3.16 24.48 28.99
C LEU C 113 2.57 24.54 27.57
N THR C 114 1.64 25.47 27.37
CA THR C 114 1.13 25.80 26.03
C THR C 114 1.48 27.24 25.69
N ILE C 115 2.12 27.40 24.54
CA ILE C 115 2.66 28.67 24.06
C ILE C 115 2.39 28.79 22.56
N GLU C 116 2.06 29.99 22.10
CA GLU C 116 1.99 30.27 20.66
C GLU C 116 2.79 31.54 20.37
N GLY C 117 3.24 31.65 19.12
CA GLY C 117 4.27 32.61 18.73
C GLY C 117 5.59 31.88 18.58
N ILE C 118 5.59 30.60 18.96
CA ILE C 118 6.76 29.72 18.88
C ILE C 118 6.33 28.32 18.44
N SER C 119 7.02 27.80 17.42
CA SER C 119 6.85 26.43 16.98
C SER C 119 7.47 25.51 18.04
N LEU C 120 6.91 24.30 18.15
CA LEU C 120 7.36 23.33 19.10
C LEU C 120 7.70 22.06 18.36
N VAL C 121 8.83 21.46 18.67
CA VAL C 121 9.20 20.20 18.04
C VAL C 121 9.09 19.05 19.04
N SER C 122 8.42 17.98 18.62
CA SER C 122 8.13 16.88 19.50
C SER C 122 9.26 15.87 19.46
N LEU C 123 9.30 15.01 20.47
CA LEU C 123 10.26 13.93 20.52
C LEU C 123 10.13 12.99 19.31
N SER C 124 8.92 12.58 18.95
CA SER C 124 8.83 11.66 17.80
C SER C 124 9.36 12.26 16.50
N GLU C 125 9.27 13.58 16.38
CA GLU C 125 9.77 14.25 15.20
C GLU C 125 11.32 14.21 15.13
N ILE C 126 12.00 14.55 16.22
CA ILE C 126 13.45 14.36 16.32
C ILE C 126 13.85 12.89 16.08
N GLU C 127 13.13 11.93 16.67
CA GLU C 127 13.51 10.54 16.43
C GLU C 127 13.26 10.22 14.95
N SER C 128 12.23 10.84 14.38
CA SER C 128 11.94 10.63 12.97
C SER C 128 13.03 11.27 12.09
N ALA C 129 13.36 12.51 12.39
CA ALA C 129 14.49 13.19 11.74
C ALA C 129 15.75 12.36 11.88
N LYS C 130 15.97 11.74 13.05
CA LYS C 130 17.12 10.88 13.28
C LYS C 130 17.16 9.79 12.25
N LEU C 131 16.13 8.94 12.24
CA LEU C 131 16.09 7.75 11.39
C LEU C 131 16.07 8.04 9.86
N ALA C 132 15.78 9.28 9.47
CA ALA C 132 15.69 9.59 8.04
C ALA C 132 17.09 9.63 7.46
N GLU C 133 18.08 9.83 8.36
CA GLU C 133 19.51 9.73 8.03
C GLU C 133 19.93 10.68 6.93
N MET C 134 19.45 11.91 7.00
CA MET C 134 19.88 12.91 6.07
C MET C 134 21.38 13.19 6.25
N PRO C 135 22.11 13.52 5.16
CA PRO C 135 23.51 13.92 5.30
C PRO C 135 23.57 15.40 5.61
N TYR C 136 24.77 15.91 5.90
CA TYR C 136 24.93 17.31 6.26
C TYR C 136 26.37 17.79 6.15
N GLU C 137 26.54 18.97 5.59
CA GLU C 137 27.83 19.57 5.45
C GLU C 137 27.69 20.96 6.04
N ARG C 138 28.66 21.31 6.89
CA ARG C 138 28.61 22.54 7.67
C ARG C 138 28.98 23.74 6.81
N THR C 139 28.07 24.69 6.74
CA THR C 139 28.27 25.86 5.93
C THR C 139 28.13 27.05 6.84
N HIS C 140 27.15 26.99 7.76
CA HIS C 140 26.85 28.09 8.71
C HIS C 140 26.94 27.69 10.22
N SER C 141 27.98 26.95 10.60
CA SER C 141 28.16 26.48 12.00
C SER C 141 28.47 27.56 13.03
N VAL C 142 28.37 27.22 14.32
CA VAL C 142 28.67 28.21 15.34
C VAL C 142 30.18 28.39 15.42
N LYS C 143 30.61 29.63 15.22
CA LYS C 143 32.03 29.98 15.21
C LYS C 143 32.32 31.25 16.00
N GLY C 144 33.52 31.32 16.54
CA GLY C 144 34.02 32.58 17.05
C GLY C 144 33.37 33.07 18.32
N ASP C 145 32.80 34.27 18.26
CA ASP C 145 32.08 34.90 19.36
C ASP C 145 30.56 34.61 19.24
N ASP C 146 30.20 33.65 18.39
CA ASP C 146 28.80 33.23 18.33
C ASP C 146 28.43 32.38 19.55
N ASN C 147 27.20 32.55 19.99
CA ASN C 147 26.70 31.87 21.14
C ASN C 147 26.70 30.41 20.86
N TYR C 148 27.37 29.63 21.70
CA TYR C 148 27.30 28.17 21.61
C TYR C 148 26.05 27.73 22.42
N TYR C 149 25.96 28.18 23.66
CA TYR C 149 24.81 27.91 24.50
C TYR C 149 24.56 29.09 25.40
N ILE C 150 23.39 29.10 26.02
CA ILE C 150 23.01 30.16 26.92
C ILE C 150 22.41 29.49 28.13
N ILE C 151 23.08 29.63 29.26
CA ILE C 151 22.56 29.05 30.47
C ILE C 151 22.01 30.13 31.36
N PHE C 152 20.82 29.89 31.85
CA PHE C 152 20.19 30.75 32.83
C PHE C 152 20.58 30.40 34.26
N THR C 153 20.81 31.46 35.02
CA THR C 153 21.42 31.43 36.31
C THR C 153 20.34 31.81 37.32
N SER C 154 20.52 31.54 38.61
CA SER C 154 19.59 32.06 39.64
C SER C 154 20.24 33.06 40.62
N THR C 157 19.41 36.16 43.69
CA THR C 157 18.11 36.56 44.26
C THR C 157 16.92 35.91 43.50
N GLY C 158 16.10 36.75 42.87
CA GLY C 158 15.00 36.26 42.02
C GLY C 158 15.29 36.26 40.51
N GLN C 159 15.73 37.42 39.99
CA GLN C 159 15.89 37.64 38.54
C GLN C 159 16.79 36.60 37.81
N PRO C 160 16.21 35.86 36.83
CA PRO C 160 17.01 34.91 36.07
C PRO C 160 17.65 35.56 34.83
N LYS C 161 18.93 35.27 34.63
CA LYS C 161 19.72 35.91 33.61
C LYS C 161 20.28 34.81 32.74
N GLY C 162 20.33 35.08 31.44
CA GLY C 162 20.87 34.15 30.46
C GLY C 162 22.30 34.51 30.15
N VAL C 163 23.22 33.66 30.60
CA VAL C 163 24.63 33.85 30.36
C VAL C 163 24.99 33.29 28.99
N GLN C 164 25.53 34.16 28.15
CA GLN C 164 25.86 33.80 26.76
C GLN C 164 27.28 33.36 26.69
N ILE C 165 27.49 32.14 26.23
CA ILE C 165 28.80 31.53 26.16
C ILE C 165 29.06 31.14 24.71
N SER C 166 30.22 31.54 24.23
CA SER C 166 30.56 31.43 22.82
C SER C 166 31.44 30.21 22.60
N HIS C 167 31.55 29.77 21.35
CA HIS C 167 32.51 28.72 20.97
C HIS C 167 33.91 29.05 21.49
N ASP C 168 34.26 30.33 21.50
CA ASP C 168 35.59 30.74 21.94
C ASP C 168 35.70 30.68 23.46
N ASN C 169 34.65 31.14 24.15
CA ASN C 169 34.50 31.03 25.60
C ASN C 169 34.72 29.53 25.91
N LEU C 170 33.92 28.69 25.26
CA LEU C 170 33.98 27.27 25.47
C LEU C 170 35.38 26.69 25.24
N LEU C 171 36.08 27.18 24.21
CA LEU C 171 37.41 26.64 23.87
C LEU C 171 38.44 26.97 24.94
N SER C 172 38.45 28.21 25.39
CA SER C 172 39.27 28.61 26.49
C SER C 172 39.11 27.67 27.69
N PHE C 173 37.89 27.51 28.21
CA PHE C 173 37.68 26.61 29.33
C PHE C 173 38.19 25.20 29.04
N THR C 174 37.79 24.65 27.88
CA THR C 174 37.99 23.25 27.57
C THR C 174 39.44 22.89 27.31
N ASN C 175 40.15 23.69 26.52
CA ASN C 175 41.56 23.44 26.26
C ASN C 175 42.36 23.39 27.57
N TRP C 176 42.15 24.40 28.42
CA TRP C 176 42.71 24.46 29.77
C TRP C 176 42.39 23.22 30.57
N MET C 177 41.11 22.90 30.70
CA MET C 177 40.77 21.70 31.45
C MET C 177 41.52 20.43 31.00
N ILE C 178 41.75 20.23 29.70
CA ILE C 178 42.31 18.95 29.25
C ILE C 178 43.85 18.95 29.20
N GLU C 179 44.46 20.12 29.44
CA GLU C 179 45.93 20.23 29.53
C GLU C 179 46.42 20.56 30.95
N ASP C 180 45.47 20.65 31.88
CA ASP C 180 45.76 21.03 33.24
C ASP C 180 46.13 19.82 34.09
N ALA C 181 47.26 19.96 34.78
CA ALA C 181 47.83 18.90 35.62
C ALA C 181 46.95 18.50 36.82
N ALA C 182 46.35 19.49 37.49
CA ALA C 182 45.32 19.27 38.52
C ALA C 182 44.27 18.29 38.06
N PHE C 183 43.52 18.63 37.00
CA PHE C 183 42.50 17.71 36.43
C PHE C 183 43.02 16.34 35.99
N ASP C 184 44.12 16.33 35.23
CA ASP C 184 44.74 15.04 34.88
C ASP C 184 43.71 14.11 34.21
N VAL C 185 43.00 14.63 33.21
CA VAL C 185 41.94 13.85 32.56
C VAL C 185 42.57 12.85 31.63
N PRO C 186 42.28 11.56 31.83
CA PRO C 186 42.80 10.45 31.04
C PRO C 186 42.28 10.44 29.60
N LYS C 187 42.93 9.69 28.71
CA LYS C 187 42.34 9.34 27.40
C LYS C 187 40.94 8.73 27.50
N GLN C 188 40.07 9.11 26.57
CA GLN C 188 38.70 8.55 26.46
C GLN C 188 38.00 8.40 27.81
N PRO C 189 37.93 9.51 28.57
CA PRO C 189 37.50 9.51 29.95
C PRO C 189 36.11 8.89 30.14
N GLN C 190 35.97 8.05 31.15
CA GLN C 190 34.66 7.45 31.41
C GLN C 190 33.92 8.25 32.48
N MET C 191 33.06 9.19 32.05
CA MET C 191 32.51 10.21 32.93
C MET C 191 31.04 10.01 33.29
N LEU C 192 30.79 10.01 34.60
CA LEU C 192 29.45 10.11 35.11
C LEU C 192 28.84 11.44 34.67
N ALA C 193 27.55 11.41 34.36
CA ALA C 193 26.88 12.59 33.81
C ALA C 193 25.69 12.92 34.65
N GLN C 194 25.96 13.43 35.86
CA GLN C 194 24.95 13.60 36.89
C GLN C 194 24.35 15.01 36.88
N PRO C 195 25.20 16.06 36.99
CA PRO C 195 24.59 17.40 36.87
C PRO C 195 23.68 17.54 35.62
N PRO C 196 22.52 18.18 35.77
CA PRO C 196 21.62 18.38 34.65
C PRO C 196 22.14 19.44 33.65
N TYR C 197 21.75 19.29 32.39
CA TYR C 197 22.34 20.10 31.30
C TYR C 197 22.07 21.59 31.44
N SER C 198 21.09 21.97 32.26
CA SER C 198 20.75 23.38 32.45
C SER C 198 21.62 24.10 33.48
N PHE C 199 22.58 23.37 34.07
CA PHE C 199 23.55 23.89 35.03
C PHE C 199 24.88 23.71 34.33
N ASP C 200 25.67 24.77 34.26
CA ASP C 200 26.93 24.68 33.50
C ASP C 200 28.02 23.78 34.09
N LEU C 201 27.83 23.24 35.29
CA LEU C 201 28.71 22.20 35.78
C LEU C 201 28.63 21.05 34.80
N SER C 202 27.48 20.91 34.13
CA SER C 202 27.34 19.87 33.09
C SER C 202 28.40 19.95 32.00
N VAL C 203 28.90 21.16 31.75
CA VAL C 203 29.89 21.33 30.72
C VAL C 203 31.18 20.61 31.10
N MET C 204 31.42 20.47 32.41
CA MET C 204 32.69 19.95 32.96
C MET C 204 32.79 18.46 32.71
N TYR C 205 31.65 17.82 32.41
CA TYR C 205 31.74 16.45 31.89
C TYR C 205 31.59 16.31 30.37
N TRP C 206 30.66 17.02 29.75
CA TRP C 206 30.51 16.82 28.28
C TRP C 206 31.67 17.40 27.43
N ALA C 207 32.10 18.60 27.75
CA ALA C 207 33.19 19.20 26.98
C ALA C 207 34.49 18.33 26.86
N PRO C 208 35.22 18.10 27.99
CA PRO C 208 36.33 17.16 28.01
C PRO C 208 36.04 15.80 27.35
N THR C 209 34.95 15.16 27.75
CA THR C 209 34.63 13.85 27.23
C THR C 209 34.60 13.88 25.69
N LEU C 210 33.79 14.78 25.14
CA LEU C 210 33.81 14.94 23.69
C LEU C 210 35.18 15.35 23.19
N ALA C 211 35.87 16.28 23.82
CA ALA C 211 37.15 16.64 23.21
C ALA C 211 38.18 15.47 23.19
N LEU C 212 37.90 14.41 23.96
CA LEU C 212 38.87 13.32 24.13
C LEU C 212 38.39 11.90 23.78
N GLY C 213 37.17 11.81 23.25
CA GLY C 213 36.67 10.53 22.77
C GLY C 213 36.13 9.67 23.89
N GLY C 214 35.65 10.32 24.94
CA GLY C 214 35.13 9.57 26.07
C GLY C 214 33.73 9.00 25.90
N THR C 215 33.19 8.53 27.01
CA THR C 215 31.83 8.06 27.12
C THR C 215 31.26 8.79 28.29
N LEU C 216 29.94 9.00 28.27
CA LEU C 216 29.20 9.69 29.30
C LEU C 216 28.24 8.66 29.87
N PHE C 217 28.10 8.64 31.20
CA PHE C 217 27.14 7.72 31.78
C PHE C 217 25.96 8.48 32.37
N ALA C 218 24.78 8.28 31.83
CA ALA C 218 23.63 9.02 32.33
C ALA C 218 22.68 8.14 33.11
N LEU C 219 21.85 8.79 33.90
CA LEU C 219 20.93 8.16 34.81
C LEU C 219 19.53 8.60 34.44
N PRO C 220 18.58 7.65 34.45
CA PRO C 220 17.21 7.94 33.99
C PRO C 220 16.59 9.06 34.81
N LYS C 221 15.68 9.82 34.22
CA LYS C 221 15.03 10.96 34.88
C LYS C 221 14.48 10.64 36.27
N GLU C 222 13.86 9.47 36.41
CA GLU C 222 13.17 9.10 37.67
C GLU C 222 14.08 8.44 38.73
N LEU C 223 15.03 9.21 39.28
CA LEU C 223 15.97 8.71 40.31
C LEU C 223 16.31 9.69 41.44
N VAL C 224 16.48 10.98 41.13
CA VAL C 224 16.75 12.02 42.15
C VAL C 224 15.62 12.22 43.19
N ALA C 225 14.53 11.46 43.03
CA ALA C 225 13.46 11.38 44.03
C ALA C 225 14.00 10.66 45.27
N ASP C 226 14.65 9.50 45.04
CA ASP C 226 15.09 8.61 46.13
C ASP C 226 16.56 8.18 46.05
N PHE C 227 17.27 8.39 47.14
CA PHE C 227 18.72 8.34 47.12
C PHE C 227 19.18 6.97 47.54
N LYS C 228 18.27 6.24 48.19
CA LYS C 228 18.44 4.82 48.45
C LYS C 228 18.91 4.16 47.14
N GLN C 229 18.00 4.08 46.15
CA GLN C 229 18.31 3.37 44.90
C GLN C 229 19.27 4.11 43.95
N LEU C 230 19.35 5.45 44.06
CA LEU C 230 20.27 6.22 43.23
C LEU C 230 21.74 5.78 43.33
N PHE C 231 22.30 5.79 44.54
CA PHE C 231 23.72 5.47 44.69
C PHE C 231 24.09 4.01 44.51
N THR C 232 23.13 3.09 44.64
CA THR C 232 23.39 1.68 44.30
C THR C 232 23.49 1.58 42.78
N THR C 233 22.61 2.33 42.11
CA THR C 233 22.59 2.43 40.65
C THR C 233 23.91 2.98 40.08
N ILE C 234 24.35 4.13 40.61
CA ILE C 234 25.65 4.72 40.19
C ILE C 234 26.81 3.74 40.46
N ALA C 235 26.71 3.05 41.60
CA ALA C 235 27.67 2.01 42.01
C ALA C 235 27.93 0.93 40.96
N GLN C 236 26.89 0.54 40.22
CA GLN C 236 26.99 -0.49 39.18
C GLN C 236 27.74 -0.03 37.93
N LEU C 237 28.01 1.27 37.80
CA LEU C 237 28.50 1.81 36.53
C LEU C 237 30.03 1.91 36.47
N PRO C 238 30.62 1.47 35.35
CA PRO C 238 32.07 1.49 35.16
C PRO C 238 32.65 2.89 34.94
N VAL C 239 32.35 3.83 35.83
CA VAL C 239 32.85 5.20 35.66
C VAL C 239 34.22 5.46 36.29
N GLY C 240 35.06 6.18 35.56
CA GLY C 240 36.35 6.67 36.08
C GLY C 240 36.23 7.98 36.85
N ILE C 241 35.23 8.80 36.52
CA ILE C 241 35.19 10.17 36.96
C ILE C 241 33.81 10.63 37.44
N TRP C 242 33.81 11.35 38.56
CA TRP C 242 32.63 11.87 39.21
C TRP C 242 32.80 13.38 39.20
N THR C 243 31.84 14.05 38.63
CA THR C 243 31.82 15.48 38.57
C THR C 243 30.50 15.84 39.24
N SER C 244 30.55 16.66 40.27
CA SER C 244 29.34 17.08 40.90
C SER C 244 29.68 18.21 41.87
N THR C 245 28.65 18.68 42.58
CA THR C 245 28.86 19.66 43.62
C THR C 245 29.29 18.90 44.87
N PRO C 246 30.03 19.57 45.77
CA PRO C 246 30.46 18.97 47.04
C PRO C 246 29.30 18.39 47.82
N SER C 247 28.16 19.08 47.80
CA SER C 247 26.95 18.56 48.41
C SER C 247 26.49 17.23 47.86
N PHE C 248 26.48 17.05 46.55
CA PHE C 248 26.09 15.76 46.00
C PHE C 248 26.97 14.68 46.61
N ALA C 249 28.27 14.93 46.71
CA ALA C 249 29.14 13.93 47.28
C ALA C 249 28.83 13.73 48.77
N ASP C 250 28.43 14.78 49.46
CA ASP C 250 27.99 14.62 50.84
C ASP C 250 26.86 13.59 50.95
N MET C 251 25.85 13.70 50.10
CA MET C 251 24.72 12.81 50.29
C MET C 251 24.99 11.40 49.79
N ALA C 252 25.97 11.28 48.90
CA ALA C 252 26.47 10.00 48.42
C ALA C 252 27.22 9.25 49.51
N MET C 253 27.67 10.00 50.52
CA MET C 253 28.45 9.44 51.60
C MET C 253 27.46 8.99 52.67
N LEU C 254 26.24 8.69 52.25
CA LEU C 254 25.25 7.99 53.08
C LEU C 254 24.98 6.57 52.56
N SER C 255 25.58 6.21 51.44
CA SER C 255 25.40 4.87 50.86
C SER C 255 26.67 4.06 51.06
N ASP C 256 26.50 2.80 51.41
CA ASP C 256 27.64 1.91 51.63
C ASP C 256 28.31 1.47 50.32
N ASP C 257 27.58 1.65 49.22
CA ASP C 257 28.14 1.42 47.87
C ASP C 257 29.08 2.56 47.39
N PHE C 258 28.96 3.78 47.93
CA PHE C 258 29.90 4.86 47.60
C PHE C 258 31.20 4.69 48.35
N CYS C 259 32.06 3.82 47.80
CA CYS C 259 33.38 3.47 48.34
C CYS C 259 34.20 2.73 47.26
N GLN C 260 35.52 2.78 47.39
CA GLN C 260 36.47 2.14 46.48
C GLN C 260 36.20 0.66 46.17
N ALA C 261 35.86 -0.12 47.20
CA ALA C 261 35.54 -1.56 47.05
C ALA C 261 34.39 -1.82 46.08
N LYS C 262 33.38 -0.94 46.09
CA LYS C 262 32.24 -1.12 45.22
C LYS C 262 32.43 -0.42 43.87
N MET C 263 33.20 0.67 43.87
CA MET C 263 33.47 1.44 42.65
C MET C 263 34.94 1.41 42.18
N PRO C 264 35.47 0.23 41.81
CA PRO C 264 36.95 0.19 41.58
C PRO C 264 37.48 1.05 40.45
N ALA C 265 36.59 1.49 39.56
CA ALA C 265 37.01 2.20 38.35
C ALA C 265 37.23 3.66 38.67
N LEU C 266 36.70 4.10 39.82
CA LEU C 266 36.57 5.51 40.11
C LEU C 266 37.86 6.14 40.62
N THR C 267 38.57 6.84 39.74
CA THR C 267 39.88 7.37 40.12
C THR C 267 39.97 8.92 40.29
N HIS C 268 38.89 9.65 39.97
CA HIS C 268 38.89 11.12 39.95
C HIS C 268 37.57 11.76 40.43
N PHE C 269 37.66 12.78 41.27
CA PHE C 269 36.50 13.56 41.69
C PHE C 269 36.72 15.01 41.29
N TYR C 270 35.78 15.60 40.57
CA TYR C 270 35.88 16.98 40.13
C TYR C 270 34.78 17.77 40.78
N PHE C 271 35.15 18.79 41.56
CA PHE C 271 34.17 19.53 42.32
C PHE C 271 34.21 20.97 41.92
N ASP C 272 33.03 21.56 41.72
CA ASP C 272 32.88 22.97 41.37
C ASP C 272 31.49 23.40 41.84
N GLY C 273 31.34 24.66 42.25
CA GLY C 273 30.00 25.14 42.53
C GLY C 273 29.75 25.80 43.87
N GLU C 274 30.52 25.41 44.89
CA GLU C 274 30.33 25.88 46.27
C GLU C 274 31.52 25.40 47.12
N GLU C 275 31.75 26.03 48.28
CA GLU C 275 32.88 25.65 49.09
C GLU C 275 32.99 24.12 49.22
N LEU C 276 34.10 23.58 48.76
CA LEU C 276 34.51 22.26 49.13
C LEU C 276 35.21 22.36 50.49
N THR C 277 34.47 21.90 51.48
CA THR C 277 34.85 21.73 52.88
C THR C 277 35.94 20.69 53.16
N VAL C 278 36.86 21.04 54.05
CA VAL C 278 37.85 20.06 54.58
C VAL C 278 37.22 18.69 55.00
N SER C 279 36.11 18.73 55.74
CA SER C 279 35.49 17.47 56.15
C SER C 279 35.00 16.58 55.03
N THR C 280 34.46 17.19 53.97
CA THR C 280 34.07 16.42 52.79
C THR C 280 35.27 15.75 52.16
N ALA C 281 36.38 16.47 52.05
CA ALA C 281 37.56 15.89 51.44
C ALA C 281 38.12 14.77 52.31
N ARG C 282 38.15 14.97 53.62
CA ARG C 282 38.59 13.92 54.53
C ARG C 282 37.80 12.60 54.37
N LYS C 283 36.46 12.69 54.35
CA LYS C 283 35.59 11.50 54.23
C LYS C 283 35.78 10.85 52.86
N LEU C 284 35.91 11.65 51.81
CA LEU C 284 36.16 11.11 50.48
C LEU C 284 37.38 10.22 50.48
N PHE C 285 38.50 10.80 50.93
CA PHE C 285 39.78 10.09 51.10
C PHE C 285 39.62 8.81 51.96
N GLU C 286 38.77 8.88 52.99
CA GLU C 286 38.42 7.71 53.76
C GLU C 286 37.87 6.63 52.79
N ARG C 287 36.88 6.99 51.95
CA ARG C 287 36.22 6.03 51.06
C ARG C 287 37.03 5.74 49.82
N PHE C 288 37.83 6.69 49.36
CA PHE C 288 38.63 6.44 48.16
C PHE C 288 40.09 6.82 48.35
N PRO C 289 40.87 5.99 49.11
CA PRO C 289 42.26 6.27 49.45
C PRO C 289 43.10 6.82 48.32
N SER C 290 43.03 6.23 47.12
CA SER C 290 43.89 6.67 45.99
C SER C 290 43.26 7.63 44.93
N ALA C 291 42.06 8.14 45.22
CA ALA C 291 41.37 9.02 44.28
C ALA C 291 41.98 10.41 44.20
N LYS C 292 42.01 10.99 43.00
CA LYS C 292 42.40 12.39 42.92
C LYS C 292 41.14 13.18 43.22
N ILE C 293 41.32 14.29 43.95
CA ILE C 293 40.22 15.19 44.28
C ILE C 293 40.59 16.59 43.78
N ILE C 294 39.67 17.25 43.07
CA ILE C 294 39.95 18.53 42.45
C ILE C 294 38.89 19.54 42.86
N ASN C 295 39.32 20.67 43.41
CA ASN C 295 38.44 21.77 43.73
C ASN C 295 38.54 22.74 42.55
N ALA C 296 37.42 23.08 41.95
CA ALA C 296 37.49 24.05 40.86
C ALA C 296 36.45 25.10 41.12
N TYR C 297 36.70 26.30 40.68
CA TYR C 297 35.86 27.42 41.07
C TYR C 297 35.56 28.32 39.89
N GLY C 298 34.34 28.83 39.89
CA GLY C 298 34.03 29.98 39.08
C GLY C 298 32.57 30.17 38.82
N PRO C 299 32.23 31.34 38.29
CA PRO C 299 30.87 31.63 37.84
C PRO C 299 30.57 31.16 36.42
N THR C 300 29.29 30.99 36.13
CA THR C 300 28.82 30.70 34.80
C THR C 300 29.30 31.77 33.78
N GLU C 301 29.46 33.00 34.25
CA GLU C 301 29.83 34.16 33.44
C GLU C 301 31.28 34.10 32.96
N ALA C 302 32.05 33.14 33.50
CA ALA C 302 33.42 32.95 33.03
C ALA C 302 33.62 31.53 32.53
N THR C 303 32.54 30.91 32.10
CA THR C 303 32.59 29.58 31.48
C THR C 303 33.06 28.49 32.44
N VAL C 304 32.17 28.13 33.37
CA VAL C 304 32.31 26.93 34.23
C VAL C 304 33.33 26.99 35.37
N ALA C 305 34.63 27.12 35.04
CA ALA C 305 35.67 27.28 36.05
C ALA C 305 36.86 28.11 35.59
N LEU C 306 37.31 29.02 36.44
CA LEU C 306 38.47 29.84 36.16
C LEU C 306 39.75 29.48 36.99
N SER C 307 39.61 28.59 37.97
CA SER C 307 40.78 28.00 38.65
C SER C 307 40.49 26.57 39.05
N ALA C 308 41.56 25.79 39.23
CA ALA C 308 41.44 24.45 39.82
C ALA C 308 42.70 24.07 40.60
N ILE C 309 42.55 23.15 41.56
CA ILE C 309 43.68 22.67 42.35
C ILE C 309 43.40 21.27 42.86
N GLU C 310 44.44 20.46 42.89
CA GLU C 310 44.33 19.17 43.53
C GLU C 310 44.41 19.33 45.05
N ILE C 311 43.54 18.63 45.75
CA ILE C 311 43.51 18.64 47.18
C ILE C 311 44.23 17.37 47.63
N THR C 312 45.18 17.54 48.55
CA THR C 312 46.06 16.45 49.03
C THR C 312 45.82 16.13 50.49
N ARG C 313 46.24 14.96 50.96
CA ARG C 313 46.07 14.66 52.40
C ARG C 313 46.64 15.80 53.21
N GLU C 314 47.84 16.26 52.86
CA GLU C 314 48.46 17.34 53.64
C GLU C 314 47.58 18.57 53.76
N MET C 315 46.89 18.94 52.67
CA MET C 315 45.99 20.08 52.78
C MET C 315 44.89 19.76 53.78
N VAL C 316 44.37 18.54 53.69
CA VAL C 316 43.32 18.03 54.59
C VAL C 316 43.80 17.87 56.05
N ASP C 317 45.04 17.43 56.25
CA ASP C 317 45.64 17.37 57.59
C ASP C 317 45.99 18.74 58.15
N ASN C 318 46.12 19.76 57.30
CA ASN C 318 46.65 21.03 57.80
C ASN C 318 45.84 22.30 57.57
N TYR C 319 44.85 22.29 56.69
CA TYR C 319 44.12 23.52 56.46
C TYR C 319 42.85 23.57 57.27
N THR C 320 42.34 24.78 57.42
CA THR C 320 41.10 25.01 58.10
C THR C 320 40.08 25.32 57.02
N ARG C 321 40.59 25.73 55.87
CA ARG C 321 39.76 26.07 54.73
C ARG C 321 40.46 25.68 53.41
N LEU C 322 39.70 25.23 52.43
CA LEU C 322 40.31 24.79 51.18
C LEU C 322 40.42 25.89 50.11
N PRO C 323 41.58 25.97 49.45
CA PRO C 323 41.80 26.97 48.40
C PRO C 323 40.98 26.69 47.14
N ILE C 324 40.72 27.73 46.35
CA ILE C 324 40.04 27.51 45.05
C ILE C 324 40.93 27.32 43.81
N GLY C 325 42.27 27.36 44.01
CA GLY C 325 43.23 26.86 43.00
C GLY C 325 43.98 27.85 42.12
N TYR C 326 44.70 27.30 41.13
CA TYR C 326 45.51 28.13 40.23
C TYR C 326 44.65 28.67 39.11
N PRO C 327 44.64 29.99 38.91
CA PRO C 327 43.98 30.62 37.77
C PRO C 327 44.50 30.14 36.43
N LYS C 328 43.64 30.07 35.42
CA LYS C 328 44.14 29.59 34.14
C LYS C 328 45.11 30.57 33.46
N PRO C 329 46.20 30.04 32.88
CA PRO C 329 47.18 30.87 32.18
C PRO C 329 46.50 31.95 31.31
N ASP C 330 45.49 31.55 30.52
CA ASP C 330 44.88 32.44 29.52
C ASP C 330 43.81 33.39 30.09
N SER C 331 43.58 33.32 31.40
CA SER C 331 42.50 34.08 32.06
C SER C 331 43.01 34.90 33.23
N PRO C 332 43.59 36.06 32.94
CA PRO C 332 44.22 36.80 34.04
C PRO C 332 43.20 37.21 35.10
N THR C 333 43.47 36.81 36.33
CA THR C 333 42.54 37.03 37.45
C THR C 333 43.13 37.94 38.53
N TYR C 334 42.30 38.84 39.07
CA TYR C 334 42.77 39.85 39.99
C TYR C 334 41.85 40.02 41.21
N ILE C 335 42.34 40.74 42.22
CA ILE C 335 41.63 41.02 43.45
C ILE C 335 41.50 42.54 43.62
N ILE C 336 40.28 43.06 43.74
CA ILE C 336 40.09 44.52 43.91
C ILE C 336 39.39 45.04 45.17
N ASP C 337 39.68 46.29 45.48
CA ASP C 337 39.08 47.00 46.59
C ASP C 337 37.74 47.60 46.17
N GLU C 338 37.03 48.21 47.11
CA GLU C 338 35.73 48.85 46.85
C GLU C 338 35.77 49.93 45.76
N ASP C 339 36.92 50.61 45.61
CA ASP C 339 37.09 51.62 44.53
C ASP C 339 37.19 50.91 43.17
N GLY C 340 38.23 50.11 42.97
CA GLY C 340 38.42 49.42 41.70
C GLY C 340 39.88 49.19 41.43
N LYS C 341 40.70 49.49 42.44
CA LYS C 341 42.15 49.40 42.28
C LYS C 341 42.70 48.07 42.82
N GLU C 342 43.49 47.43 41.98
CA GLU C 342 44.15 46.16 42.24
C GLU C 342 44.74 46.13 43.64
N LEU C 343 44.76 44.94 44.27
CA LEU C 343 45.32 44.74 45.61
C LEU C 343 46.46 43.74 45.52
N SER C 344 47.24 43.58 46.57
CA SER C 344 48.35 42.63 46.45
C SER C 344 48.38 41.45 47.41
N SER C 345 49.05 40.41 46.93
CA SER C 345 48.93 39.06 47.48
C SER C 345 48.78 39.02 48.99
N GLY C 346 47.70 38.39 49.43
CA GLY C 346 47.40 38.26 50.84
C GLY C 346 46.21 39.09 51.23
N GLU C 347 45.99 40.20 50.53
CA GLU C 347 44.90 41.10 50.90
C GLU C 347 43.56 40.67 50.31
N GLN C 348 42.50 41.04 51.03
CA GLN C 348 41.14 40.60 50.73
C GLN C 348 40.30 41.64 49.99
N GLY C 349 39.73 41.24 48.87
CA GLY C 349 38.75 42.07 48.14
C GLY C 349 38.05 41.22 47.10
N GLU C 350 37.29 41.86 46.22
CA GLU C 350 36.48 41.13 45.26
C GLU C 350 37.35 40.42 44.28
N ILE C 351 36.93 39.22 43.90
CA ILE C 351 37.62 38.51 42.84
C ILE C 351 37.06 39.05 41.53
N ILE C 352 37.95 39.43 40.61
CA ILE C 352 37.50 39.75 39.25
C ILE C 352 38.29 38.93 38.24
N VAL C 353 37.63 38.56 37.14
CA VAL C 353 38.23 37.71 36.11
C VAL C 353 38.08 38.34 34.71
N THR C 354 39.12 38.17 33.91
CA THR C 354 39.17 38.77 32.57
C THR C 354 39.53 37.70 31.53
N GLY C 355 39.37 38.03 30.24
CA GLY C 355 39.97 37.25 29.15
C GLY C 355 39.01 36.53 28.23
N PRO C 356 39.54 35.62 27.41
CA PRO C 356 38.72 34.90 26.41
C PRO C 356 37.54 34.08 26.96
N ALA C 357 37.38 33.99 28.27
CA ALA C 357 36.36 33.09 28.79
C ALA C 357 35.19 33.84 29.37
N VAL C 358 35.34 35.16 29.48
CA VAL C 358 34.27 35.99 29.98
C VAL C 358 33.13 36.10 28.94
N SER C 359 31.91 36.01 29.42
CA SER C 359 30.76 36.08 28.56
C SER C 359 30.59 37.48 28.03
N LYS C 360 30.00 37.60 26.84
CA LYS C 360 29.64 38.88 26.28
C LYS C 360 28.45 39.51 27.02
N GLY C 361 27.91 38.81 28.02
CA GLY C 361 26.93 39.40 28.93
C GLY C 361 25.55 38.72 28.99
N TYR C 362 24.61 39.35 29.67
CA TYR C 362 23.29 38.75 29.83
C TYR C 362 22.40 39.10 28.64
N LEU C 363 21.74 38.07 28.11
CA LEU C 363 20.86 38.20 26.96
C LEU C 363 19.67 39.11 27.25
N ASN C 364 19.55 40.21 26.50
CA ASN C 364 18.39 41.13 26.60
C ASN C 364 18.26 41.60 28.02
N ASN C 365 19.42 41.85 28.62
CA ASN C 365 19.48 42.49 29.93
C ASN C 365 20.76 43.30 30.03
N PRO C 366 20.81 44.44 29.29
CA PRO C 366 22.00 45.31 29.30
C PRO C 366 22.23 45.96 30.65
N GLU C 367 21.16 46.21 31.41
CA GLU C 367 21.28 46.81 32.75
C GLU C 367 22.15 45.94 33.70
N LYS C 368 21.82 44.65 33.79
CA LYS C 368 22.61 43.74 34.61
C LYS C 368 23.98 43.47 34.03
N THR C 369 24.04 43.40 32.70
CA THR C 369 25.30 43.33 32.00
C THR C 369 26.19 44.51 32.37
N ALA C 370 25.59 45.69 32.42
CA ALA C 370 26.38 46.88 32.66
C ALA C 370 26.87 46.94 34.14
N GLU C 371 26.09 46.36 35.05
CA GLU C 371 26.54 46.23 36.46
C GLU C 371 27.75 45.30 36.62
N ALA C 372 27.73 44.16 35.95
CA ALA C 372 28.68 43.08 36.26
C ALA C 372 29.88 42.89 35.30
N PHE C 373 29.66 43.17 34.02
CA PHE C 373 30.73 43.04 33.03
C PHE C 373 31.31 44.41 32.74
N PHE C 374 32.64 44.47 32.64
CA PHE C 374 33.33 45.70 32.34
C PHE C 374 34.63 45.36 31.62
N THR C 375 35.54 46.33 31.54
CA THR C 375 36.80 46.19 30.78
C THR C 375 37.94 46.57 31.69
N PHE C 376 38.92 45.70 31.80
CA PHE C 376 39.98 45.89 32.75
C PHE C 376 41.20 45.48 31.95
N LYS C 377 42.20 46.37 31.91
CA LYS C 377 43.54 46.03 31.44
C LYS C 377 43.45 45.42 30.03
N GLY C 378 42.52 45.95 29.23
CA GLY C 378 42.41 45.59 27.82
C GLY C 378 41.43 44.48 27.48
N GLN C 379 41.06 43.70 28.49
CA GLN C 379 40.24 42.51 28.32
C GLN C 379 38.87 42.58 28.96
N PRO C 380 37.88 41.84 28.40
CA PRO C 380 36.55 41.74 29.02
C PRO C 380 36.66 41.20 30.48
N ALA C 381 35.94 41.84 31.40
CA ALA C 381 36.13 41.59 32.79
C ALA C 381 34.80 41.32 33.49
N TYR C 382 34.83 40.50 34.53
CA TYR C 382 33.59 40.22 35.26
C TYR C 382 33.73 40.38 36.79
N HIS C 383 32.79 41.09 37.42
CA HIS C 383 32.70 41.18 38.87
C HIS C 383 32.06 39.88 39.38
N THR C 384 32.82 39.02 40.04
CA THR C 384 32.29 37.72 40.48
C THR C 384 31.27 37.79 41.62
N GLY C 385 31.38 38.81 42.46
CA GLY C 385 30.57 38.91 43.68
C GLY C 385 31.21 38.14 44.84
N ASP C 386 32.36 37.51 44.61
CA ASP C 386 33.02 36.80 45.69
C ASP C 386 34.11 37.64 46.32
N ILE C 387 34.29 37.52 47.64
CA ILE C 387 35.48 38.04 48.33
C ILE C 387 36.52 36.97 48.25
N GLY C 388 37.74 37.37 47.89
CA GLY C 388 38.86 36.44 47.91
C GLY C 388 40.15 37.17 48.14
N SER C 389 41.22 36.39 48.12
CA SER C 389 42.56 36.90 48.19
C SER C 389 43.36 36.02 47.25
N LEU C 390 44.63 36.33 47.08
CA LEU C 390 45.52 35.58 46.20
C LEU C 390 46.92 35.50 46.84
N THR C 391 47.48 34.30 46.90
CA THR C 391 48.74 34.12 47.64
C THR C 391 49.99 34.39 46.79
N GLU C 392 51.13 34.42 47.47
CA GLU C 392 52.39 34.65 46.81
C GLU C 392 52.78 33.54 45.85
N ASP C 393 52.35 32.31 46.11
CA ASP C 393 52.61 31.24 45.12
C ASP C 393 51.42 31.02 44.14
N ASN C 394 50.61 32.08 44.00
CA ASN C 394 49.58 32.25 42.96
C ASN C 394 48.35 31.33 43.10
N ILE C 395 48.01 31.03 44.36
CA ILE C 395 46.87 30.19 44.66
C ILE C 395 45.76 31.08 45.12
N LEU C 396 44.56 30.84 44.61
CA LEU C 396 43.39 31.67 44.94
C LEU C 396 42.64 31.08 46.13
N LEU C 397 42.31 31.93 47.08
CA LEU C 397 41.59 31.53 48.28
C LEU C 397 40.22 32.22 48.36
N TYR C 398 39.25 31.53 48.97
CA TYR C 398 37.86 31.97 48.97
C TYR C 398 37.42 32.44 50.32
N GLY C 399 36.80 33.62 50.36
CA GLY C 399 36.26 34.14 51.60
C GLY C 399 34.79 33.82 51.61
N GLY C 400 34.05 34.49 50.75
CA GLY C 400 32.65 34.20 50.63
C GLY C 400 32.02 35.14 49.64
N ARG C 401 30.72 35.26 49.76
CA ARG C 401 29.93 36.02 48.82
C ARG C 401 29.73 37.43 49.38
N LEU C 402 30.06 38.42 48.57
CA LEU C 402 30.06 39.82 48.95
C LEU C 402 28.80 40.21 49.71
N ASP C 403 27.66 39.79 49.17
CA ASP C 403 26.38 39.89 49.84
C ASP C 403 26.32 39.22 51.22
N PHE C 404 27.14 38.18 51.46
CA PHE C 404 27.10 37.48 52.77
C PHE C 404 28.06 37.99 53.83
N GLN C 405 28.69 39.14 53.58
CA GLN C 405 29.34 39.81 54.70
C GLN C 405 28.34 40.77 55.33
N ILE C 406 28.39 40.85 56.65
CA ILE C 406 27.37 41.54 57.40
C ILE C 406 28.02 42.40 58.47
N LYS C 407 27.20 43.24 59.11
CA LYS C 407 27.62 44.09 60.22
C LYS C 407 26.85 43.64 61.45
N TYR C 408 27.61 43.28 62.47
CA TYR C 408 27.07 42.84 63.75
C TYR C 408 28.08 43.22 64.82
N ALA C 409 27.60 43.81 65.91
CA ALA C 409 28.45 44.37 66.97
C ALA C 409 29.57 45.22 66.35
N GLY C 410 29.18 46.00 65.34
CA GLY C 410 30.10 46.84 64.56
C GLY C 410 31.38 46.15 64.08
N TYR C 411 31.24 44.92 63.60
CA TYR C 411 32.35 44.21 62.94
C TYR C 411 31.90 43.78 61.55
N ARG C 412 32.82 43.76 60.59
CA ARG C 412 32.53 43.15 59.28
C ARG C 412 32.76 41.63 59.39
N ILE C 413 31.68 40.88 59.19
CA ILE C 413 31.74 39.43 59.35
C ILE C 413 31.26 38.78 58.07
N GLU C 414 32.03 37.83 57.56
CA GLU C 414 31.47 36.94 56.53
C GLU C 414 30.97 35.68 57.20
N LEU C 415 29.77 35.30 56.82
CA LEU C 415 29.12 34.14 57.39
C LEU C 415 29.90 32.87 57.09
N GLU C 416 30.38 32.74 55.87
CA GLU C 416 31.13 31.56 55.48
C GLU C 416 32.37 31.31 56.34
N ASP C 417 33.04 32.37 56.77
CA ASP C 417 34.12 32.26 57.76
C ASP C 417 33.56 31.62 59.03
N VAL C 418 32.50 32.21 59.58
CA VAL C 418 31.89 31.63 60.78
C VAL C 418 31.56 30.15 60.55
N SER C 419 30.87 29.87 59.44
CA SER C 419 30.59 28.51 59.02
C SER C 419 31.78 27.55 59.06
N GLN C 420 32.89 27.94 58.45
CA GLN C 420 33.97 26.95 58.28
C GLN C 420 34.78 26.87 59.59
N GLN C 421 34.73 27.93 60.37
CA GLN C 421 35.35 27.95 61.69
C GLN C 421 34.62 26.89 62.58
N LEU C 422 33.30 26.79 62.42
CA LEU C 422 32.51 25.75 63.09
C LEU C 422 32.73 24.36 62.52
N ASN C 423 33.02 24.28 61.21
CA ASN C 423 33.20 22.98 60.57
C ASN C 423 34.43 22.25 61.09
N GLN C 424 35.22 22.98 61.85
CA GLN C 424 36.50 22.52 62.31
C GLN C 424 36.39 21.73 63.60
N SER C 425 35.24 21.89 64.27
CA SER C 425 34.86 21.13 65.41
C SER C 425 34.80 19.64 65.07
N PRO C 426 35.42 18.82 65.90
CA PRO C 426 35.42 17.37 65.69
C PRO C 426 34.01 16.79 65.66
N MET C 427 33.03 17.58 66.08
CA MET C 427 31.66 17.05 66.22
C MET C 427 30.72 17.47 65.09
N VAL C 428 31.11 18.51 64.35
CA VAL C 428 30.28 19.08 63.29
C VAL C 428 30.59 18.44 61.91
N ALA C 429 29.57 17.85 61.28
CA ALA C 429 29.75 17.41 59.90
C ALA C 429 29.62 18.58 58.95
N SER C 430 28.66 19.47 59.19
CA SER C 430 28.37 20.59 58.30
C SER C 430 27.68 21.74 59.05
N ALA C 431 28.20 22.97 58.92
CA ALA C 431 27.60 24.18 59.55
C ALA C 431 27.25 25.28 58.56
N VAL C 432 26.21 26.07 58.85
CA VAL C 432 25.88 27.28 58.08
C VAL C 432 25.50 28.40 59.02
N ALA C 433 26.39 29.35 59.22
CA ALA C 433 26.10 30.49 60.07
C ALA C 433 25.12 31.39 59.36
N VAL C 434 24.24 32.03 60.13
CA VAL C 434 23.04 32.68 59.59
C VAL C 434 22.60 33.85 60.49
N PRO C 435 22.24 35.00 59.88
CA PRO C 435 21.86 36.21 60.63
C PRO C 435 20.35 36.32 60.98
N ARG C 436 20.07 36.79 62.20
CA ARG C 436 18.70 37.19 62.57
C ARG C 436 18.58 38.73 62.62
N TYR C 437 17.75 39.28 61.73
CA TYR C 437 17.48 40.73 61.61
C TYR C 437 16.34 41.25 62.52
N ASN C 438 16.51 42.46 63.09
CA ASN C 438 15.42 43.08 63.88
C ASN C 438 14.32 43.81 63.07
N LYS C 439 13.57 44.69 63.73
CA LYS C 439 12.56 45.53 63.05
C LYS C 439 13.21 46.74 62.36
N GLU C 440 14.36 47.18 62.87
CA GLU C 440 15.16 48.25 62.23
C GLU C 440 16.10 47.67 61.18
N HIS C 441 15.85 46.41 60.80
CA HIS C 441 16.54 45.72 59.71
C HIS C 441 18.06 45.57 59.89
N LYS C 442 18.48 45.37 61.13
CA LYS C 442 19.91 45.17 61.46
C LYS C 442 20.15 43.76 62.07
N VAL C 443 21.40 43.44 62.36
CA VAL C 443 21.72 42.11 62.87
C VAL C 443 21.65 41.97 64.41
N GLN C 444 20.52 41.49 64.91
CA GLN C 444 20.34 41.16 66.33
C GLN C 444 21.35 40.10 66.82
N ASN C 445 21.40 38.97 66.11
CA ASN C 445 22.33 37.87 66.46
C ASN C 445 22.64 36.89 65.33
N LEU C 446 23.66 36.07 65.58
CA LEU C 446 24.05 34.96 64.71
C LEU C 446 23.60 33.60 65.24
N LEU C 447 23.05 32.82 64.32
CA LEU C 447 22.66 31.45 64.61
C LEU C 447 23.45 30.55 63.69
N ALA C 448 23.42 29.26 63.95
CA ALA C 448 23.95 28.32 63.00
C ALA C 448 23.04 27.10 62.91
N TYR C 449 22.76 26.69 61.67
CA TYR C 449 22.28 25.34 61.45
C TYR C 449 23.48 24.47 61.61
N ILE C 450 23.26 23.29 62.21
CA ILE C 450 24.34 22.34 62.46
C ILE C 450 23.89 20.94 62.14
N VAL C 451 24.69 20.23 61.35
CA VAL C 451 24.50 18.83 61.11
C VAL C 451 25.72 18.19 61.69
N VAL C 452 25.53 17.30 62.66
CA VAL C 452 26.61 16.70 63.43
C VAL C 452 27.12 15.44 62.78
N LYS C 453 28.35 15.05 63.09
CA LYS C 453 28.93 13.85 62.50
C LYS C 453 28.19 12.63 63.00
N ASP C 454 28.39 11.51 62.34
CA ASP C 454 27.81 10.23 62.73
C ASP C 454 28.33 9.84 64.14
N GLY C 455 27.45 9.26 64.95
CA GLY C 455 27.77 8.87 66.33
C GLY C 455 27.85 10.00 67.37
N VAL C 456 27.61 11.24 66.93
CA VAL C 456 27.73 12.35 67.84
C VAL C 456 26.49 12.51 68.70
N LYS C 457 25.30 12.34 68.12
CA LYS C 457 24.09 12.51 68.93
C LYS C 457 23.79 11.41 69.95
N GLU C 458 24.60 10.35 69.99
CA GLU C 458 24.41 9.28 70.95
C GLU C 458 25.13 9.60 72.24
N ARG C 459 26.13 10.47 72.15
CA ARG C 459 27.00 10.80 73.27
C ARG C 459 26.49 11.98 74.09
N PHE C 460 25.25 12.43 73.81
CA PHE C 460 24.60 13.57 74.52
C PHE C 460 23.09 13.36 74.72
N ASP C 461 22.64 13.53 75.96
CA ASP C 461 21.22 13.41 76.34
C ASP C 461 20.49 14.72 76.18
N ARG C 462 21.22 15.83 76.34
CA ARG C 462 20.63 17.15 76.03
C ARG C 462 21.42 17.91 74.96
N GLU C 463 20.64 18.51 74.07
CA GLU C 463 21.13 19.45 73.08
C GLU C 463 21.98 20.57 73.66
N LEU C 464 21.64 21.05 74.85
CA LEU C 464 22.49 21.97 75.58
C LEU C 464 23.93 21.49 75.78
N GLU C 465 24.11 20.27 76.30
CA GLU C 465 25.44 19.64 76.46
C GLU C 465 26.23 19.68 75.16
N LEU C 466 25.59 19.24 74.09
CA LEU C 466 26.24 19.10 72.78
C LEU C 466 26.71 20.46 72.26
N THR C 467 25.78 21.41 72.25
CA THR C 467 26.10 22.78 71.91
C THR C 467 27.26 23.34 72.71
N LYS C 468 27.35 23.02 74.01
CA LYS C 468 28.42 23.53 74.83
C LYS C 468 29.71 22.83 74.44
N ALA C 469 29.60 21.56 74.05
CA ALA C 469 30.81 20.84 73.66
C ALA C 469 31.37 21.40 72.33
N ILE C 470 30.47 21.69 71.38
CA ILE C 470 30.84 22.25 70.10
C ILE C 470 31.44 23.61 70.36
N LYS C 471 30.78 24.41 71.19
CA LYS C 471 31.29 25.76 71.44
C LYS C 471 32.65 25.70 72.14
N ALA C 472 32.79 24.78 73.09
CA ALA C 472 34.08 24.60 73.75
C ALA C 472 35.15 24.12 72.75
N SER C 473 34.76 23.28 71.80
CA SER C 473 35.70 22.71 70.83
C SER C 473 36.32 23.72 69.85
N VAL C 474 35.75 24.91 69.69
CA VAL C 474 36.30 25.89 68.75
C VAL C 474 36.72 27.21 69.37
N LYS C 475 36.56 27.40 70.68
CA LYS C 475 36.87 28.72 71.27
C LYS C 475 38.37 29.08 71.13
N ASP C 476 39.21 28.08 70.87
CA ASP C 476 40.64 28.37 70.68
C ASP C 476 40.94 29.03 69.31
N HIS C 477 39.95 29.03 68.41
CA HIS C 477 40.07 29.75 67.13
C HIS C 477 39.00 30.78 66.78
N MET C 478 37.78 30.57 67.23
CA MET C 478 36.74 31.60 67.06
C MET C 478 36.92 32.75 68.04
N MET C 479 36.54 33.96 67.61
CA MET C 479 36.51 35.10 68.51
C MET C 479 35.10 35.41 69.02
N SER C 480 35.04 36.07 70.18
CA SER C 480 33.78 36.29 70.89
C SER C 480 32.65 36.75 70.00
N TYR C 481 32.95 37.75 69.16
CA TYR C 481 31.93 38.49 68.41
C TYR C 481 31.43 37.72 67.21
N MET C 482 31.97 36.53 67.03
CA MET C 482 31.71 35.76 65.85
C MET C 482 30.94 34.49 66.19
N MET C 483 30.94 34.11 67.48
CA MET C 483 30.32 32.86 67.92
C MET C 483 28.81 33.03 67.93
N PRO C 484 28.08 32.14 67.24
CA PRO C 484 26.64 32.28 67.25
C PRO C 484 26.04 31.94 68.62
N SER C 485 24.86 32.50 68.88
CA SER C 485 24.10 32.25 70.10
C SER C 485 23.38 30.89 70.06
N LYS C 486 22.45 30.73 69.13
CA LYS C 486 21.65 29.52 69.07
C LYS C 486 22.05 28.61 67.90
N PHE C 487 22.08 27.30 68.16
CA PHE C 487 22.31 26.30 67.14
C PHE C 487 21.02 25.60 66.81
N LEU C 488 20.67 25.56 65.53
CA LEU C 488 19.56 24.76 65.02
C LEU C 488 20.05 23.45 64.42
N TYR C 489 19.61 22.33 64.98
CA TYR C 489 20.11 21.02 64.56
C TYR C 489 19.27 20.41 63.47
N ARG C 490 19.93 19.78 62.50
N ARG C 490 19.93 19.76 62.51
CA ARG C 490 19.29 19.11 61.36
CA ARG C 490 19.24 19.09 61.41
C ARG C 490 20.04 17.82 61.01
C ARG C 490 20.04 17.86 60.94
N ASP C 491 19.35 16.88 60.37
CA ASP C 491 20.00 15.66 59.90
C ASP C 491 20.61 15.84 58.52
N SER C 492 20.05 16.79 57.75
CA SER C 492 20.51 17.15 56.41
C SER C 492 20.08 18.59 56.13
N LEU C 493 20.83 19.28 55.28
CA LEU C 493 20.44 20.64 54.91
C LEU C 493 19.80 20.66 53.53
N PRO C 494 18.92 21.65 53.24
CA PRO C 494 18.25 21.65 51.92
C PRO C 494 19.19 22.05 50.76
N LEU C 495 19.00 21.43 49.61
CA LEU C 495 19.79 21.80 48.43
C LEU C 495 18.98 22.51 47.36
N THR C 496 19.63 23.44 46.63
CA THR C 496 19.04 24.14 45.49
C THR C 496 18.78 23.10 44.44
N PRO C 497 18.02 23.42 43.38
CA PRO C 497 17.86 22.39 42.34
C PRO C 497 19.18 22.02 41.65
N ASN C 498 20.16 22.91 41.68
CA ASN C 498 21.50 22.57 41.14
C ASN C 498 22.46 21.83 42.10
N GLY C 499 21.98 21.43 43.27
CA GLY C 499 22.79 20.61 44.20
C GLY C 499 23.66 21.38 45.19
N LYS C 500 23.32 22.63 45.45
CA LYS C 500 24.09 23.46 46.39
C LYS C 500 23.30 23.65 47.67
N ILE C 501 23.99 23.91 48.78
CA ILE C 501 23.33 24.14 50.02
C ILE C 501 22.59 25.43 49.80
N ASP C 502 21.28 25.38 50.03
CA ASP C 502 20.40 26.53 49.79
C ASP C 502 20.50 27.57 50.89
N ILE C 503 21.56 28.36 50.86
CA ILE C 503 21.81 29.40 51.87
C ILE C 503 20.69 30.44 51.99
N LYS C 504 20.01 30.71 50.87
CA LYS C 504 18.89 31.67 50.86
C LYS C 504 17.69 31.20 51.68
N THR C 505 17.20 29.99 51.41
CA THR C 505 16.11 29.39 52.17
C THR C 505 16.44 29.33 53.66
N LEU C 506 17.67 28.97 54.02
CA LEU C 506 18.00 28.85 55.41
C LEU C 506 17.98 30.22 56.08
N ILE C 507 18.37 31.26 55.36
CA ILE C 507 18.37 32.59 55.95
C ILE C 507 16.93 33.03 56.24
N ASN C 508 16.04 32.83 55.26
CA ASN C 508 14.64 33.19 55.40
C ASN C 508 13.96 32.43 56.53
N GLU C 509 14.28 31.14 56.70
CA GLU C 509 13.62 30.36 57.73
C GLU C 509 13.67 31.06 59.10
N VAL C 510 14.81 31.66 59.45
CA VAL C 510 14.92 32.42 60.72
C VAL C 510 14.45 33.89 60.67
N ASN C 511 13.91 34.34 59.53
CA ASN C 511 13.39 35.71 59.37
C ASN C 511 11.96 35.83 58.79
N SER D 2 -56.62 3.01 17.43
CA SER D 2 -56.73 3.54 16.02
C SER D 2 -55.99 4.88 15.81
N LEU D 3 -55.73 5.23 14.55
CA LEU D 3 -55.00 6.46 14.16
C LEU D 3 -55.63 7.77 14.56
N LYS D 4 -54.82 8.67 15.11
CA LYS D 4 -55.35 10.00 15.49
C LYS D 4 -54.63 11.18 14.81
N ASP D 5 -53.39 10.94 14.36
CA ASP D 5 -52.53 11.99 13.80
C ASP D 5 -51.29 11.39 13.15
N MET D 6 -51.09 11.63 11.87
CA MET D 6 -49.91 11.01 11.23
C MET D 6 -48.55 11.42 11.85
N ILE D 7 -48.41 12.70 12.19
CA ILE D 7 -47.23 13.22 12.86
C ILE D 7 -47.06 12.59 14.26
N ASP D 8 -48.16 12.45 15.02
CA ASP D 8 -48.14 11.79 16.34
C ASP D 8 -47.56 10.37 16.21
N SER D 9 -48.05 9.63 15.22
CA SER D 9 -47.61 8.27 14.99
C SER D 9 -46.11 8.20 14.78
N ILE D 10 -45.55 9.11 13.98
CA ILE D 10 -44.13 8.96 13.63
C ILE D 10 -43.21 9.55 14.69
N GLU D 11 -43.74 10.46 15.48
CA GLU D 11 -43.04 10.99 16.63
C GLU D 11 -42.82 9.84 17.62
N GLN D 12 -43.89 9.08 17.86
CA GLN D 12 -43.82 7.96 18.80
C GLN D 12 -42.79 6.89 18.38
N PHE D 13 -42.83 6.45 17.11
CA PHE D 13 -41.81 5.52 16.60
C PHE D 13 -40.37 6.04 16.75
N ALA D 14 -40.22 7.35 16.90
CA ALA D 14 -38.89 7.91 17.12
C ALA D 14 -38.40 7.58 18.56
N GLN D 15 -39.34 7.50 19.49
CA GLN D 15 -39.11 7.01 20.85
C GLN D 15 -38.89 5.48 20.90
N THR D 16 -39.85 4.76 20.33
CA THR D 16 -40.01 3.33 20.55
C THR D 16 -39.16 2.47 19.63
N GLN D 17 -38.71 3.08 18.51
CA GLN D 17 -37.82 2.37 17.54
C GLN D 17 -36.81 3.29 16.83
N ALA D 18 -36.23 4.16 17.64
CA ALA D 18 -35.28 5.17 17.19
C ALA D 18 -34.39 4.70 16.04
N ASP D 19 -33.87 3.47 16.11
CA ASP D 19 -32.89 3.01 15.10
C ASP D 19 -33.47 2.11 14.00
N PHE D 20 -34.79 1.92 14.01
CA PHE D 20 -35.42 1.23 12.89
C PHE D 20 -35.42 2.03 11.57
N PRO D 21 -35.02 1.40 10.47
CA PRO D 21 -35.00 2.14 9.19
C PRO D 21 -36.40 2.56 8.72
N VAL D 22 -36.57 3.87 8.52
CA VAL D 22 -37.75 4.39 7.89
C VAL D 22 -37.67 4.35 6.35
N TYR D 23 -36.46 4.36 5.80
CA TYR D 23 -36.27 4.65 4.38
C TYR D 23 -34.99 3.99 3.86
N ASP D 24 -35.06 3.37 2.69
CA ASP D 24 -33.93 2.63 2.13
C ASP D 24 -33.84 2.80 0.61
N CYS D 25 -32.78 3.45 0.17
CA CYS D 25 -32.50 3.57 -1.22
C CYS D 25 -31.22 2.81 -1.44
N LEU D 26 -31.37 1.57 -1.91
CA LEU D 26 -30.25 0.64 -2.14
C LEU D 26 -29.21 0.61 -1.02
N GLY D 27 -29.57 -0.05 0.08
CA GLY D 27 -28.65 -0.30 1.19
C GLY D 27 -28.40 0.91 2.09
N GLU D 28 -28.45 2.12 1.50
CA GLU D 28 -28.25 3.38 2.21
C GLU D 28 -29.50 3.81 3.01
N ARG D 29 -29.39 3.75 4.34
CA ARG D 29 -30.57 3.84 5.21
C ARG D 29 -30.68 5.12 6.03
N ARG D 30 -31.91 5.51 6.34
CA ARG D 30 -32.21 6.55 7.35
C ARG D 30 -33.25 5.94 8.30
N THR D 31 -33.29 6.41 9.56
CA THR D 31 -34.07 5.76 10.62
C THR D 31 -35.15 6.64 11.25
N TYR D 32 -36.08 6.04 11.99
CA TYR D 32 -37.15 6.83 12.58
C TYR D 32 -36.63 7.96 13.42
N GLY D 33 -35.45 7.77 14.00
CA GLY D 33 -34.88 8.74 14.91
C GLY D 33 -34.37 9.91 14.08
N GLN D 34 -33.65 9.56 13.01
CA GLN D 34 -33.09 10.54 12.09
C GLN D 34 -34.17 11.31 11.36
N LEU D 35 -35.29 10.65 11.08
CA LEU D 35 -36.40 11.35 10.41
C LEU D 35 -36.93 12.42 11.33
N LYS D 36 -37.08 12.08 12.61
CA LYS D 36 -37.58 13.03 13.58
C LYS D 36 -36.57 14.19 13.68
N ARG D 37 -35.28 13.85 13.72
CA ARG D 37 -34.26 14.88 13.91
C ARG D 37 -34.23 15.86 12.75
N ASP D 38 -34.20 15.31 11.52
CA ASP D 38 -34.11 16.08 10.30
C ASP D 38 -35.38 16.89 10.03
N SER D 39 -36.53 16.36 10.40
CA SER D 39 -37.76 17.09 10.08
C SER D 39 -38.08 18.18 11.08
N ASP D 40 -37.54 18.07 12.29
CA ASP D 40 -37.73 19.10 13.32
C ASP D 40 -36.90 20.31 12.91
N SER D 41 -35.64 20.02 12.59
CA SER D 41 -34.69 21.00 12.11
C SER D 41 -35.22 21.79 10.90
N ILE D 42 -35.59 21.08 9.84
CA ILE D 42 -36.20 21.68 8.64
C ILE D 42 -37.46 22.44 8.99
N ALA D 43 -38.27 21.91 9.90
CA ALA D 43 -39.49 22.61 10.34
C ALA D 43 -39.21 23.94 11.02
N ALA D 44 -38.18 23.98 11.87
CA ALA D 44 -37.72 25.24 12.50
C ALA D 44 -37.34 26.27 11.42
N PHE D 45 -36.56 25.83 10.45
CA PHE D 45 -36.19 26.66 9.30
C PHE D 45 -37.41 27.34 8.66
N ILE D 46 -38.45 26.57 8.41
CA ILE D 46 -39.61 27.07 7.67
C ILE D 46 -40.33 28.20 8.39
N ASP D 47 -40.48 28.10 9.72
CA ASP D 47 -41.08 29.22 10.53
C ASP D 47 -40.20 30.46 10.51
N SER D 48 -38.89 30.25 10.55
CA SER D 48 -37.93 31.34 10.45
C SER D 48 -38.02 32.06 9.09
N LEU D 49 -38.97 31.67 8.24
CA LEU D 49 -39.20 32.36 6.98
C LEU D 49 -40.48 33.16 7.02
N ALA D 50 -41.23 32.98 8.10
CA ALA D 50 -42.45 33.74 8.36
C ALA D 50 -43.34 33.89 7.10
N LEU D 51 -43.60 32.75 6.46
CA LEU D 51 -44.55 32.64 5.36
C LEU D 51 -45.95 32.88 5.87
N LEU D 52 -46.87 33.23 4.95
CA LEU D 52 -48.30 33.30 5.29
C LEU D 52 -48.78 31.98 5.92
N ALA D 53 -49.62 32.08 6.95
CA ALA D 53 -49.88 30.96 7.89
C ALA D 53 -50.16 29.55 7.36
N LYS D 54 -51.36 29.32 6.85
CA LYS D 54 -51.71 27.93 6.51
C LYS D 54 -51.55 27.73 5.01
N SER D 55 -50.41 28.15 4.48
CA SER D 55 -50.23 28.29 3.05
C SER D 55 -49.46 27.11 2.45
N PRO D 56 -49.86 26.68 1.24
CA PRO D 56 -49.25 25.49 0.67
C PRO D 56 -47.85 25.79 0.17
N VAL D 57 -47.00 24.77 0.15
CA VAL D 57 -45.62 24.92 -0.29
C VAL D 57 -45.35 23.93 -1.40
N LEU D 58 -44.68 24.35 -2.48
CA LEU D 58 -44.42 23.42 -3.55
C LEU D 58 -43.11 22.70 -3.29
N VAL D 59 -43.14 21.37 -3.34
CA VAL D 59 -41.95 20.56 -3.12
C VAL D 59 -41.62 19.82 -4.39
N PHE D 60 -40.41 20.06 -4.90
CA PHE D 60 -40.08 19.63 -6.25
C PHE D 60 -38.90 18.69 -6.16
N GLY D 61 -39.08 17.47 -6.65
CA GLY D 61 -38.02 16.45 -6.54
C GLY D 61 -38.49 15.08 -7.02
N ALA D 62 -37.65 14.07 -6.81
CA ALA D 62 -38.00 12.72 -7.16
C ALA D 62 -38.46 11.97 -5.92
N GLN D 63 -37.75 10.91 -5.57
CA GLN D 63 -38.17 10.14 -4.41
C GLN D 63 -37.00 9.90 -3.45
N THR D 64 -36.11 10.88 -3.32
CA THR D 64 -35.05 10.81 -2.33
C THR D 64 -35.61 11.10 -0.92
N TYR D 65 -34.83 10.71 0.08
CA TYR D 65 -35.17 10.86 1.50
C TYR D 65 -35.53 12.29 1.92
N ASP D 66 -34.89 13.29 1.32
CA ASP D 66 -35.20 14.68 1.70
C ASP D 66 -36.65 15.03 1.38
N MET D 67 -37.20 14.42 0.33
CA MET D 67 -38.61 14.63 0.00
C MET D 67 -39.44 14.27 1.24
N LEU D 68 -39.21 13.06 1.75
CA LEU D 68 -39.97 12.58 2.90
C LEU D 68 -39.76 13.48 4.10
N ALA D 69 -38.50 13.84 4.36
CA ALA D 69 -38.21 14.71 5.52
C ALA D 69 -38.91 16.02 5.40
N THR D 70 -38.88 16.58 4.18
CA THR D 70 -39.49 17.90 3.93
C THR D 70 -41.00 17.85 4.12
N PHE D 71 -41.64 16.79 3.63
CA PHE D 71 -43.09 16.67 3.79
C PHE D 71 -43.45 16.72 5.26
N VAL D 72 -42.78 15.88 6.06
CA VAL D 72 -43.04 15.80 7.50
C VAL D 72 -42.81 17.16 8.11
N ALA D 73 -41.64 17.71 7.83
CA ALA D 73 -41.31 19.09 8.21
C ALA D 73 -42.47 20.01 7.97
N LEU D 74 -42.94 20.08 6.71
CA LEU D 74 -44.09 20.94 6.37
C LEU D 74 -45.37 20.66 7.12
N THR D 75 -45.72 19.39 7.36
CA THR D 75 -46.94 19.10 8.15
C THR D 75 -46.77 19.61 9.59
N LYS D 76 -45.56 19.42 10.13
CA LYS D 76 -45.27 19.80 11.50
C LYS D 76 -45.43 21.29 11.61
N SER D 77 -44.95 22.02 10.61
CA SER D 77 -45.09 23.48 10.64
C SER D 77 -46.38 24.06 10.06
N GLY D 78 -47.36 23.23 9.72
CA GLY D 78 -48.70 23.78 9.45
C GLY D 78 -49.05 24.06 8.00
N HIS D 79 -48.18 23.61 7.10
CA HIS D 79 -48.31 23.87 5.68
C HIS D 79 -48.56 22.60 4.89
N ALA D 80 -49.55 22.65 3.99
CA ALA D 80 -49.77 21.55 3.04
C ALA D 80 -48.62 21.52 2.04
N TYR D 81 -48.28 20.36 1.51
CA TYR D 81 -47.32 20.35 0.43
C TYR D 81 -47.96 20.01 -0.92
N ILE D 82 -47.38 20.55 -1.99
CA ILE D 82 -47.70 20.19 -3.36
C ILE D 82 -46.49 19.48 -3.93
N PRO D 83 -46.57 18.15 -4.02
CA PRO D 83 -45.43 17.45 -4.60
C PRO D 83 -45.45 17.56 -6.11
N VAL D 84 -44.33 17.93 -6.73
CA VAL D 84 -44.22 17.92 -8.17
C VAL D 84 -42.97 17.12 -8.61
N ASP D 85 -43.16 16.12 -9.47
CA ASP D 85 -42.04 15.27 -9.91
C ASP D 85 -41.08 15.97 -10.87
N VAL D 86 -39.80 15.68 -10.68
CA VAL D 86 -38.72 16.12 -11.50
C VAL D 86 -38.96 15.81 -13.00
N HIS D 87 -39.93 14.97 -13.32
CA HIS D 87 -40.13 14.70 -14.74
C HIS D 87 -41.28 15.51 -15.32
N SER D 88 -41.90 16.37 -14.52
CA SER D 88 -43.02 17.16 -15.02
C SER D 88 -42.57 18.10 -16.12
N ALA D 89 -43.46 18.33 -17.09
CA ALA D 89 -43.23 19.35 -18.11
C ALA D 89 -43.35 20.73 -17.47
N PRO D 90 -42.53 21.68 -17.92
CA PRO D 90 -42.63 23.10 -17.55
C PRO D 90 -44.03 23.72 -17.61
N GLU D 91 -44.78 23.46 -18.69
CA GLU D 91 -46.17 24.00 -18.82
C GLU D 91 -46.97 23.60 -17.60
N ARG D 92 -46.72 22.37 -17.12
CA ARG D 92 -47.42 21.82 -15.95
C ARG D 92 -46.96 22.46 -14.62
N ILE D 93 -45.65 22.61 -14.45
CA ILE D 93 -45.11 23.23 -13.26
C ILE D 93 -45.60 24.66 -13.13
N LEU D 94 -45.46 25.44 -14.21
CA LEU D 94 -45.96 26.83 -14.23
C LEU D 94 -47.45 26.93 -13.98
N ALA D 95 -48.20 25.96 -14.49
CA ALA D 95 -49.63 25.97 -14.29
C ALA D 95 -50.00 25.71 -12.79
N ILE D 96 -49.31 24.75 -12.14
CA ILE D 96 -49.50 24.48 -10.70
C ILE D 96 -49.17 25.72 -9.86
N ILE D 97 -48.09 26.38 -10.17
CA ILE D 97 -47.73 27.63 -9.50
C ILE D 97 -48.81 28.72 -9.63
N GLU D 98 -49.36 28.88 -10.83
CA GLU D 98 -50.47 29.81 -11.10
C GLU D 98 -51.68 29.45 -10.28
N ILE D 99 -52.06 28.19 -10.30
CA ILE D 99 -53.30 27.79 -9.62
C ILE D 99 -53.12 27.70 -8.10
N ALA D 100 -51.99 27.15 -7.67
CA ALA D 100 -51.82 26.91 -6.25
C ALA D 100 -51.37 28.16 -5.45
N LYS D 101 -50.77 29.13 -6.15
CA LYS D 101 -50.22 30.31 -5.47
C LYS D 101 -49.38 29.89 -4.25
N PRO D 102 -48.38 29.00 -4.43
CA PRO D 102 -47.60 28.60 -3.28
C PRO D 102 -46.94 29.80 -2.63
N SER D 103 -46.48 29.63 -1.40
CA SER D 103 -45.83 30.72 -0.69
C SER D 103 -44.34 30.48 -0.63
N LEU D 104 -43.87 29.37 -1.23
CA LEU D 104 -42.50 28.93 -1.15
C LEU D 104 -42.31 27.72 -2.06
N ILE D 105 -41.09 27.54 -2.56
CA ILE D 105 -40.77 26.42 -3.43
C ILE D 105 -39.50 25.75 -2.94
N ILE D 106 -39.57 24.45 -2.69
CA ILE D 106 -38.42 23.77 -2.17
C ILE D 106 -37.90 22.84 -3.23
N ALA D 107 -36.75 23.15 -3.80
CA ALA D 107 -36.21 22.34 -4.88
C ALA D 107 -35.22 21.30 -4.35
N ILE D 108 -35.71 20.09 -4.08
CA ILE D 108 -34.85 19.04 -3.60
C ILE D 108 -33.99 18.60 -4.75
N GLU D 109 -34.54 18.69 -5.95
CA GLU D 109 -33.78 18.49 -7.18
C GLU D 109 -33.66 19.84 -7.87
N GLU D 110 -32.64 20.00 -8.71
CA GLU D 110 -32.42 21.24 -9.47
C GLU D 110 -33.69 21.71 -10.17
N PHE D 111 -34.18 22.87 -9.77
CA PHE D 111 -35.36 23.45 -10.34
C PHE D 111 -35.09 24.06 -11.72
N PRO D 112 -35.94 23.76 -12.74
CA PRO D 112 -35.65 24.14 -14.15
C PRO D 112 -36.23 25.47 -14.68
N LEU D 113 -36.61 26.38 -13.79
CA LEU D 113 -37.17 27.68 -14.18
C LEU D 113 -36.71 28.77 -13.22
N THR D 114 -37.08 30.01 -13.55
CA THR D 114 -36.99 31.09 -12.60
C THR D 114 -38.34 31.75 -12.48
N ILE D 115 -38.65 32.20 -11.27
CA ILE D 115 -39.81 33.07 -11.05
C ILE D 115 -39.52 34.06 -9.94
N GLU D 116 -39.78 35.34 -10.20
CA GLU D 116 -39.73 36.31 -9.13
C GLU D 116 -41.00 36.17 -8.32
N GLY D 117 -40.98 36.69 -7.10
CA GLY D 117 -42.20 36.83 -6.30
C GLY D 117 -42.46 35.68 -5.34
N ILE D 118 -41.66 34.61 -5.47
CA ILE D 118 -41.77 33.41 -4.65
C ILE D 118 -40.36 32.93 -4.33
N SER D 119 -40.06 32.75 -3.05
CA SER D 119 -38.71 32.33 -2.62
C SER D 119 -38.45 30.86 -2.93
N LEU D 120 -37.18 30.53 -3.12
CA LEU D 120 -36.75 29.21 -3.51
C LEU D 120 -35.69 28.65 -2.57
N VAL D 121 -36.01 27.53 -1.92
CA VAL D 121 -35.09 26.94 -0.99
C VAL D 121 -34.25 25.88 -1.68
N SER D 122 -32.94 25.96 -1.48
CA SER D 122 -31.97 25.12 -2.18
C SER D 122 -31.85 23.75 -1.47
N LEU D 123 -31.38 22.74 -2.21
CA LEU D 123 -31.10 21.44 -1.64
C LEU D 123 -29.95 21.59 -0.64
N SER D 124 -28.97 22.42 -0.98
CA SER D 124 -27.83 22.64 -0.08
C SER D 124 -28.27 23.45 1.14
N GLU D 125 -29.33 24.25 0.98
CA GLU D 125 -29.92 24.94 2.11
C GLU D 125 -30.64 23.95 3.00
N ILE D 126 -31.38 23.04 2.38
CA ILE D 126 -32.12 22.01 3.09
C ILE D 126 -31.12 21.13 3.85
N GLU D 127 -30.03 20.72 3.20
CA GLU D 127 -29.02 19.87 3.87
C GLU D 127 -28.33 20.60 5.04
N SER D 128 -28.17 21.92 4.90
CA SER D 128 -27.62 22.76 5.95
C SER D 128 -28.60 22.93 7.13
N ALA D 129 -29.90 22.97 6.88
CA ALA D 129 -30.87 23.07 7.97
C ALA D 129 -30.90 21.78 8.81
N LYS D 130 -30.74 20.65 8.16
CA LYS D 130 -30.68 19.35 8.83
C LYS D 130 -29.43 19.23 9.72
N LEU D 131 -28.31 19.81 9.27
CA LEU D 131 -27.06 19.80 10.03
C LEU D 131 -27.09 20.69 11.29
N ALA D 132 -27.82 21.80 11.24
CA ALA D 132 -27.90 22.68 12.40
C ALA D 132 -28.79 22.09 13.48
N GLU D 133 -28.90 20.76 13.50
CA GLU D 133 -29.87 19.99 14.33
C GLU D 133 -30.76 20.80 15.30
N MET D 134 -31.56 21.72 14.75
CA MET D 134 -32.40 22.60 15.56
C MET D 134 -33.59 21.83 16.15
N PRO D 135 -34.01 22.16 17.40
CA PRO D 135 -35.21 21.58 18.00
C PRO D 135 -36.49 22.03 17.31
N TYR D 136 -37.62 21.41 17.67
CA TYR D 136 -38.94 21.87 17.23
C TYR D 136 -40.05 21.44 18.19
N GLU D 137 -40.90 22.41 18.59
CA GLU D 137 -42.09 22.13 19.39
C GLU D 137 -43.24 22.43 18.50
N ARG D 138 -44.25 21.56 18.51
CA ARG D 138 -45.33 21.69 17.56
C ARG D 138 -46.50 22.44 18.19
N THR D 139 -46.66 23.69 17.75
CA THR D 139 -47.76 24.55 18.21
C THR D 139 -48.83 24.83 17.13
N HIS D 140 -48.49 24.67 15.86
CA HIS D 140 -49.46 24.94 14.80
C HIS D 140 -49.45 23.90 13.65
N SER D 141 -49.30 22.62 14.00
CA SER D 141 -49.36 21.51 13.03
C SER D 141 -50.68 21.51 12.24
N VAL D 142 -50.61 21.02 11.01
CA VAL D 142 -51.86 20.85 10.28
C VAL D 142 -52.70 19.80 11.00
N LYS D 143 -53.94 20.16 11.26
CA LYS D 143 -54.92 19.36 11.99
C LYS D 143 -56.28 19.40 11.29
N GLY D 144 -57.13 18.41 11.60
CA GLY D 144 -58.51 18.34 11.10
C GLY D 144 -58.69 18.56 9.60
N ASP D 145 -59.40 19.63 9.25
CA ASP D 145 -59.64 19.98 7.84
C ASP D 145 -58.54 20.75 7.15
N ASP D 146 -57.41 21.00 7.81
CA ASP D 146 -56.35 21.71 7.12
C ASP D 146 -55.83 20.76 6.05
N ASN D 147 -55.57 21.32 4.88
CA ASN D 147 -54.91 20.57 3.85
C ASN D 147 -53.64 19.90 4.38
N TYR D 148 -53.50 18.61 4.09
CA TYR D 148 -52.27 17.85 4.34
C TYR D 148 -51.42 17.86 3.06
N TYR D 149 -52.05 17.59 1.92
CA TYR D 149 -51.37 17.78 0.65
C TYR D 149 -52.37 18.20 -0.41
N ILE D 150 -51.81 18.66 -1.53
CA ILE D 150 -52.58 18.96 -2.70
C ILE D 150 -51.86 18.31 -3.83
N ILE D 151 -52.58 17.44 -4.52
CA ILE D 151 -52.04 16.69 -5.61
C ILE D 151 -52.79 17.07 -6.87
N PHE D 152 -52.06 17.23 -7.96
CA PHE D 152 -52.70 17.70 -9.16
C PHE D 152 -53.10 16.62 -10.11
N THR D 153 -54.30 16.79 -10.62
CA THR D 153 -55.00 15.89 -11.49
C THR D 153 -54.59 16.24 -12.92
N SER D 154 -55.28 15.64 -13.89
CA SER D 154 -55.42 16.17 -15.28
C SER D 154 -56.73 15.63 -15.94
N THR D 157 -58.69 16.05 -18.56
CA THR D 157 -59.01 16.79 -19.80
C THR D 157 -57.84 17.69 -20.25
N GLY D 158 -58.07 19.00 -20.20
CA GLY D 158 -57.11 20.00 -20.66
C GLY D 158 -56.53 20.94 -19.60
N GLN D 159 -56.88 20.76 -18.32
CA GLN D 159 -56.30 21.61 -17.24
C GLN D 159 -56.13 20.86 -15.91
N PRO D 160 -54.94 20.99 -15.29
CA PRO D 160 -54.64 20.45 -13.96
C PRO D 160 -55.55 21.05 -12.90
N LYS D 161 -56.11 20.20 -12.04
CA LYS D 161 -56.89 20.64 -10.88
C LYS D 161 -56.23 20.09 -9.61
N GLY D 162 -56.23 20.88 -8.55
CA GLY D 162 -55.46 20.55 -7.37
C GLY D 162 -56.35 19.98 -6.29
N VAL D 163 -56.21 18.69 -6.00
CA VAL D 163 -57.09 18.04 -5.07
C VAL D 163 -56.59 18.30 -3.64
N GLN D 164 -57.50 18.77 -2.80
CA GLN D 164 -57.16 19.17 -1.44
C GLN D 164 -57.46 18.05 -0.47
N ILE D 165 -56.42 17.41 0.04
CA ILE D 165 -56.60 16.31 0.98
C ILE D 165 -56.24 16.75 2.38
N SER D 166 -57.20 16.73 3.28
CA SER D 166 -56.97 17.09 4.66
C SER D 166 -56.36 15.96 5.50
N HIS D 167 -55.89 16.30 6.69
CA HIS D 167 -55.45 15.30 7.68
C HIS D 167 -56.58 14.30 7.93
N ASP D 168 -57.81 14.80 8.13
CA ASP D 168 -58.95 13.91 8.40
C ASP D 168 -59.25 12.97 7.26
N ASN D 169 -59.22 13.50 6.02
CA ASN D 169 -59.37 12.67 4.83
C ASN D 169 -58.38 11.52 4.95
N LEU D 170 -57.09 11.88 5.03
CA LEU D 170 -56.00 10.92 5.13
C LEU D 170 -56.14 9.90 6.24
N LEU D 171 -56.72 10.27 7.38
CA LEU D 171 -56.91 9.28 8.44
C LEU D 171 -58.05 8.37 8.12
N SER D 172 -59.05 8.91 7.44
CA SER D 172 -60.12 8.11 6.90
C SER D 172 -59.59 6.98 6.00
N PHE D 173 -58.75 7.31 5.03
CA PHE D 173 -58.06 6.30 4.23
C PHE D 173 -57.09 5.36 5.01
N THR D 174 -56.25 5.93 5.87
CA THR D 174 -55.18 5.14 6.43
C THR D 174 -55.73 4.14 7.48
N ASN D 175 -56.57 4.63 8.39
CA ASN D 175 -57.22 3.72 9.35
C ASN D 175 -57.84 2.51 8.67
N TRP D 176 -58.61 2.78 7.62
CA TRP D 176 -59.29 1.76 6.87
C TRP D 176 -58.28 0.80 6.27
N MET D 177 -57.30 1.33 5.54
CA MET D 177 -56.35 0.45 4.90
C MET D 177 -55.72 -0.55 5.88
N ILE D 178 -55.35 -0.09 7.08
CA ILE D 178 -54.61 -0.92 8.05
C ILE D 178 -55.48 -1.80 9.00
N GLU D 179 -56.81 -1.60 8.94
CA GLU D 179 -57.78 -2.50 9.59
C GLU D 179 -58.47 -3.47 8.61
N ASP D 180 -58.12 -3.39 7.32
CA ASP D 180 -58.82 -4.13 6.32
C ASP D 180 -58.22 -5.54 6.10
N ALA D 181 -59.09 -6.54 6.13
CA ALA D 181 -58.68 -7.95 6.00
C ALA D 181 -58.06 -8.25 4.64
N ALA D 182 -58.61 -7.64 3.60
CA ALA D 182 -58.03 -7.79 2.28
C ALA D 182 -56.56 -7.31 2.25
N PHE D 183 -56.28 -6.05 2.62
CA PHE D 183 -54.91 -5.54 2.53
C PHE D 183 -54.01 -6.31 3.44
N ASP D 184 -54.53 -6.62 4.63
CA ASP D 184 -53.82 -7.41 5.61
C ASP D 184 -52.43 -6.84 5.86
N VAL D 185 -52.33 -5.59 6.28
CA VAL D 185 -51.01 -4.96 6.39
C VAL D 185 -50.25 -5.44 7.64
N PRO D 186 -49.05 -6.01 7.44
CA PRO D 186 -48.22 -6.50 8.55
C PRO D 186 -47.58 -5.37 9.33
N LYS D 187 -47.04 -5.68 10.51
CA LYS D 187 -46.39 -4.67 11.33
C LYS D 187 -45.06 -4.38 10.65
N GLN D 188 -44.68 -3.10 10.69
CA GLN D 188 -43.40 -2.65 10.15
C GLN D 188 -43.25 -3.13 8.72
N PRO D 189 -44.24 -2.82 7.89
CA PRO D 189 -44.31 -3.28 6.50
C PRO D 189 -43.09 -2.84 5.72
N GLN D 190 -42.50 -3.76 4.96
CA GLN D 190 -41.38 -3.44 4.15
C GLN D 190 -41.93 -3.17 2.77
N MET D 191 -42.09 -1.89 2.43
CA MET D 191 -42.88 -1.47 1.26
C MET D 191 -42.05 -0.90 0.11
N LEU D 192 -42.23 -1.45 -1.09
CA LEU D 192 -41.66 -0.80 -2.26
C LEU D 192 -42.22 0.63 -2.37
N ALA D 193 -41.37 1.58 -2.72
CA ALA D 193 -41.86 2.95 -2.86
C ALA D 193 -41.58 3.45 -4.30
N GLN D 194 -42.31 2.84 -5.24
CA GLN D 194 -42.11 3.08 -6.68
C GLN D 194 -42.92 4.24 -7.24
N PRO D 195 -44.24 4.31 -6.95
CA PRO D 195 -44.93 5.46 -7.54
C PRO D 195 -44.41 6.79 -7.01
N PRO D 196 -44.45 7.84 -7.84
CA PRO D 196 -43.93 9.16 -7.50
C PRO D 196 -44.83 9.84 -6.52
N TYR D 197 -44.27 10.74 -5.71
CA TYR D 197 -45.03 11.49 -4.75
C TYR D 197 -46.10 12.38 -5.33
N SER D 198 -45.95 12.78 -6.59
CA SER D 198 -46.95 13.62 -7.27
C SER D 198 -48.24 12.87 -7.69
N PHE D 199 -48.17 11.54 -7.79
CA PHE D 199 -49.31 10.68 -8.06
C PHE D 199 -49.76 10.07 -6.73
N ASP D 200 -51.04 10.27 -6.38
CA ASP D 200 -51.53 9.87 -5.06
C ASP D 200 -51.54 8.36 -4.74
N LEU D 201 -51.20 7.53 -5.70
CA LEU D 201 -50.89 6.14 -5.43
C LEU D 201 -49.73 5.99 -4.41
N SER D 202 -48.72 6.82 -4.50
CA SER D 202 -47.68 6.92 -3.47
C SER D 202 -48.23 6.98 -2.01
N VAL D 203 -49.45 7.54 -1.82
CA VAL D 203 -50.04 7.55 -0.48
C VAL D 203 -50.28 6.12 0.07
N MET D 204 -50.70 5.20 -0.80
CA MET D 204 -50.86 3.76 -0.43
C MET D 204 -49.57 3.08 0.09
N TYR D 205 -48.38 3.60 -0.24
CA TYR D 205 -47.20 3.05 0.43
C TYR D 205 -46.81 3.88 1.64
N TRP D 206 -46.80 5.21 1.54
CA TRP D 206 -46.21 5.96 2.65
C TRP D 206 -47.13 6.13 3.86
N ALA D 207 -48.40 6.40 3.65
CA ALA D 207 -49.33 6.49 4.78
C ALA D 207 -49.30 5.26 5.73
N PRO D 208 -49.56 4.02 5.22
CA PRO D 208 -49.59 2.91 6.14
C PRO D 208 -48.23 2.59 6.70
N THR D 209 -47.19 2.70 5.90
CA THR D 209 -45.84 2.44 6.35
C THR D 209 -45.54 3.27 7.59
N LEU D 210 -45.66 4.59 7.44
CA LEU D 210 -45.29 5.47 8.53
C LEU D 210 -46.25 5.30 9.68
N ALA D 211 -47.44 4.80 9.40
CA ALA D 211 -48.40 4.60 10.48
C ALA D 211 -48.10 3.31 11.26
N LEU D 212 -47.42 2.37 10.64
CA LEU D 212 -47.16 1.07 11.25
C LEU D 212 -45.67 0.83 11.48
N GLY D 213 -44.87 1.89 11.45
CA GLY D 213 -43.46 1.80 11.78
C GLY D 213 -42.59 1.07 10.79
N GLY D 214 -43.01 1.00 9.52
CA GLY D 214 -42.26 0.23 8.52
C GLY D 214 -41.12 0.97 7.84
N THR D 215 -40.67 0.43 6.71
CA THR D 215 -39.57 0.99 5.94
C THR D 215 -39.99 1.10 4.45
N LEU D 216 -39.59 2.18 3.79
CA LEU D 216 -39.84 2.36 2.36
C LEU D 216 -38.59 2.14 1.53
N PHE D 217 -38.76 1.51 0.39
CA PHE D 217 -37.66 1.13 -0.46
C PHE D 217 -37.73 1.85 -1.79
N ALA D 218 -37.06 3.00 -1.85
CA ALA D 218 -37.07 3.88 -3.00
C ALA D 218 -36.00 3.48 -3.98
N LEU D 219 -36.10 4.02 -5.19
CA LEU D 219 -35.14 3.74 -6.27
C LEU D 219 -34.54 5.06 -6.74
N PRO D 220 -33.24 5.06 -7.10
CA PRO D 220 -32.70 6.33 -7.59
C PRO D 220 -33.32 6.70 -8.94
N LYS D 221 -33.55 8.01 -9.13
CA LYS D 221 -34.39 8.57 -10.20
C LYS D 221 -33.89 8.26 -11.60
N GLU D 222 -32.63 7.89 -11.70
CA GLU D 222 -31.97 7.63 -12.98
C GLU D 222 -32.28 6.20 -13.48
N LEU D 223 -33.02 5.43 -12.68
CA LEU D 223 -33.37 4.04 -13.04
C LEU D 223 -34.64 3.89 -13.87
N VAL D 224 -35.65 4.71 -13.59
CA VAL D 224 -36.96 4.59 -14.26
C VAL D 224 -36.92 4.74 -15.81
N ALA D 225 -35.78 5.17 -16.34
CA ALA D 225 -35.61 5.31 -17.79
C ALA D 225 -35.34 3.93 -18.42
N ASP D 226 -34.53 3.13 -17.73
CA ASP D 226 -34.04 1.84 -18.24
C ASP D 226 -34.72 0.65 -17.52
N PHE D 227 -35.64 0.00 -18.25
CA PHE D 227 -36.58 -0.96 -17.68
C PHE D 227 -35.93 -2.30 -17.32
N LYS D 228 -35.16 -2.87 -18.25
CA LYS D 228 -34.53 -4.16 -17.98
C LYS D 228 -33.65 -4.10 -16.72
N GLN D 229 -32.99 -2.97 -16.50
CA GLN D 229 -32.16 -2.79 -15.30
C GLN D 229 -33.00 -2.57 -14.03
N LEU D 230 -34.15 -1.91 -14.19
CA LEU D 230 -35.03 -1.54 -13.07
C LEU D 230 -35.49 -2.72 -12.24
N PHE D 231 -35.90 -3.78 -12.92
CA PHE D 231 -36.48 -4.92 -12.25
C PHE D 231 -35.38 -5.81 -11.72
N THR D 232 -34.25 -5.84 -12.41
CA THR D 232 -33.07 -6.44 -11.85
C THR D 232 -32.78 -5.80 -10.49
N THR D 233 -32.72 -4.47 -10.49
CA THR D 233 -32.49 -3.70 -9.27
C THR D 233 -33.53 -3.92 -8.18
N ILE D 234 -34.82 -3.86 -8.53
CA ILE D 234 -35.91 -4.11 -7.58
C ILE D 234 -35.79 -5.50 -6.94
N ALA D 235 -35.42 -6.50 -7.71
CA ALA D 235 -35.28 -7.87 -7.23
C ALA D 235 -34.31 -8.04 -6.07
N GLN D 236 -33.25 -7.23 -6.03
CA GLN D 236 -32.29 -7.20 -4.88
C GLN D 236 -32.88 -6.63 -3.60
N LEU D 237 -34.08 -6.08 -3.68
CA LEU D 237 -34.64 -5.41 -2.52
C LEU D 237 -35.47 -6.40 -1.72
N PRO D 238 -35.30 -6.38 -0.37
CA PRO D 238 -36.00 -7.24 0.55
C PRO D 238 -37.39 -6.69 0.83
N VAL D 239 -38.19 -6.53 -0.22
CA VAL D 239 -39.52 -5.94 -0.03
C VAL D 239 -40.59 -7.01 0.16
N GLY D 240 -41.42 -6.82 1.19
CA GLY D 240 -42.62 -7.62 1.41
C GLY D 240 -43.85 -7.19 0.59
N ILE D 241 -43.94 -5.91 0.26
CA ILE D 241 -45.09 -5.39 -0.47
C ILE D 241 -44.70 -4.59 -1.72
N TRP D 242 -45.44 -4.84 -2.79
CA TRP D 242 -45.34 -4.18 -4.08
C TRP D 242 -46.65 -3.39 -4.34
N THR D 243 -46.52 -2.07 -4.48
CA THR D 243 -47.67 -1.21 -4.72
C THR D 243 -47.38 -0.50 -6.03
N SER D 244 -48.19 -0.76 -7.04
CA SER D 244 -47.96 -0.16 -8.32
C SER D 244 -49.27 -0.11 -9.13
N THR D 245 -49.24 0.42 -10.34
CA THR D 245 -50.40 0.31 -11.19
C THR D 245 -50.36 -1.12 -11.80
N PRO D 246 -51.51 -1.66 -12.22
CA PRO D 246 -51.47 -2.95 -12.93
C PRO D 246 -50.50 -2.93 -14.10
N SER D 247 -50.45 -1.81 -14.84
CA SER D 247 -49.47 -1.66 -15.95
C SER D 247 -47.99 -1.81 -15.58
N PHE D 248 -47.61 -1.30 -14.40
CA PHE D 248 -46.24 -1.48 -13.94
C PHE D 248 -45.90 -2.94 -13.69
N ALA D 249 -46.87 -3.69 -13.17
CA ALA D 249 -46.70 -5.13 -13.02
C ALA D 249 -46.54 -5.82 -14.37
N ASP D 250 -47.29 -5.40 -15.38
CA ASP D 250 -47.18 -5.98 -16.73
C ASP D 250 -45.78 -5.84 -17.35
N MET D 251 -45.12 -4.73 -17.03
CA MET D 251 -43.77 -4.48 -17.47
C MET D 251 -42.80 -5.31 -16.61
N ALA D 252 -43.12 -5.49 -15.33
CA ALA D 252 -42.25 -6.33 -14.48
C ALA D 252 -42.23 -7.77 -14.98
N MET D 253 -43.30 -8.15 -15.66
CA MET D 253 -43.45 -9.52 -16.12
C MET D 253 -42.53 -9.82 -17.30
N LEU D 254 -41.97 -8.78 -17.94
CA LEU D 254 -41.02 -8.99 -19.05
C LEU D 254 -39.65 -9.47 -18.54
N SER D 255 -39.40 -9.26 -17.25
CA SER D 255 -38.15 -9.63 -16.63
C SER D 255 -38.28 -11.01 -15.95
N ASP D 256 -37.27 -11.87 -16.10
CA ASP D 256 -37.37 -13.14 -15.40
C ASP D 256 -36.75 -13.13 -14.01
N ASP D 257 -36.28 -11.95 -13.59
CA ASP D 257 -36.02 -11.67 -12.19
C ASP D 257 -37.32 -11.37 -11.40
N PHE D 258 -38.47 -11.26 -12.08
CA PHE D 258 -39.74 -10.98 -11.41
C PHE D 258 -40.44 -12.31 -11.14
N CYS D 259 -40.08 -12.94 -10.02
CA CYS D 259 -40.64 -14.24 -9.58
C CYS D 259 -40.19 -14.51 -8.16
N GLN D 260 -40.81 -15.53 -7.54
CA GLN D 260 -40.65 -15.86 -6.14
C GLN D 260 -39.23 -16.28 -5.80
N ALA D 261 -38.62 -17.09 -6.66
CA ALA D 261 -37.23 -17.53 -6.46
C ALA D 261 -36.28 -16.34 -6.31
N LYS D 262 -36.45 -15.35 -7.17
CA LYS D 262 -35.59 -14.17 -7.14
C LYS D 262 -36.07 -13.17 -6.10
N MET D 263 -37.37 -13.18 -5.78
CA MET D 263 -37.98 -12.21 -4.85
C MET D 263 -38.76 -12.87 -3.68
N PRO D 264 -38.05 -13.48 -2.73
CA PRO D 264 -38.69 -14.36 -1.69
C PRO D 264 -39.43 -13.68 -0.52
N ALA D 265 -38.99 -12.50 -0.09
CA ALA D 265 -39.76 -11.76 0.91
C ALA D 265 -41.16 -11.29 0.41
N LEU D 266 -41.34 -11.21 -0.92
CA LEU D 266 -42.54 -10.56 -1.50
C LEU D 266 -43.83 -11.35 -1.29
N THR D 267 -44.73 -10.81 -0.49
CA THR D 267 -45.92 -11.58 -0.17
C THR D 267 -47.24 -10.96 -0.69
N HIS D 268 -47.37 -9.64 -0.60
CA HIS D 268 -48.57 -8.90 -1.09
C HIS D 268 -48.31 -7.98 -2.31
N PHE D 269 -49.27 -7.92 -3.22
CA PHE D 269 -49.33 -6.86 -4.23
C PHE D 269 -50.58 -6.01 -4.03
N TYR D 270 -50.38 -4.70 -3.97
CA TYR D 270 -51.48 -3.76 -3.99
C TYR D 270 -51.57 -2.95 -5.30
N PHE D 271 -52.66 -3.08 -6.03
CA PHE D 271 -52.86 -2.41 -7.28
C PHE D 271 -53.97 -1.46 -7.12
N ASP D 272 -53.82 -0.31 -7.78
CA ASP D 272 -54.86 0.73 -7.81
C ASP D 272 -54.55 1.63 -9.02
N GLY D 273 -55.57 2.31 -9.52
CA GLY D 273 -55.36 3.35 -10.51
C GLY D 273 -55.96 3.08 -11.87
N GLU D 274 -56.01 1.80 -12.27
CA GLU D 274 -56.65 1.40 -13.54
C GLU D 274 -57.11 -0.05 -13.47
N GLU D 275 -57.95 -0.46 -14.41
CA GLU D 275 -58.39 -1.85 -14.46
C GLU D 275 -57.24 -2.86 -14.23
N LEU D 276 -57.46 -3.75 -13.27
CA LEU D 276 -56.60 -4.89 -13.08
C LEU D 276 -57.23 -6.00 -13.86
N THR D 277 -56.58 -6.30 -14.96
CA THR D 277 -56.98 -7.26 -15.98
C THR D 277 -56.93 -8.68 -15.44
N VAL D 278 -57.80 -9.55 -15.94
CA VAL D 278 -57.75 -10.98 -15.62
C VAL D 278 -56.38 -11.61 -15.91
N SER D 279 -55.89 -11.44 -17.14
CA SER D 279 -54.55 -11.97 -17.56
C SER D 279 -53.37 -11.59 -16.69
N THR D 280 -53.33 -10.33 -16.25
CA THR D 280 -52.29 -9.80 -15.38
C THR D 280 -52.24 -10.58 -14.07
N ALA D 281 -53.42 -10.75 -13.46
CA ALA D 281 -53.56 -11.53 -12.25
C ALA D 281 -53.11 -12.97 -12.44
N ARG D 282 -53.40 -13.52 -13.63
CA ARG D 282 -53.05 -14.90 -13.88
C ARG D 282 -51.53 -15.09 -14.01
N LYS D 283 -50.88 -14.23 -14.80
CA LYS D 283 -49.43 -14.29 -14.91
C LYS D 283 -48.81 -14.07 -13.54
N LEU D 284 -49.40 -13.19 -12.73
CA LEU D 284 -48.86 -12.91 -11.41
C LEU D 284 -48.83 -14.14 -10.48
N PHE D 285 -49.94 -14.87 -10.45
CA PHE D 285 -50.02 -16.11 -9.69
C PHE D 285 -49.06 -17.15 -10.26
N GLU D 286 -48.83 -17.13 -11.58
CA GLU D 286 -47.77 -17.98 -12.13
C GLU D 286 -46.38 -17.63 -11.55
N ARG D 287 -46.02 -16.35 -11.54
CA ARG D 287 -44.71 -15.93 -11.04
C ARG D 287 -44.63 -15.99 -9.51
N PHE D 288 -45.80 -15.93 -8.85
CA PHE D 288 -45.86 -15.80 -7.39
C PHE D 288 -47.04 -16.62 -6.83
N PRO D 289 -46.89 -17.94 -6.79
CA PRO D 289 -47.96 -18.84 -6.39
C PRO D 289 -48.62 -18.49 -5.05
N SER D 290 -47.82 -18.10 -4.06
CA SER D 290 -48.30 -17.87 -2.70
C SER D 290 -48.70 -16.43 -2.35
N ALA D 291 -48.62 -15.54 -3.33
CA ALA D 291 -48.80 -14.13 -3.04
C ALA D 291 -50.27 -13.71 -3.04
N LYS D 292 -50.63 -12.74 -2.21
CA LYS D 292 -51.97 -12.20 -2.22
C LYS D 292 -52.00 -11.01 -3.19
N ILE D 293 -53.14 -10.80 -3.82
CA ILE D 293 -53.32 -9.78 -4.84
C ILE D 293 -54.55 -9.01 -4.47
N ILE D 294 -54.40 -7.71 -4.28
CA ILE D 294 -55.49 -6.89 -3.85
C ILE D 294 -55.83 -5.91 -4.98
N ASN D 295 -57.09 -5.86 -5.38
CA ASN D 295 -57.53 -4.83 -6.29
C ASN D 295 -58.11 -3.70 -5.45
N ALA D 296 -57.69 -2.46 -5.72
CA ALA D 296 -58.29 -1.29 -5.06
C ALA D 296 -58.66 -0.23 -6.08
N TYR D 297 -59.79 0.42 -5.83
CA TYR D 297 -60.33 1.39 -6.72
C TYR D 297 -60.54 2.70 -6.00
N GLY D 298 -60.26 3.82 -6.66
CA GLY D 298 -60.66 5.11 -6.11
C GLY D 298 -60.11 6.28 -6.90
N PRO D 299 -60.82 7.41 -6.84
CA PRO D 299 -60.32 8.68 -7.38
C PRO D 299 -59.47 9.48 -6.37
N THR D 300 -58.46 10.22 -6.85
CA THR D 300 -57.71 11.12 -5.98
C THR D 300 -58.65 11.98 -5.12
N GLU D 301 -59.74 12.42 -5.71
CA GLU D 301 -60.73 13.26 -5.05
C GLU D 301 -61.30 12.66 -3.74
N ALA D 302 -60.96 11.42 -3.48
CA ALA D 302 -61.57 10.74 -2.36
C ALA D 302 -60.51 9.96 -1.58
N THR D 303 -59.29 10.48 -1.62
CA THR D 303 -58.15 9.94 -0.88
C THR D 303 -57.82 8.54 -1.31
N VAL D 304 -57.25 8.45 -2.52
CA VAL D 304 -56.53 7.26 -2.96
C VAL D 304 -57.39 6.05 -3.36
N ALA D 305 -58.15 5.49 -2.41
CA ALA D 305 -58.98 4.29 -2.69
C ALA D 305 -60.18 4.32 -1.82
N LEU D 306 -61.32 3.86 -2.31
CA LEU D 306 -62.56 3.84 -1.53
C LEU D 306 -63.11 2.44 -1.38
N SER D 307 -62.43 1.47 -1.97
CA SER D 307 -62.84 0.05 -1.88
C SER D 307 -61.68 -0.84 -2.27
N ALA D 308 -61.59 -2.01 -1.65
CA ALA D 308 -60.60 -3.02 -2.08
C ALA D 308 -61.17 -4.44 -2.02
N ILE D 309 -60.55 -5.38 -2.73
CA ILE D 309 -60.89 -6.78 -2.60
C ILE D 309 -59.70 -7.66 -2.92
N GLU D 310 -59.57 -8.78 -2.23
CA GLU D 310 -58.58 -9.79 -2.59
C GLU D 310 -59.00 -10.55 -3.84
N ILE D 311 -58.07 -10.68 -4.78
CA ILE D 311 -58.29 -11.42 -6.00
C ILE D 311 -57.86 -12.89 -5.86
N THR D 312 -58.81 -13.79 -6.05
CA THR D 312 -58.51 -15.22 -5.87
C THR D 312 -58.32 -15.97 -7.17
N ARG D 313 -57.77 -17.18 -7.06
CA ARG D 313 -57.73 -18.13 -8.17
C ARG D 313 -59.11 -18.32 -8.79
N GLU D 314 -60.12 -18.48 -7.96
CA GLU D 314 -61.46 -18.70 -8.46
C GLU D 314 -61.85 -17.59 -9.45
N MET D 315 -61.52 -16.34 -9.12
CA MET D 315 -61.89 -15.18 -9.95
C MET D 315 -61.20 -15.21 -11.31
N VAL D 316 -59.88 -15.37 -11.30
CA VAL D 316 -59.05 -15.45 -12.49
C VAL D 316 -59.57 -16.55 -13.43
N ASP D 317 -59.99 -17.67 -12.84
CA ASP D 317 -60.47 -18.82 -13.61
C ASP D 317 -61.80 -18.59 -14.33
N ASN D 318 -62.67 -17.78 -13.76
CA ASN D 318 -64.06 -17.74 -14.21
C ASN D 318 -64.64 -16.37 -14.63
N TYR D 319 -64.12 -15.28 -14.08
CA TYR D 319 -64.65 -13.95 -14.39
C TYR D 319 -64.11 -13.44 -15.71
N THR D 320 -64.81 -12.51 -16.30
CA THR D 320 -64.23 -11.89 -17.48
C THR D 320 -63.63 -10.56 -17.08
N ARG D 321 -64.12 -9.98 -15.99
CA ARG D 321 -63.57 -8.75 -15.42
C ARG D 321 -63.39 -8.86 -13.90
N LEU D 322 -62.27 -8.39 -13.36
CA LEU D 322 -62.09 -8.45 -11.90
C LEU D 322 -62.91 -7.38 -11.24
N PRO D 323 -63.52 -7.69 -10.08
CA PRO D 323 -64.31 -6.75 -9.30
C PRO D 323 -63.40 -5.69 -8.64
N ILE D 324 -64.00 -4.57 -8.20
CA ILE D 324 -63.22 -3.52 -7.59
C ILE D 324 -63.35 -3.36 -6.07
N GLY D 325 -64.21 -4.19 -5.43
CA GLY D 325 -64.13 -4.40 -4.00
C GLY D 325 -65.25 -3.92 -3.10
N TYR D 326 -65.11 -4.23 -1.82
CA TYR D 326 -66.03 -3.77 -0.79
C TYR D 326 -65.75 -2.32 -0.52
N PRO D 327 -66.77 -1.46 -0.57
CA PRO D 327 -66.52 -0.07 -0.16
C PRO D 327 -66.15 0.03 1.32
N LYS D 328 -65.50 1.11 1.70
CA LYS D 328 -65.12 1.25 3.09
C LYS D 328 -66.31 1.59 3.96
N PRO D 329 -66.40 0.92 5.14
CA PRO D 329 -67.46 1.17 6.13
C PRO D 329 -67.69 2.67 6.38
N ASP D 330 -66.65 3.49 6.58
CA ASP D 330 -66.93 4.94 6.85
C ASP D 330 -67.32 5.78 5.62
N SER D 331 -67.35 5.21 4.42
CA SER D 331 -67.63 6.00 3.22
C SER D 331 -68.69 5.37 2.34
N PRO D 332 -69.98 5.61 2.65
CA PRO D 332 -71.10 5.05 1.87
C PRO D 332 -71.00 5.38 0.38
N THR D 333 -71.19 4.35 -0.46
CA THR D 333 -70.97 4.50 -1.88
C THR D 333 -72.21 4.00 -2.59
N TYR D 334 -72.66 4.77 -3.58
CA TYR D 334 -73.91 4.43 -4.24
C TYR D 334 -73.74 4.42 -5.73
N ILE D 335 -74.65 3.71 -6.36
CA ILE D 335 -74.81 3.76 -7.79
C ILE D 335 -76.03 4.64 -8.07
N ILE D 336 -75.83 5.72 -8.82
CA ILE D 336 -76.95 6.57 -9.22
C ILE D 336 -77.14 6.68 -10.75
N ASP D 337 -78.40 6.88 -11.14
CA ASP D 337 -78.75 7.17 -12.52
C ASP D 337 -78.53 8.64 -12.90
N GLU D 338 -78.98 8.97 -14.11
CA GLU D 338 -78.78 10.28 -14.70
C GLU D 338 -79.49 11.40 -13.94
N ASP D 339 -80.56 11.05 -13.23
CA ASP D 339 -81.35 12.05 -12.54
C ASP D 339 -80.84 12.32 -11.12
N GLY D 340 -79.98 11.44 -10.61
CA GLY D 340 -79.45 11.59 -9.26
C GLY D 340 -80.11 10.62 -8.30
N LYS D 341 -80.85 9.65 -8.83
CA LYS D 341 -81.51 8.67 -8.02
C LYS D 341 -80.71 7.38 -7.83
N GLU D 342 -80.66 6.94 -6.58
CA GLU D 342 -79.99 5.74 -6.14
C GLU D 342 -80.59 4.53 -6.87
N LEU D 343 -79.79 3.61 -7.39
CA LEU D 343 -80.31 2.36 -7.98
C LEU D 343 -80.19 1.17 -7.04
N SER D 344 -80.84 0.06 -7.38
CA SER D 344 -80.79 -1.12 -6.55
C SER D 344 -80.02 -2.22 -7.24
N SER D 345 -79.57 -3.17 -6.43
CA SER D 345 -78.45 -4.06 -6.76
C SER D 345 -78.39 -4.47 -8.21
N GLY D 346 -77.22 -4.22 -8.79
CA GLY D 346 -76.82 -4.83 -10.04
C GLY D 346 -76.86 -3.78 -11.10
N GLU D 347 -77.89 -2.94 -11.09
CA GLU D 347 -78.09 -2.00 -12.20
C GLU D 347 -76.88 -1.11 -12.37
N GLN D 348 -76.51 -0.84 -13.61
CA GLN D 348 -75.38 0.04 -13.86
C GLN D 348 -75.74 1.53 -13.73
N GLY D 349 -74.81 2.34 -13.27
CA GLY D 349 -74.96 3.80 -13.19
C GLY D 349 -73.65 4.43 -12.73
N GLU D 350 -73.65 5.72 -12.37
CA GLU D 350 -72.46 6.33 -11.84
C GLU D 350 -72.13 5.93 -10.39
N ILE D 351 -70.85 5.61 -10.16
CA ILE D 351 -70.39 5.42 -8.80
C ILE D 351 -70.23 6.78 -8.21
N ILE D 352 -70.90 7.02 -7.10
CA ILE D 352 -70.61 8.23 -6.34
C ILE D 352 -70.27 7.86 -4.91
N VAL D 353 -69.50 8.71 -4.25
CA VAL D 353 -68.92 8.43 -2.95
C VAL D 353 -69.14 9.58 -1.97
N THR D 354 -69.41 9.21 -0.72
CA THR D 354 -69.73 10.18 0.33
C THR D 354 -68.84 9.96 1.54
N GLY D 355 -68.72 10.98 2.38
CA GLY D 355 -68.08 10.83 3.68
C GLY D 355 -66.77 11.57 3.95
N PRO D 356 -66.19 11.28 5.11
CA PRO D 356 -65.00 11.93 5.67
C PRO D 356 -63.79 11.90 4.72
N ALA D 357 -63.75 10.91 3.80
CA ALA D 357 -62.60 10.81 2.89
C ALA D 357 -62.67 11.75 1.67
N VAL D 358 -63.82 12.35 1.42
CA VAL D 358 -64.00 13.24 0.29
C VAL D 358 -63.36 14.61 0.49
N SER D 359 -62.67 15.06 -0.54
CA SER D 359 -61.97 16.33 -0.53
C SER D 359 -62.91 17.49 -0.36
N LYS D 360 -62.39 18.58 0.20
CA LYS D 360 -63.11 19.86 0.23
C LYS D 360 -63.27 20.48 -1.17
N GLY D 361 -62.45 20.05 -2.14
CA GLY D 361 -62.60 20.46 -3.54
C GLY D 361 -61.29 20.89 -4.20
N TYR D 362 -61.40 21.43 -5.42
CA TYR D 362 -60.23 21.88 -6.17
C TYR D 362 -59.77 23.30 -5.76
N LEU D 363 -58.47 23.45 -5.48
CA LEU D 363 -57.94 24.71 -4.99
C LEU D 363 -58.07 25.78 -6.03
N ASN D 364 -58.66 26.90 -5.62
CA ASN D 364 -58.85 28.04 -6.51
C ASN D 364 -59.52 27.67 -7.86
N ASN D 365 -60.49 26.74 -7.79
CA ASN D 365 -61.28 26.34 -8.96
C ASN D 365 -62.71 25.92 -8.59
N PRO D 366 -63.54 26.90 -8.14
CA PRO D 366 -64.87 26.57 -7.62
C PRO D 366 -65.89 26.22 -8.72
N GLU D 367 -65.61 26.57 -9.98
CA GLU D 367 -66.48 26.16 -11.10
C GLU D 367 -66.48 24.62 -11.22
N LYS D 368 -65.29 24.02 -11.36
CA LYS D 368 -65.15 22.56 -11.41
C LYS D 368 -65.58 21.87 -10.11
N THR D 369 -65.31 22.51 -8.97
CA THR D 369 -65.78 22.02 -7.67
C THR D 369 -67.29 21.93 -7.66
N ALA D 370 -67.95 22.92 -8.24
CA ALA D 370 -69.40 22.98 -8.21
C ALA D 370 -69.97 21.85 -9.06
N GLU D 371 -69.23 21.48 -10.10
CA GLU D 371 -69.64 20.40 -11.01
C GLU D 371 -69.46 19.00 -10.42
N ALA D 372 -68.38 18.78 -9.67
CA ALA D 372 -67.96 17.43 -9.23
C ALA D 372 -68.33 17.13 -7.78
N PHE D 373 -68.27 18.13 -6.91
CA PHE D 373 -68.73 17.98 -5.52
C PHE D 373 -70.16 18.49 -5.25
N PHE D 374 -70.87 17.72 -4.43
CA PHE D 374 -72.27 17.98 -4.18
C PHE D 374 -72.67 17.29 -2.87
N THR D 375 -73.96 17.31 -2.57
CA THR D 375 -74.46 16.83 -1.30
C THR D 375 -75.34 15.65 -1.66
N PHE D 376 -75.14 14.54 -0.96
CA PHE D 376 -75.97 13.38 -1.17
C PHE D 376 -76.56 12.94 0.15
N LYS D 377 -77.88 13.10 0.26
CA LYS D 377 -78.62 12.80 1.49
C LYS D 377 -77.79 13.07 2.76
N GLY D 378 -77.50 14.35 2.96
CA GLY D 378 -76.85 14.78 4.20
C GLY D 378 -75.35 14.85 4.26
N GLN D 379 -74.65 14.19 3.33
CA GLN D 379 -73.20 14.21 3.37
C GLN D 379 -72.52 14.74 2.09
N PRO D 380 -71.26 15.19 2.21
CA PRO D 380 -70.54 15.65 1.01
C PRO D 380 -70.20 14.49 0.07
N ALA D 381 -70.36 14.69 -1.24
CA ALA D 381 -70.27 13.56 -2.15
C ALA D 381 -69.52 13.94 -3.41
N TYR D 382 -69.10 12.94 -4.18
CA TYR D 382 -68.27 13.18 -5.35
C TYR D 382 -68.70 12.34 -6.54
N HIS D 383 -68.90 13.01 -7.68
CA HIS D 383 -69.13 12.36 -8.97
C HIS D 383 -67.80 11.88 -9.51
N THR D 384 -67.64 10.56 -9.57
CA THR D 384 -66.39 9.93 -10.03
C THR D 384 -66.21 9.87 -11.52
N GLY D 385 -67.30 9.94 -12.29
CA GLY D 385 -67.19 9.82 -13.73
C GLY D 385 -67.10 8.38 -14.21
N ASP D 386 -67.26 7.44 -13.28
CA ASP D 386 -67.15 5.99 -13.53
C ASP D 386 -68.51 5.35 -13.55
N ILE D 387 -68.76 4.53 -14.56
CA ILE D 387 -69.90 3.60 -14.57
C ILE D 387 -69.55 2.37 -13.77
N GLY D 388 -70.51 1.85 -13.00
CA GLY D 388 -70.30 0.62 -12.25
C GLY D 388 -71.59 0.13 -11.62
N SER D 389 -71.47 -0.82 -10.71
CA SER D 389 -72.61 -1.30 -9.99
C SER D 389 -72.22 -1.93 -8.66
N LEU D 390 -73.22 -2.21 -7.83
CA LEU D 390 -73.01 -2.84 -6.54
C LEU D 390 -73.75 -4.20 -6.46
N THR D 391 -73.04 -5.32 -6.28
CA THR D 391 -73.72 -6.63 -6.15
C THR D 391 -74.47 -6.81 -4.80
N GLU D 392 -75.27 -7.87 -4.70
CA GLU D 392 -75.97 -8.25 -3.46
C GLU D 392 -75.05 -8.23 -2.24
N ASP D 393 -73.90 -8.92 -2.37
CA ASP D 393 -72.90 -9.01 -1.28
C ASP D 393 -72.03 -7.78 -1.06
N ASN D 394 -72.50 -6.64 -1.57
CA ASN D 394 -71.86 -5.36 -1.33
C ASN D 394 -70.48 -5.25 -2.03
N ILE D 395 -70.35 -5.87 -3.20
CA ILE D 395 -69.10 -5.83 -3.99
C ILE D 395 -69.29 -4.86 -5.14
N LEU D 396 -68.33 -3.98 -5.28
CA LEU D 396 -68.42 -2.92 -6.25
C LEU D 396 -67.86 -3.47 -7.57
N LEU D 397 -68.57 -3.30 -8.69
CA LEU D 397 -68.06 -3.72 -10.00
C LEU D 397 -67.83 -2.49 -10.88
N TYR D 398 -66.79 -2.54 -11.74
CA TYR D 398 -66.40 -1.43 -12.61
C TYR D 398 -66.85 -1.71 -14.06
N GLY D 399 -67.50 -0.76 -14.70
CA GLY D 399 -67.85 -0.88 -16.12
C GLY D 399 -66.89 -0.10 -17.03
N GLY D 400 -66.61 1.14 -16.66
CA GLY D 400 -65.71 1.97 -17.37
C GLY D 400 -66.01 3.43 -17.18
N ARG D 401 -65.29 4.23 -17.94
CA ARG D 401 -65.38 5.66 -17.84
C ARG D 401 -66.66 6.20 -18.55
N LEU D 402 -67.34 7.16 -17.95
CA LEU D 402 -68.57 7.71 -18.53
C LEU D 402 -68.35 8.28 -19.96
N ASP D 403 -67.23 8.98 -20.15
CA ASP D 403 -66.84 9.47 -21.47
C ASP D 403 -66.57 8.35 -22.49
N PHE D 404 -66.25 7.15 -22.02
CA PHE D 404 -65.92 6.05 -22.93
C PHE D 404 -67.09 5.11 -23.17
N GLN D 405 -68.29 5.63 -22.90
CA GLN D 405 -69.55 4.99 -23.31
C GLN D 405 -70.01 5.69 -24.58
N ILE D 406 -70.11 4.93 -25.66
CA ILE D 406 -70.36 5.51 -26.98
C ILE D 406 -71.64 4.97 -27.59
N LYS D 407 -72.20 5.72 -28.54
CA LYS D 407 -73.35 5.26 -29.33
C LYS D 407 -72.82 4.63 -30.59
N TYR D 408 -73.06 3.33 -30.76
CA TYR D 408 -72.65 2.66 -32.01
C TYR D 408 -73.68 1.68 -32.52
N ALA D 409 -74.08 1.86 -33.78
CA ALA D 409 -75.18 1.09 -34.39
C ALA D 409 -76.39 1.07 -33.46
N GLY D 410 -76.73 2.25 -32.94
CA GLY D 410 -77.83 2.40 -32.01
C GLY D 410 -77.67 1.67 -30.69
N TYR D 411 -76.43 1.51 -30.21
CA TYR D 411 -76.18 0.96 -28.86
C TYR D 411 -75.40 1.90 -27.98
N ARG D 412 -75.64 1.83 -26.67
CA ARG D 412 -74.69 2.35 -25.70
C ARG D 412 -73.68 1.21 -25.50
N ILE D 413 -72.42 1.48 -25.84
CA ILE D 413 -71.35 0.48 -25.70
C ILE D 413 -70.21 1.08 -24.91
N GLU D 414 -69.71 0.31 -23.95
CA GLU D 414 -68.54 0.71 -23.15
C GLU D 414 -67.25 0.13 -23.74
N LEU D 415 -66.30 1.01 -24.07
CA LEU D 415 -65.05 0.59 -24.69
C LEU D 415 -64.31 -0.41 -23.87
N GLU D 416 -64.28 -0.18 -22.56
CA GLU D 416 -63.67 -1.08 -21.59
C GLU D 416 -64.19 -2.51 -21.74
N ASP D 417 -65.50 -2.68 -21.83
CA ASP D 417 -66.03 -4.00 -22.10
C ASP D 417 -65.42 -4.67 -23.33
N VAL D 418 -65.40 -3.96 -24.46
CA VAL D 418 -64.87 -4.54 -25.71
C VAL D 418 -63.41 -4.92 -25.50
N SER D 419 -62.64 -3.99 -24.93
CA SER D 419 -61.26 -4.24 -24.57
C SER D 419 -61.08 -5.55 -23.81
N GLN D 420 -61.86 -5.72 -22.74
CA GLN D 420 -61.66 -6.86 -21.85
C GLN D 420 -62.13 -8.14 -22.50
N GLN D 421 -63.23 -8.05 -23.26
CA GLN D 421 -63.64 -9.10 -24.22
C GLN D 421 -62.47 -9.64 -25.07
N LEU D 422 -61.78 -8.77 -25.80
CA LEU D 422 -60.65 -9.22 -26.61
C LEU D 422 -59.52 -9.76 -25.73
N ASN D 423 -59.27 -9.12 -24.59
CA ASN D 423 -58.24 -9.57 -23.62
C ASN D 423 -58.39 -11.01 -23.12
N GLN D 424 -59.56 -11.61 -23.35
CA GLN D 424 -59.86 -12.96 -22.94
C GLN D 424 -59.27 -13.99 -23.89
N SER D 425 -58.73 -13.52 -25.01
CA SER D 425 -58.29 -14.41 -26.06
C SER D 425 -56.90 -14.93 -25.80
N PRO D 426 -56.67 -16.24 -26.03
CA PRO D 426 -55.34 -16.76 -25.66
C PRO D 426 -54.21 -16.16 -26.49
N MET D 427 -54.51 -15.42 -27.53
CA MET D 427 -53.42 -14.89 -28.35
C MET D 427 -53.12 -13.42 -27.97
N VAL D 428 -54.02 -12.81 -27.20
CA VAL D 428 -53.91 -11.41 -26.82
C VAL D 428 -53.26 -11.18 -25.46
N ALA D 429 -52.17 -10.44 -25.46
CA ALA D 429 -51.50 -10.01 -24.26
C ALA D 429 -52.25 -8.84 -23.65
N SER D 430 -52.83 -8.01 -24.48
CA SER D 430 -53.39 -6.72 -24.04
C SER D 430 -54.06 -5.95 -25.20
N ALA D 431 -55.22 -5.36 -24.93
CA ALA D 431 -56.04 -4.76 -25.97
C ALA D 431 -56.72 -3.48 -25.55
N VAL D 432 -56.85 -2.53 -26.48
CA VAL D 432 -57.63 -1.32 -26.22
C VAL D 432 -58.55 -0.97 -27.39
N ALA D 433 -59.86 -1.18 -27.17
CA ALA D 433 -60.88 -0.81 -28.13
C ALA D 433 -60.95 0.71 -28.25
N VAL D 434 -61.18 1.19 -29.47
CA VAL D 434 -61.12 2.60 -29.73
C VAL D 434 -62.12 3.01 -30.85
N PRO D 435 -62.76 4.19 -30.71
CA PRO D 435 -63.77 4.65 -31.65
C PRO D 435 -63.19 5.56 -32.72
N ARG D 436 -63.44 5.25 -34.00
CA ARG D 436 -63.12 6.20 -35.07
C ARG D 436 -64.36 7.05 -35.37
N TYR D 437 -64.24 8.37 -35.17
CA TYR D 437 -65.33 9.30 -35.44
C TYR D 437 -65.33 9.79 -36.91
N ASN D 438 -66.48 10.27 -37.39
CA ASN D 438 -66.58 10.97 -38.70
C ASN D 438 -66.85 12.47 -38.48
N LYS D 439 -66.87 13.26 -39.57
CA LYS D 439 -67.08 14.72 -39.51
C LYS D 439 -68.27 15.12 -38.63
N GLU D 440 -69.37 14.41 -38.79
CA GLU D 440 -70.59 14.70 -38.05
C GLU D 440 -70.53 14.23 -36.57
N HIS D 441 -69.29 14.00 -36.08
CA HIS D 441 -69.00 13.38 -34.76
C HIS D 441 -69.89 12.18 -34.37
N LYS D 442 -70.03 11.24 -35.31
CA LYS D 442 -70.61 9.93 -35.02
C LYS D 442 -69.52 8.88 -35.06
N VAL D 443 -69.74 7.75 -34.39
CA VAL D 443 -68.79 6.63 -34.48
C VAL D 443 -68.99 5.84 -35.79
N GLN D 444 -68.06 6.03 -36.73
CA GLN D 444 -67.99 5.23 -37.97
C GLN D 444 -67.64 3.79 -37.65
N ASN D 445 -66.43 3.56 -37.12
CA ASN D 445 -65.94 2.21 -36.81
C ASN D 445 -65.33 1.97 -35.41
N LEU D 446 -65.39 0.72 -34.97
CA LEU D 446 -64.57 0.29 -33.85
C LEU D 446 -63.26 -0.25 -34.37
N LEU D 447 -62.16 0.22 -33.77
CA LEU D 447 -60.85 -0.39 -33.92
C LEU D 447 -60.29 -0.80 -32.54
N ALA D 448 -59.23 -1.59 -32.57
CA ALA D 448 -58.56 -2.02 -31.33
C ALA D 448 -57.05 -2.14 -31.56
N TYR D 449 -56.30 -1.65 -30.58
CA TYR D 449 -54.87 -1.85 -30.61
C TYR D 449 -54.62 -3.17 -29.98
N ILE D 450 -53.81 -4.03 -30.59
CA ILE D 450 -53.55 -5.37 -30.06
C ILE D 450 -52.07 -5.60 -29.87
N VAL D 451 -51.70 -6.03 -28.66
CA VAL D 451 -50.38 -6.60 -28.38
C VAL D 451 -50.58 -8.10 -28.24
N VAL D 452 -50.07 -8.87 -29.19
CA VAL D 452 -50.16 -10.32 -29.15
C VAL D 452 -49.18 -10.95 -28.13
N LYS D 453 -49.57 -12.09 -27.56
CA LYS D 453 -48.69 -12.84 -26.68
C LYS D 453 -47.42 -13.26 -27.42
N ASP D 454 -46.31 -13.33 -26.69
CA ASP D 454 -45.04 -13.83 -27.21
C ASP D 454 -45.23 -15.15 -27.95
N GLY D 455 -44.56 -15.28 -29.09
CA GLY D 455 -44.62 -16.50 -29.88
C GLY D 455 -45.85 -16.66 -30.76
N VAL D 456 -46.72 -15.66 -30.80
CA VAL D 456 -47.94 -15.82 -31.56
C VAL D 456 -47.78 -15.42 -33.03
N LYS D 457 -47.10 -14.31 -33.31
CA LYS D 457 -46.96 -13.87 -34.71
C LYS D 457 -46.18 -14.85 -35.59
N GLU D 458 -45.38 -15.71 -34.96
CA GLU D 458 -44.62 -16.74 -35.69
C GLU D 458 -45.53 -17.83 -36.26
N ARG D 459 -46.72 -17.98 -35.70
CA ARG D 459 -47.62 -19.06 -36.13
C ARG D 459 -48.40 -18.76 -37.40
N PHE D 460 -48.13 -17.59 -38.00
CA PHE D 460 -48.98 -17.05 -39.07
C PHE D 460 -48.18 -16.39 -40.18
N ASP D 461 -48.57 -16.65 -41.43
CA ASP D 461 -47.90 -16.03 -42.59
C ASP D 461 -48.43 -14.65 -42.99
N ARG D 462 -49.75 -14.44 -42.86
CA ARG D 462 -50.30 -13.09 -43.06
C ARG D 462 -51.08 -12.54 -41.89
N GLU D 463 -50.99 -11.22 -41.72
CA GLU D 463 -51.71 -10.53 -40.67
C GLU D 463 -53.23 -10.86 -40.70
N LEU D 464 -53.77 -11.12 -41.90
CA LEU D 464 -55.19 -11.42 -42.03
C LEU D 464 -55.57 -12.72 -41.35
N GLU D 465 -54.66 -13.68 -41.28
CA GLU D 465 -55.04 -14.98 -40.72
C GLU D 465 -54.91 -14.97 -39.19
N LEU D 466 -54.00 -14.14 -38.70
CA LEU D 466 -53.92 -13.81 -37.30
C LEU D 466 -55.16 -13.03 -36.82
N THR D 467 -55.50 -11.93 -37.50
CA THR D 467 -56.70 -11.18 -37.18
C THR D 467 -57.93 -12.12 -37.13
N LYS D 468 -58.16 -12.88 -38.20
CA LYS D 468 -59.28 -13.83 -38.22
C LYS D 468 -59.26 -14.79 -37.01
N ALA D 469 -58.10 -15.40 -36.77
CA ALA D 469 -57.94 -16.28 -35.62
C ALA D 469 -58.35 -15.62 -34.28
N ILE D 470 -57.81 -14.44 -33.98
CA ILE D 470 -58.18 -13.67 -32.79
C ILE D 470 -59.71 -13.48 -32.79
N LYS D 471 -60.25 -12.95 -33.87
CA LYS D 471 -61.68 -12.64 -33.89
C LYS D 471 -62.51 -13.87 -33.52
N ALA D 472 -62.16 -15.01 -34.11
CA ALA D 472 -62.92 -16.24 -33.92
C ALA D 472 -62.78 -16.71 -32.50
N SER D 473 -61.59 -16.57 -31.93
CA SER D 473 -61.33 -16.99 -30.55
C SER D 473 -62.19 -16.32 -29.47
N VAL D 474 -62.95 -15.29 -29.83
CA VAL D 474 -63.83 -14.59 -28.88
C VAL D 474 -65.26 -14.40 -29.39
N LYS D 475 -65.50 -14.87 -30.64
CA LYS D 475 -66.77 -14.72 -31.34
C LYS D 475 -67.94 -15.18 -30.47
N ASP D 476 -67.76 -16.30 -29.78
CA ASP D 476 -68.78 -16.87 -28.90
C ASP D 476 -69.23 -16.00 -27.73
N HIS D 477 -68.37 -15.14 -27.22
CA HIS D 477 -68.86 -14.21 -26.21
C HIS D 477 -69.11 -12.79 -26.69
N MET D 478 -68.44 -12.32 -27.73
CA MET D 478 -68.64 -10.92 -28.15
C MET D 478 -69.84 -10.72 -29.06
N MET D 479 -70.54 -9.63 -28.83
CA MET D 479 -71.59 -9.21 -29.73
C MET D 479 -70.94 -8.72 -31.00
N SER D 480 -71.58 -9.01 -32.13
CA SER D 480 -71.00 -8.69 -33.42
C SER D 480 -71.00 -7.20 -33.69
N TYR D 481 -71.85 -6.45 -32.98
CA TYR D 481 -71.82 -4.97 -33.04
C TYR D 481 -70.73 -4.36 -32.14
N MET D 482 -70.07 -5.22 -31.36
CA MET D 482 -68.95 -4.79 -30.52
C MET D 482 -67.61 -5.18 -31.13
N MET D 483 -67.62 -6.19 -32.02
CA MET D 483 -66.40 -6.68 -32.65
C MET D 483 -65.74 -5.59 -33.50
N PRO D 484 -64.53 -5.15 -33.12
CA PRO D 484 -63.85 -4.12 -33.90
C PRO D 484 -63.49 -4.66 -35.30
N SER D 485 -63.53 -3.79 -36.31
CA SER D 485 -63.29 -4.20 -37.69
C SER D 485 -61.81 -4.32 -38.03
N LYS D 486 -61.04 -3.39 -37.52
CA LYS D 486 -59.63 -3.35 -37.85
C LYS D 486 -58.81 -3.41 -36.57
N PHE D 487 -57.74 -4.21 -36.65
CA PHE D 487 -56.78 -4.33 -35.58
C PHE D 487 -55.52 -3.55 -35.88
N LEU D 488 -55.04 -2.78 -34.92
CA LEU D 488 -53.68 -2.22 -35.01
C LEU D 488 -52.69 -2.98 -34.11
N TYR D 489 -51.80 -3.74 -34.73
CA TYR D 489 -50.77 -4.48 -33.98
C TYR D 489 -49.66 -3.57 -33.46
N ARG D 490 -49.38 -3.66 -32.16
CA ARG D 490 -48.27 -2.95 -31.53
C ARG D 490 -47.43 -3.94 -30.69
N ASP D 491 -46.21 -3.53 -30.33
CA ASP D 491 -45.33 -4.37 -29.51
C ASP D 491 -45.56 -4.06 -28.05
N SER D 492 -45.99 -2.84 -27.79
CA SER D 492 -46.31 -2.40 -26.46
C SER D 492 -47.34 -1.27 -26.58
N LEU D 493 -47.93 -0.85 -25.46
CA LEU D 493 -48.86 0.30 -25.47
C LEU D 493 -48.24 1.44 -24.66
N PRO D 494 -48.51 2.69 -25.02
CA PRO D 494 -47.89 3.80 -24.26
C PRO D 494 -48.58 4.04 -22.91
N LEU D 495 -47.78 4.38 -21.90
CA LEU D 495 -48.30 4.70 -20.59
C LEU D 495 -48.26 6.22 -20.29
N THR D 496 -49.17 6.68 -19.43
CA THR D 496 -49.08 8.02 -18.89
C THR D 496 -47.81 8.13 -18.05
N PRO D 497 -47.46 9.36 -17.62
CA PRO D 497 -46.32 9.36 -16.70
C PRO D 497 -46.66 8.63 -15.41
N ASN D 498 -47.93 8.64 -14.99
CA ASN D 498 -48.34 7.90 -13.79
C ASN D 498 -48.46 6.36 -13.92
N GLY D 499 -48.03 5.79 -15.04
CA GLY D 499 -48.01 4.35 -15.17
C GLY D 499 -49.26 3.64 -15.68
N LYS D 500 -50.29 4.39 -16.07
CA LYS D 500 -51.51 3.84 -16.66
C LYS D 500 -51.45 3.79 -18.20
N ILE D 501 -52.11 2.80 -18.80
CA ILE D 501 -52.31 2.76 -20.23
C ILE D 501 -52.85 4.09 -20.73
N ASP D 502 -52.14 4.69 -21.70
CA ASP D 502 -52.49 6.03 -22.15
C ASP D 502 -53.66 6.05 -23.13
N ILE D 503 -54.87 5.77 -22.64
CA ILE D 503 -55.99 5.66 -23.53
C ILE D 503 -56.34 6.90 -24.39
N LYS D 504 -56.24 8.10 -23.81
CA LYS D 504 -56.50 9.36 -24.53
C LYS D 504 -55.65 9.47 -25.81
N THR D 505 -54.33 9.34 -25.65
CA THR D 505 -53.39 9.32 -26.78
C THR D 505 -53.81 8.31 -27.83
N LEU D 506 -54.17 7.12 -27.40
CA LEU D 506 -54.49 6.06 -28.35
C LEU D 506 -55.70 6.38 -29.19
N ILE D 507 -56.69 7.01 -28.59
CA ILE D 507 -57.91 7.37 -29.30
C ILE D 507 -57.54 8.53 -30.23
N ASN D 508 -56.70 9.45 -29.75
CA ASN D 508 -56.25 10.55 -30.56
C ASN D 508 -55.53 10.05 -31.78
N GLU D 509 -54.62 9.08 -31.63
CA GLU D 509 -53.83 8.64 -32.77
C GLU D 509 -54.68 8.26 -33.96
N VAL D 510 -55.91 7.83 -33.70
CA VAL D 510 -56.79 7.39 -34.76
C VAL D 510 -57.82 8.45 -35.21
N ASN D 511 -57.66 9.70 -34.78
CA ASN D 511 -58.70 10.73 -34.96
C ASN D 511 -58.25 12.14 -35.34
PG ATP E . 4.52 -0.11 -23.52
O1G ATP E . 5.06 1.30 -23.39
O2G ATP E . 5.29 -1.10 -22.68
O3G ATP E . 3.01 -0.20 -23.45
PB ATP E . 4.36 0.37 -26.30
O1B ATP E . 3.08 -0.24 -26.81
O2B ATP E . 5.61 0.51 -27.13
O3B ATP E . 4.83 -0.52 -25.05
PA ATP E . 2.68 2.69 -25.69
O1A ATP E . 3.01 4.14 -25.63
O2A ATP E . 1.83 2.10 -24.62
O3A ATP E . 4.08 1.88 -25.73
O5' ATP E . 1.99 2.32 -27.10
C5' ATP E . 1.07 3.19 -27.75
C4' ATP E . 0.44 2.38 -28.88
O4' ATP E . -0.67 1.61 -28.40
C3' ATP E . -0.11 3.19 -30.02
O3' ATP E . 0.92 3.31 -31.00
C2' ATP E . -1.18 2.30 -30.60
O2' ATP E . -0.55 1.34 -31.44
C1' ATP E . -1.69 1.53 -29.40
N9 ATP E . -2.94 2.08 -28.85
C8 ATP E . -3.01 2.93 -27.83
N7 ATP E . -4.31 3.23 -27.60
C5 ATP E . -5.08 2.57 -28.48
C6 ATP E . -6.50 2.42 -28.76
N6 ATP E . -7.44 3.09 -28.04
N1 ATP E . -6.89 1.62 -29.78
C2 ATP E . -6.00 0.98 -30.53
N3 ATP E . -4.68 1.06 -30.30
C4 ATP E . -4.16 1.83 -29.31
PG ATP F . 21.85 -29.89 -16.01
O1G ATP F . 20.94 -30.96 -16.57
O2G ATP F . 21.19 -28.54 -16.04
O3G ATP F . 22.55 -30.26 -14.73
PB ATP F . 23.51 -31.09 -17.96
O1B ATP F . 24.97 -30.89 -18.22
O2B ATP F . 22.53 -31.27 -19.08
O3B ATP F . 23.09 -29.86 -17.03
PA ATP F . 24.40 -33.17 -16.22
O1A ATP F . 24.09 -34.59 -16.60
O2A ATP F . 24.30 -32.63 -14.83
O3A ATP F . 23.30 -32.40 -17.09
O5' ATP F . 25.85 -32.72 -16.79
C5' ATP F . 26.81 -33.71 -17.13
C4' ATP F . 27.99 -33.04 -17.80
O4' ATP F . 28.66 -32.18 -16.86
C3' ATP F . 29.07 -34.03 -18.20
O3' ATP F . 28.78 -34.78 -19.38
C2' ATP F . 30.28 -33.14 -18.35
O2' ATP F . 30.26 -32.34 -19.56
C1' ATP F . 30.06 -32.20 -17.19
N9 ATP F . 30.80 -32.64 -16.00
C8 ATP F . 30.31 -33.31 -14.93
N7 ATP F . 31.28 -33.51 -14.00
C5 ATP F . 32.44 -33.01 -14.52
C6 ATP F . 33.83 -32.87 -14.07
N6 ATP F . 34.17 -33.39 -12.88
N1 ATP F . 34.73 -32.26 -14.89
C2 ATP F . 34.37 -31.77 -16.09
N3 ATP F . 33.09 -31.86 -16.56
C4 ATP F . 32.12 -32.45 -15.84
PG ATP G . 22.71 28.76 40.07
O1G ATP G . 22.91 27.26 40.14
O2G ATP G . 23.03 29.38 38.73
O3G ATP G . 21.37 29.25 40.58
PB ATP G . 24.27 30.89 41.04
O1B ATP G . 24.94 31.26 42.35
O2B ATP G . 23.15 31.74 40.45
O3B ATP G . 23.82 29.36 41.10
PA ATP G . 26.64 30.12 39.53
O1A ATP G . 27.38 30.87 38.47
O2A ATP G . 26.21 28.68 39.27
O3A ATP G . 25.35 31.03 39.84
O5' ATP G . 27.48 30.26 40.89
C5' ATP G . 28.85 30.64 40.92
C4' ATP G . 29.20 31.01 42.35
O4' ATP G . 29.26 29.82 43.17
C3' ATP G . 30.56 31.68 42.54
O3' ATP G . 30.50 33.10 42.43
C2' ATP G . 30.95 31.29 43.94
O2' ATP G . 30.25 32.07 44.89
C1' ATP G . 30.34 29.92 44.08
N9 ATP G . 31.36 28.89 43.80
C8 ATP G . 31.51 28.21 42.65
N7 ATP G . 32.51 27.31 42.75
C5 ATP G . 33.04 27.41 43.98
C6 ATP G . 34.10 26.75 44.73
N6 ATP G . 34.87 25.81 44.16
N1 ATP G . 34.30 27.14 46.02
C2 ATP G . 33.60 28.11 46.59
N3 ATP G . 32.59 28.73 45.96
C4 ATP G . 32.27 28.44 44.67
PG ATP H . -53.82 11.40 -12.95
O1G ATP H . -53.70 9.88 -12.93
O2G ATP H . -53.69 12.01 -11.56
O3G ATP H . -52.91 12.09 -13.96
PB ATP H . -56.56 10.79 -13.44
O1B ATP H . -56.22 9.39 -13.89
O2B ATP H . -57.61 11.51 -14.24
O3B ATP H . -55.31 11.78 -13.45
PA ATP H . -56.98 9.68 -10.77
O1A ATP H . -57.65 10.29 -9.59
O2A ATP H . -55.58 9.13 -10.64
O3A ATP H . -57.00 10.88 -11.88
O5' ATP H . -57.94 8.56 -11.42
C5' ATP H . -58.85 7.72 -10.72
C4' ATP H . -59.56 6.94 -11.82
O4' ATP H . -58.81 5.79 -12.26
C3' ATP H . -60.88 6.37 -11.40
O3' ATP H . -61.85 7.37 -11.59
C2' ATP H . -61.09 5.21 -12.34
O2' ATP H . -61.57 5.65 -13.61
C1' ATP H . -59.69 4.69 -12.55
N9 ATP H . -59.39 3.58 -11.62
C8 ATP H . -58.81 3.72 -10.40
N7 ATP H . -58.61 2.54 -9.77
C5 ATP H . -59.12 1.60 -10.58
C6 ATP H . -59.23 0.13 -10.52
N6 ATP H . -58.79 -0.52 -9.43
N1 ATP H . -59.81 -0.51 -11.55
C2 ATP H . -60.27 0.18 -12.62
N3 ATP H . -60.20 1.50 -12.75
C4 ATP H . -59.63 2.27 -11.79
#